data_6HBT
# 
_entry.id   6HBT 
# 
_audit_conform.dict_name       mmcif_pdbx.dic 
_audit_conform.dict_version    5.392 
_audit_conform.dict_location   http://mmcif.pdb.org/dictionaries/ascii/mmcif_pdbx.dic 
# 
loop_
_database_2.database_id 
_database_2.database_code 
_database_2.pdbx_database_accession 
_database_2.pdbx_DOI 
PDB   6HBT         pdb_00006hbt 10.2210/pdb6hbt/pdb 
WWPDB D_1200011437 ?            ?                   
# 
loop_
_pdbx_audit_revision_history.ordinal 
_pdbx_audit_revision_history.data_content_type 
_pdbx_audit_revision_history.major_revision 
_pdbx_audit_revision_history.minor_revision 
_pdbx_audit_revision_history.revision_date 
1 'Structure model' 1 0 2019-02-20 
2 'Structure model' 1 1 2019-02-27 
3 'Structure model' 1 2 2019-03-27 
4 'Structure model' 2 0 2019-04-03 
5 'Structure model' 2 1 2019-07-10 
6 'Structure model' 2 2 2024-05-15 
# 
_pdbx_audit_revision_details.ordinal             1 
_pdbx_audit_revision_details.revision_ordinal    1 
_pdbx_audit_revision_details.data_content_type   'Structure model' 
_pdbx_audit_revision_details.provider            repository 
_pdbx_audit_revision_details.type                'Initial release' 
_pdbx_audit_revision_details.description         ? 
_pdbx_audit_revision_details.details             ? 
# 
loop_
_pdbx_audit_revision_group.ordinal 
_pdbx_audit_revision_group.revision_ordinal 
_pdbx_audit_revision_group.data_content_type 
_pdbx_audit_revision_group.group 
1 2 'Structure model' 'Data collection'      
2 2 'Structure model' 'Derived calculations' 
3 3 'Structure model' 'Data collection'      
4 3 'Structure model' 'Database references'  
5 4 'Structure model' 'Atomic model'         
6 4 'Structure model' 'Data collection'      
7 5 'Structure model' 'Data collection'      
8 6 'Structure model' 'Data collection'      
9 6 'Structure model' 'Database references'  
# 
loop_
_pdbx_audit_revision_category.ordinal 
_pdbx_audit_revision_category.revision_ordinal 
_pdbx_audit_revision_category.data_content_type 
_pdbx_audit_revision_category.category 
1  2 'Structure model' diffrn_source             
2  2 'Structure model' pdbx_struct_assembly      
3  2 'Structure model' pdbx_struct_assembly_gen  
4  2 'Structure model' pdbx_struct_assembly_prop 
5  2 'Structure model' pdbx_struct_oper_list     
6  3 'Structure model' citation                  
7  3 'Structure model' citation_author           
8  3 'Structure model' pdbx_database_proc        
9  4 'Structure model' atom_site                 
10 5 'Structure model' diffrn_source             
11 6 'Structure model' chem_comp_atom            
12 6 'Structure model' chem_comp_bond            
13 6 'Structure model' database_2                
# 
loop_
_pdbx_audit_revision_item.ordinal 
_pdbx_audit_revision_item.revision_ordinal 
_pdbx_audit_revision_item.data_content_type 
_pdbx_audit_revision_item.item 
1  2 'Structure model' '_diffrn_source.pdbx_synchrotron_site'     
2  2 'Structure model' '_pdbx_struct_assembly.details'            
3  2 'Structure model' '_pdbx_struct_assembly.method_details'     
4  2 'Structure model' '_pdbx_struct_assembly.oligomeric_count'   
5  2 'Structure model' '_pdbx_struct_assembly.oligomeric_details' 
6  3 'Structure model' '_citation.journal_abbrev'                 
7  3 'Structure model' '_citation.journal_volume'                 
8  3 'Structure model' '_citation.page_first'                     
9  3 'Structure model' '_citation.page_last'                      
10 3 'Structure model' '_citation.title'                          
11 3 'Structure model' '_citation_author.identifier_ORCID'        
12 5 'Structure model' '_diffrn_source.pdbx_synchrotron_site'     
13 6 'Structure model' '_database_2.pdbx_DOI'                     
14 6 'Structure model' '_database_2.pdbx_database_accession'      
# 
_pdbx_database_status.status_code                     REL 
_pdbx_database_status.status_code_sf                  REL 
_pdbx_database_status.status_code_mr                  ? 
_pdbx_database_status.entry_id                        6HBT 
_pdbx_database_status.recvd_initial_deposition_date   2018-08-13 
_pdbx_database_status.SG_entry                        N 
_pdbx_database_status.deposit_site                    PDBE 
_pdbx_database_status.process_site                    PDBE 
_pdbx_database_status.status_code_cs                  ? 
_pdbx_database_status.methods_development_category    ? 
_pdbx_database_status.pdb_format_compatible           Y 
_pdbx_database_status.status_code_nmr_data            ? 
# 
loop_
_audit_author.name 
_audit_author.pdbx_ordinal 
_audit_author.identifier_ORCID 
'Huang, L.'      1 ? 
'Lilley, D.M.J.' 2 ? 
# 
_citation.abstract                  ? 
_citation.abstract_id_CAS           ? 
_citation.book_id_ISBN              ? 
_citation.book_publisher            ? 
_citation.book_publisher_city       ? 
_citation.book_title                ? 
_citation.coordinate_linkage        ? 
_citation.country                   UK 
_citation.database_id_Medline       ? 
_citation.details                   ? 
_citation.id                        primary 
_citation.journal_abbrev            Rna 
_citation.journal_id_ASTM           RNARFU 
_citation.journal_id_CSD            2122 
_citation.journal_id_ISSN           1469-9001 
_citation.journal_full              ? 
_citation.journal_issue             ? 
_citation.journal_volume            25 
_citation.language                  ? 
_citation.page_first                423 
_citation.page_last                 430 
_citation.title                     'Structure-guided design of a high-affinity ligand for a riboswitch.' 
_citation.year                      2019 
_citation.database_id_CSD           ? 
_citation.pdbx_database_id_DOI      10.1261/rna.069567.118 
_citation.pdbx_database_id_PubMed   30609994 
_citation.unpublished_flag          ? 
# 
loop_
_citation_author.citation_id 
_citation_author.name 
_citation_author.ordinal 
_citation_author.identifier_ORCID 
primary 'Huang, L.'      1 ? 
primary 'Wang, J.'       2 ? 
primary 'Wilson, T.J.'   3 ? 
primary 'Lilley, D.M.J.' 4 ? 
# 
loop_
_entity.id 
_entity.type 
_entity.src_method 
_entity.pdbx_description 
_entity.formula_weight 
_entity.pdbx_number_of_molecules 
_entity.pdbx_ec 
_entity.pdbx_mutation 
_entity.pdbx_fragment 
_entity.details 
1 polymer     syn 
;RNA (5'-R(*GP*GP*UP*GP*GP*GP*GP*AP*CP*GP*AP*CP*CP*CP*CP*AP*(CBV)P*C)-3')
;
5880.434 1  ? ? ? ? 
2 non-polymer syn 'SULFATE ION'                                                              96.063   2  ? ? ? ? 
3 non-polymer syn '1-(4-carbamimidamidobutyl)guanidine'                                      172.231  1  ? ? ? ? 
4 water       nat water                                                                      18.015   40 ? ? ? ? 
# 
_entity_poly.entity_id                      1 
_entity_poly.type                           polyribonucleotide 
_entity_poly.nstd_linkage                   no 
_entity_poly.nstd_monomer                   yes 
_entity_poly.pdbx_seq_one_letter_code       'GGUGGGGACGACCCCA(CBV)C' 
_entity_poly.pdbx_seq_one_letter_code_can   GGUGGGGACGACCCCACC 
_entity_poly.pdbx_strand_id                 A 
_entity_poly.pdbx_target_identifier         ? 
# 
loop_
_pdbx_entity_nonpoly.entity_id 
_pdbx_entity_nonpoly.name 
_pdbx_entity_nonpoly.comp_id 
2 'SULFATE ION'                         SO4 
3 '1-(4-carbamimidamidobutyl)guanidine' FXQ 
4 water                                 HOH 
# 
loop_
_entity_poly_seq.entity_id 
_entity_poly_seq.num 
_entity_poly_seq.mon_id 
_entity_poly_seq.hetero 
1 1  G   n 
1 2  G   n 
1 3  U   n 
1 4  G   n 
1 5  G   n 
1 6  G   n 
1 7  G   n 
1 8  A   n 
1 9  C   n 
1 10 G   n 
1 11 A   n 
1 12 C   n 
1 13 C   n 
1 14 C   n 
1 15 C   n 
1 16 A   n 
1 17 CBV n 
1 18 C   n 
# 
_pdbx_entity_src_syn.entity_id              1 
_pdbx_entity_src_syn.pdbx_src_id            1 
_pdbx_entity_src_syn.pdbx_alt_source_flag   sample 
_pdbx_entity_src_syn.pdbx_beg_seq_num       1 
_pdbx_entity_src_syn.pdbx_end_seq_num       18 
_pdbx_entity_src_syn.organism_scientific    'Gloeobacter violaceus' 
_pdbx_entity_src_syn.organism_common_name   ? 
_pdbx_entity_src_syn.ncbi_taxonomy_id       33072 
_pdbx_entity_src_syn.details                ? 
# 
loop_
_chem_comp.id 
_chem_comp.type 
_chem_comp.mon_nstd_flag 
_chem_comp.name 
_chem_comp.pdbx_synonyms 
_chem_comp.formula 
_chem_comp.formula_weight 
A   'RNA linking' y "ADENOSINE-5'-MONOPHOSPHATE"                ? 'C10 H14 N5 O7 P'   347.221 
C   'RNA linking' y "CYTIDINE-5'-MONOPHOSPHATE"                 ? 'C9 H14 N3 O8 P'    323.197 
CBV 'RNA linking' n 
;5-BROMOCYTIDINE 5'-(DIHYDROGEN PHOSPHATE)
;
? 'C9 H13 Br N3 O8 P' 402.093 
FXQ non-polymer   . '1-(4-carbamimidamidobutyl)guanidine'       ? 'C6 H16 N6'         172.231 
G   'RNA linking' y "GUANOSINE-5'-MONOPHOSPHATE"                ? 'C10 H14 N5 O8 P'   363.221 
HOH non-polymer   . WATER                                       ? 'H2 O'              18.015  
SO4 non-polymer   . 'SULFATE ION'                               ? 'O4 S -2'           96.063  
U   'RNA linking' y "URIDINE-5'-MONOPHOSPHATE"                  ? 'C9 H13 N2 O9 P'    324.181 
# 
loop_
_pdbx_poly_seq_scheme.asym_id 
_pdbx_poly_seq_scheme.entity_id 
_pdbx_poly_seq_scheme.seq_id 
_pdbx_poly_seq_scheme.mon_id 
_pdbx_poly_seq_scheme.ndb_seq_num 
_pdbx_poly_seq_scheme.pdb_seq_num 
_pdbx_poly_seq_scheme.auth_seq_num 
_pdbx_poly_seq_scheme.pdb_mon_id 
_pdbx_poly_seq_scheme.auth_mon_id 
_pdbx_poly_seq_scheme.pdb_strand_id 
_pdbx_poly_seq_scheme.pdb_ins_code 
_pdbx_poly_seq_scheme.hetero 
A 1 1  G   1  1  1  G   G   A . n 
A 1 2  G   2  2  2  G   G   A . n 
A 1 3  U   3  3  3  U   U   A . n 
A 1 4  G   4  4  4  G   G   A . n 
A 1 5  G   5  5  5  G   G   A . n 
A 1 6  G   6  6  6  G   G   A . n 
A 1 7  G   7  7  7  G   G   A . n 
A 1 8  A   8  8  8  A   A   A . n 
A 1 9  C   9  9  9  C   C   A . n 
A 1 10 G   10 10 10 G   G   A . n 
A 1 11 A   11 11 11 A   A   A . n 
A 1 12 C   12 12 12 C   C   A . n 
A 1 13 C   13 13 13 C   C   A . n 
A 1 14 C   14 14 14 C   C   A . n 
A 1 15 C   15 15 15 C   C   A . n 
A 1 16 A   16 16 16 A   A   A . n 
A 1 17 CBV 17 17 17 CBV CBV A . n 
A 1 18 C   18 18 18 C   C   A . n 
# 
loop_
_pdbx_nonpoly_scheme.asym_id 
_pdbx_nonpoly_scheme.entity_id 
_pdbx_nonpoly_scheme.mon_id 
_pdbx_nonpoly_scheme.ndb_seq_num 
_pdbx_nonpoly_scheme.pdb_seq_num 
_pdbx_nonpoly_scheme.auth_seq_num 
_pdbx_nonpoly_scheme.pdb_mon_id 
_pdbx_nonpoly_scheme.auth_mon_id 
_pdbx_nonpoly_scheme.pdb_strand_id 
_pdbx_nonpoly_scheme.pdb_ins_code 
B 2 SO4 1  101 1  SO4 SO4 A . 
C 2 SO4 1  102 2  SO4 SO4 A . 
D 3 FXQ 1  103 1  FXQ DRG A . 
E 4 HOH 1  201 20 HOH HOH A . 
E 4 HOH 2  202 33 HOH HOH A . 
E 4 HOH 3  203 8  HOH HOH A . 
E 4 HOH 4  204 24 HOH HOH A . 
E 4 HOH 5  205 10 HOH HOH A . 
E 4 HOH 6  206 17 HOH HOH A . 
E 4 HOH 7  207 7  HOH HOH A . 
E 4 HOH 8  208 32 HOH HOH A . 
E 4 HOH 9  209 3  HOH HOH A . 
E 4 HOH 10 210 40 HOH HOH A . 
E 4 HOH 11 211 5  HOH HOH A . 
E 4 HOH 12 212 35 HOH HOH A . 
E 4 HOH 13 213 6  HOH HOH A . 
E 4 HOH 14 214 25 HOH HOH A . 
E 4 HOH 15 215 16 HOH HOH A . 
E 4 HOH 16 216 26 HOH HOH A . 
E 4 HOH 17 217 2  HOH HOH A . 
E 4 HOH 18 218 14 HOH HOH A . 
E 4 HOH 19 219 4  HOH HOH A . 
E 4 HOH 20 220 19 HOH HOH A . 
E 4 HOH 21 221 38 HOH HOH A . 
E 4 HOH 22 222 1  HOH HOH A . 
E 4 HOH 23 223 13 HOH HOH A . 
E 4 HOH 24 224 34 HOH HOH A . 
E 4 HOH 25 225 22 HOH HOH A . 
E 4 HOH 26 226 15 HOH HOH A . 
E 4 HOH 27 227 29 HOH HOH A . 
E 4 HOH 28 228 21 HOH HOH A . 
E 4 HOH 29 229 11 HOH HOH A . 
E 4 HOH 30 230 28 HOH HOH A . 
E 4 HOH 31 231 37 HOH HOH A . 
E 4 HOH 32 232 9  HOH HOH A . 
E 4 HOH 33 233 31 HOH HOH A . 
E 4 HOH 34 234 27 HOH HOH A . 
E 4 HOH 35 235 39 HOH HOH A . 
E 4 HOH 36 236 12 HOH HOH A . 
E 4 HOH 37 237 36 HOH HOH A . 
E 4 HOH 38 238 18 HOH HOH A . 
E 4 HOH 39 239 23 HOH HOH A . 
E 4 HOH 40 240 30 HOH HOH A . 
# 
loop_
_software.citation_id 
_software.classification 
_software.compiler_name 
_software.compiler_version 
_software.contact_author 
_software.contact_author_email 
_software.date 
_software.description 
_software.dependencies 
_software.hardware 
_software.language 
_software.location 
_software.mods 
_software.name 
_software.os 
_software.os_version 
_software.type 
_software.version 
_software.pdbx_ordinal 
? refinement       ? ? ? ? ? ? ? ? ? ? ? PHENIX  ? ? ? '(1.14_3228: ???)' 1 
? 'data reduction' ? ? ? ? ? ? ? ? ? ? ? xia2    ? ? ? .                  2 
? 'data scaling'   ? ? ? ? ? ? ? ? ? ? ? Aimless ? ? ? .                  3 
? phasing          ? ? ? ? ? ? ? ? ? ? ? PHENIX  ? ? ? .                  4 
# 
_cell.angle_alpha                  90.00 
_cell.angle_alpha_esd              ? 
_cell.angle_beta                   90.00 
_cell.angle_beta_esd               ? 
_cell.angle_gamma                  120.00 
_cell.angle_gamma_esd              ? 
_cell.entry_id                     6HBT 
_cell.details                      ? 
_cell.formula_units_Z              ? 
_cell.length_a                     55.460 
_cell.length_a_esd                 ? 
_cell.length_b                     55.460 
_cell.length_b_esd                 ? 
_cell.length_c                     135.040 
_cell.length_c_esd                 ? 
_cell.volume                       ? 
_cell.volume_esd                   ? 
_cell.Z_PDB                        18 
_cell.reciprocal_angle_alpha       ? 
_cell.reciprocal_angle_beta        ? 
_cell.reciprocal_angle_gamma       ? 
_cell.reciprocal_angle_alpha_esd   ? 
_cell.reciprocal_angle_beta_esd    ? 
_cell.reciprocal_angle_gamma_esd   ? 
_cell.reciprocal_length_a          ? 
_cell.reciprocal_length_b          ? 
_cell.reciprocal_length_c          ? 
_cell.reciprocal_length_a_esd      ? 
_cell.reciprocal_length_b_esd      ? 
_cell.reciprocal_length_c_esd      ? 
_cell.pdbx_unique_axis             ? 
# 
_symmetry.entry_id                         6HBT 
_symmetry.cell_setting                     ? 
_symmetry.Int_Tables_number                155 
_symmetry.space_group_name_Hall            ? 
_symmetry.space_group_name_H-M             'H 3 2' 
_symmetry.pdbx_full_space_group_name_H-M   ? 
# 
_exptl.absorpt_coefficient_mu     ? 
_exptl.absorpt_correction_T_max   ? 
_exptl.absorpt_correction_T_min   ? 
_exptl.absorpt_correction_type    ? 
_exptl.absorpt_process_details    ? 
_exptl.entry_id                   6HBT 
_exptl.crystals_number            1 
_exptl.details                    ? 
_exptl.method                     'X-RAY DIFFRACTION' 
_exptl.method_details             ? 
# 
_exptl_crystal.colour                      ? 
_exptl_crystal.density_diffrn              ? 
_exptl_crystal.density_Matthews            3.40 
_exptl_crystal.density_method              ? 
_exptl_crystal.density_percent_sol         63.81 
_exptl_crystal.description                 ? 
_exptl_crystal.F_000                       ? 
_exptl_crystal.id                          1 
_exptl_crystal.preparation                 ? 
_exptl_crystal.size_max                    ? 
_exptl_crystal.size_mid                    ? 
_exptl_crystal.size_min                    ? 
_exptl_crystal.size_rad                    ? 
_exptl_crystal.colour_lustre               ? 
_exptl_crystal.colour_modifier             ? 
_exptl_crystal.colour_primary              ? 
_exptl_crystal.density_meas                ? 
_exptl_crystal.density_meas_esd            ? 
_exptl_crystal.density_meas_gt             ? 
_exptl_crystal.density_meas_lt             ? 
_exptl_crystal.density_meas_temp           ? 
_exptl_crystal.density_meas_temp_esd       ? 
_exptl_crystal.density_meas_temp_gt        ? 
_exptl_crystal.density_meas_temp_lt        ? 
_exptl_crystal.pdbx_crystal_image_url      ? 
_exptl_crystal.pdbx_crystal_image_format   ? 
_exptl_crystal.pdbx_mosaicity              ? 
_exptl_crystal.pdbx_mosaicity_esd          ? 
# 
_exptl_crystal_grow.apparatus       ? 
_exptl_crystal_grow.atmosphere      ? 
_exptl_crystal_grow.crystal_id      1 
_exptl_crystal_grow.details         ? 
_exptl_crystal_grow.method          'VAPOR DIFFUSION, HANGING DROP' 
_exptl_crystal_grow.method_ref      ? 
_exptl_crystal_grow.pH              5.6 
_exptl_crystal_grow.pressure        ? 
_exptl_crystal_grow.pressure_esd    ? 
_exptl_crystal_grow.seeding         ? 
_exptl_crystal_grow.seeding_ref     ? 
_exptl_crystal_grow.temp            293 
_exptl_crystal_grow.temp_details    ? 
_exptl_crystal_grow.temp_esd        ? 
_exptl_crystal_grow.time            ? 
_exptl_crystal_grow.pdbx_details    
;0.01 M Magnesium Acetate, 
0.05 M MES pH 5.6,  
2.5 M Ammonium Sulfate
;
_exptl_crystal_grow.pdbx_pH_range   ? 
# 
_diffrn.ambient_environment              ? 
_diffrn.ambient_temp                     100 
_diffrn.ambient_temp_details             ? 
_diffrn.ambient_temp_esd                 ? 
_diffrn.crystal_id                       1 
_diffrn.crystal_support                  ? 
_diffrn.crystal_treatment                ? 
_diffrn.details                          ? 
_diffrn.id                               1 
_diffrn.ambient_pressure                 ? 
_diffrn.ambient_pressure_esd             ? 
_diffrn.ambient_pressure_gt              ? 
_diffrn.ambient_pressure_lt              ? 
_diffrn.ambient_temp_gt                  ? 
_diffrn.ambient_temp_lt                  ? 
_diffrn.pdbx_serial_crystal_experiment   ? 
# 
_diffrn_detector.details                      ? 
_diffrn_detector.detector                     PIXEL 
_diffrn_detector.diffrn_id                    1 
_diffrn_detector.type                         'DECTRIS PILATUS 6M-F' 
_diffrn_detector.area_resol_mean              ? 
_diffrn_detector.dtime                        ? 
_diffrn_detector.pdbx_frames_total            ? 
_diffrn_detector.pdbx_collection_time_total   ? 
_diffrn_detector.pdbx_collection_date         2017-10-05 
_diffrn_detector.pdbx_frequency               ? 
# 
_diffrn_radiation.collimation                      ? 
_diffrn_radiation.diffrn_id                        1 
_diffrn_radiation.filter_edge                      ? 
_diffrn_radiation.inhomogeneity                    ? 
_diffrn_radiation.monochromator                    ? 
_diffrn_radiation.polarisn_norm                    ? 
_diffrn_radiation.polarisn_ratio                   ? 
_diffrn_radiation.probe                            ? 
_diffrn_radiation.type                             ? 
_diffrn_radiation.xray_symbol                      ? 
_diffrn_radiation.wavelength_id                    1 
_diffrn_radiation.pdbx_monochromatic_or_laue_m_l   M 
_diffrn_radiation.pdbx_wavelength_list             ? 
_diffrn_radiation.pdbx_wavelength                  ? 
_diffrn_radiation.pdbx_diffrn_protocol             'SINGLE WAVELENGTH' 
_diffrn_radiation.pdbx_analyzer                    ? 
_diffrn_radiation.pdbx_scattering_type             x-ray 
# 
_diffrn_radiation_wavelength.id           1 
_diffrn_radiation_wavelength.wavelength   0.9197 
_diffrn_radiation_wavelength.wt           1.0 
# 
_diffrn_source.current                     ? 
_diffrn_source.details                     ? 
_diffrn_source.diffrn_id                   1 
_diffrn_source.power                       ? 
_diffrn_source.size                        ? 
_diffrn_source.source                      SYNCHROTRON 
_diffrn_source.target                      ? 
_diffrn_source.type                        'DIAMOND BEAMLINE I04' 
_diffrn_source.voltage                     ? 
_diffrn_source.take-off_angle              ? 
_diffrn_source.pdbx_wavelength_list        0.9197 
_diffrn_source.pdbx_wavelength             ? 
_diffrn_source.pdbx_synchrotron_beamline   I04 
_diffrn_source.pdbx_synchrotron_site       Diamond 
# 
_reflns.B_iso_Wilson_estimate            ? 
_reflns.entry_id                         6HBT 
_reflns.data_reduction_details           ? 
_reflns.data_reduction_method            ? 
_reflns.d_resolution_high                1.660 
_reflns.d_resolution_low                 27.730 
_reflns.details                          ? 
_reflns.limit_h_max                      ? 
_reflns.limit_h_min                      ? 
_reflns.limit_k_max                      ? 
_reflns.limit_k_min                      ? 
_reflns.limit_l_max                      ? 
_reflns.limit_l_min                      ? 
_reflns.number_all                       ? 
_reflns.number_obs                       17902 
_reflns.observed_criterion               ? 
_reflns.observed_criterion_F_max         ? 
_reflns.observed_criterion_F_min         ? 
_reflns.observed_criterion_I_max         ? 
_reflns.observed_criterion_I_min         ? 
_reflns.observed_criterion_sigma_F       ? 
_reflns.observed_criterion_sigma_I       1.3 
_reflns.percent_possible_obs             98.88 
_reflns.R_free_details                   ? 
_reflns.Rmerge_F_all                     ? 
_reflns.Rmerge_F_obs                     ? 
_reflns.Friedel_coverage                 ? 
_reflns.number_gt                        ? 
_reflns.threshold_expression             ? 
_reflns.pdbx_redundancy                  4.79 
_reflns.pdbx_Rmerge_I_obs                0.056 
_reflns.pdbx_Rmerge_I_all                ? 
_reflns.pdbx_Rsym_value                  ? 
_reflns.pdbx_netI_over_av_sigmaI         ? 
_reflns.pdbx_netI_over_sigmaI            19.6 
_reflns.pdbx_res_netI_over_av_sigmaI_2   ? 
_reflns.pdbx_res_netI_over_sigmaI_2      ? 
_reflns.pdbx_chi_squared                 ? 
_reflns.pdbx_scaling_rejects             ? 
_reflns.pdbx_d_res_high_opt              ? 
_reflns.pdbx_d_res_low_opt               ? 
_reflns.pdbx_d_res_opt_method            ? 
_reflns.phase_calculation_details        ? 
_reflns.pdbx_Rrim_I_all                  ? 
_reflns.pdbx_Rpim_I_all                  0.028 
_reflns.pdbx_d_opt                       ? 
_reflns.pdbx_number_measured_all         ? 
_reflns.pdbx_diffrn_id                   1 
_reflns.pdbx_ordinal                     1 
_reflns.pdbx_CC_half                     0.999 
_reflns.pdbx_R_split                     ? 
# 
_reflns_shell.d_res_high                  1.66 
_reflns_shell.d_res_low                   1.69 
_reflns_shell.meanI_over_sigI_all         ? 
_reflns_shell.meanI_over_sigI_obs         1.3 
_reflns_shell.number_measured_all         ? 
_reflns_shell.number_measured_obs         ? 
_reflns_shell.number_possible             ? 
_reflns_shell.number_unique_all           ? 
_reflns_shell.number_unique_obs           463 
_reflns_shell.percent_possible_all        97.06 
_reflns_shell.percent_possible_obs        ? 
_reflns_shell.Rmerge_F_all                ? 
_reflns_shell.Rmerge_F_obs                ? 
_reflns_shell.Rmerge_I_all                ? 
_reflns_shell.Rmerge_I_obs                1.316 
_reflns_shell.meanI_over_sigI_gt          ? 
_reflns_shell.meanI_over_uI_all           ? 
_reflns_shell.meanI_over_uI_gt            ? 
_reflns_shell.number_measured_gt          ? 
_reflns_shell.number_unique_gt            ? 
_reflns_shell.percent_possible_gt         ? 
_reflns_shell.Rmerge_F_gt                 ? 
_reflns_shell.Rmerge_I_gt                 ? 
_reflns_shell.pdbx_redundancy             5.0 
_reflns_shell.pdbx_Rsym_value             ? 
_reflns_shell.pdbx_chi_squared            ? 
_reflns_shell.pdbx_netI_over_sigmaI_all   ? 
_reflns_shell.pdbx_netI_over_sigmaI_obs   ? 
_reflns_shell.pdbx_Rrim_I_all             ? 
_reflns_shell.pdbx_Rpim_I_all             0.647 
_reflns_shell.pdbx_rejects                ? 
_reflns_shell.pdbx_ordinal                1 
_reflns_shell.pdbx_diffrn_id              1 
_reflns_shell.pdbx_CC_half                0.571 
_reflns_shell.pdbx_R_split                ? 
# 
_refine.aniso_B[1][1]                            ? 
_refine.aniso_B[1][2]                            ? 
_refine.aniso_B[1][3]                            ? 
_refine.aniso_B[2][2]                            ? 
_refine.aniso_B[2][3]                            ? 
_refine.aniso_B[3][3]                            ? 
_refine.B_iso_max                                ? 
_refine.B_iso_mean                               ? 
_refine.B_iso_min                                ? 
_refine.correlation_coeff_Fo_to_Fc               ? 
_refine.correlation_coeff_Fo_to_Fc_free          ? 
_refine.details                                  ? 
_refine.diff_density_max                         ? 
_refine.diff_density_max_esd                     ? 
_refine.diff_density_min                         ? 
_refine.diff_density_min_esd                     ? 
_refine.diff_density_rms                         ? 
_refine.diff_density_rms_esd                     ? 
_refine.entry_id                                 6HBT 
_refine.pdbx_refine_id                           'X-RAY DIFFRACTION' 
_refine.ls_abs_structure_details                 ? 
_refine.ls_abs_structure_Flack                   ? 
_refine.ls_abs_structure_Flack_esd               ? 
_refine.ls_abs_structure_Rogers                  ? 
_refine.ls_abs_structure_Rogers_esd              ? 
_refine.ls_d_res_high                            1.660 
_refine.ls_d_res_low                             27.730 
_refine.ls_extinction_coef                       ? 
_refine.ls_extinction_coef_esd                   ? 
_refine.ls_extinction_expression                 ? 
_refine.ls_extinction_method                     ? 
_refine.ls_goodness_of_fit_all                   ? 
_refine.ls_goodness_of_fit_all_esd               ? 
_refine.ls_goodness_of_fit_obs                   ? 
_refine.ls_goodness_of_fit_obs_esd               ? 
_refine.ls_hydrogen_treatment                    ? 
_refine.ls_matrix_type                           ? 
_refine.ls_number_constraints                    ? 
_refine.ls_number_parameters                     ? 
_refine.ls_number_reflns_all                     ? 
_refine.ls_number_reflns_obs                     17902 
_refine.ls_number_reflns_R_free                  821 
_refine.ls_number_reflns_R_work                  ? 
_refine.ls_number_restraints                     ? 
_refine.ls_percent_reflns_obs                    97.61 
_refine.ls_percent_reflns_R_free                 4.59 
_refine.ls_R_factor_all                          ? 
_refine.ls_R_factor_obs                          0.2066 
_refine.ls_R_factor_R_free                       0.2138 
_refine.ls_R_factor_R_free_error                 ? 
_refine.ls_R_factor_R_free_error_details         ? 
_refine.ls_R_factor_R_work                       0.2062 
_refine.ls_R_Fsqd_factor_obs                     ? 
_refine.ls_R_I_factor_obs                        ? 
_refine.ls_redundancy_reflns_all                 ? 
_refine.ls_redundancy_reflns_obs                 ? 
_refine.ls_restrained_S_all                      ? 
_refine.ls_restrained_S_obs                      ? 
_refine.ls_shift_over_esd_max                    ? 
_refine.ls_shift_over_esd_mean                   ? 
_refine.ls_structure_factor_coef                 ? 
_refine.ls_weighting_details                     ? 
_refine.ls_weighting_scheme                      ? 
_refine.ls_wR_factor_all                         ? 
_refine.ls_wR_factor_obs                         ? 
_refine.ls_wR_factor_R_free                      ? 
_refine.ls_wR_factor_R_work                      ? 
_refine.occupancy_max                            ? 
_refine.occupancy_min                            ? 
_refine.solvent_model_details                    ? 
_refine.solvent_model_param_bsol                 ? 
_refine.solvent_model_param_ksol                 ? 
_refine.ls_R_factor_gt                           ? 
_refine.ls_goodness_of_fit_gt                    ? 
_refine.ls_goodness_of_fit_ref                   ? 
_refine.ls_shift_over_su_max                     ? 
_refine.ls_shift_over_su_max_lt                  ? 
_refine.ls_shift_over_su_mean                    ? 
_refine.ls_shift_over_su_mean_lt                 ? 
_refine.pdbx_ls_sigma_I                          ? 
_refine.pdbx_ls_sigma_F                          1.33 
_refine.pdbx_ls_sigma_Fsqd                       ? 
_refine.pdbx_data_cutoff_high_absF               ? 
_refine.pdbx_data_cutoff_high_rms_absF           ? 
_refine.pdbx_data_cutoff_low_absF                ? 
_refine.pdbx_isotropic_thermal_model             ? 
_refine.pdbx_ls_cross_valid_method               'FREE R-VALUE' 
_refine.pdbx_method_to_determine_struct          SAD 
_refine.pdbx_starting_model                      ? 
_refine.pdbx_stereochemistry_target_values       ? 
_refine.pdbx_R_Free_selection_details            ? 
_refine.pdbx_stereochem_target_val_spec_case     ? 
_refine.pdbx_overall_ESU_R                       ? 
_refine.pdbx_overall_ESU_R_Free                  ? 
_refine.pdbx_solvent_vdw_probe_radii             1.11 
_refine.pdbx_solvent_ion_probe_radii             ? 
_refine.pdbx_solvent_shrinkage_radii             0.90 
_refine.pdbx_real_space_R                        ? 
_refine.pdbx_density_correlation                 ? 
_refine.pdbx_pd_number_of_powder_patterns        ? 
_refine.pdbx_pd_number_of_points                 ? 
_refine.pdbx_pd_meas_number_of_points            ? 
_refine.pdbx_pd_proc_ls_prof_R_factor            ? 
_refine.pdbx_pd_proc_ls_prof_wR_factor           ? 
_refine.pdbx_pd_Marquardt_correlation_coeff      ? 
_refine.pdbx_pd_Fsqrd_R_factor                   ? 
_refine.pdbx_pd_ls_matrix_band_width             ? 
_refine.pdbx_overall_phase_error                 29.11 
_refine.pdbx_overall_SU_R_free_Cruickshank_DPI   ? 
_refine.pdbx_overall_SU_R_free_Blow_DPI          ? 
_refine.pdbx_overall_SU_R_Blow_DPI               ? 
_refine.pdbx_TLS_residual_ADP_flag               ? 
_refine.pdbx_diffrn_id                           1 
_refine.overall_SU_B                             ? 
_refine.overall_SU_ML                            0.24 
_refine.overall_SU_R_Cruickshank_DPI             ? 
_refine.overall_SU_R_free                        ? 
_refine.overall_FOM_free_R_set                   ? 
_refine.overall_FOM_work_R_set                   ? 
_refine.pdbx_average_fsc_overall                 ? 
_refine.pdbx_average_fsc_work                    ? 
_refine.pdbx_average_fsc_free                    ? 
# 
_refine_hist.pdbx_refine_id                   'X-RAY DIFFRACTION' 
_refine_hist.cycle_id                         LAST 
_refine_hist.pdbx_number_atoms_protein        0 
_refine_hist.pdbx_number_atoms_nucleic_acid   385 
_refine_hist.pdbx_number_atoms_ligand         22 
_refine_hist.number_atoms_solvent             40 
_refine_hist.number_atoms_total               447 
_refine_hist.d_res_high                       1.660 
_refine_hist.d_res_low                        27.730 
# 
loop_
_refine_ls_restr.pdbx_refine_id 
_refine_ls_restr.criterion 
_refine_ls_restr.dev_ideal 
_refine_ls_restr.dev_ideal_target 
_refine_ls_restr.number 
_refine_ls_restr.rejects 
_refine_ls_restr.type 
_refine_ls_restr.weight 
_refine_ls_restr.pdbx_restraint_function 
'X-RAY DIFFRACTION' ? 0.008  ? 449 ? f_bond_d           ? ? 
'X-RAY DIFFRACTION' ? 1.195  ? 694 ? f_angle_d          ? ? 
'X-RAY DIFFRACTION' ? 13.290 ? 211 ? f_dihedral_angle_d ? ? 
'X-RAY DIFFRACTION' ? 0.055  ? 88  ? f_chiral_restr     ? ? 
'X-RAY DIFFRACTION' ? 0.009  ? 18  ? f_plane_restr      ? ? 
# 
loop_
_refine_ls_shell.pdbx_refine_id 
_refine_ls_shell.d_res_high 
_refine_ls_shell.d_res_low 
_refine_ls_shell.number_reflns_all 
_refine_ls_shell.number_reflns_obs 
_refine_ls_shell.number_reflns_R_free 
_refine_ls_shell.number_reflns_R_work 
_refine_ls_shell.percent_reflns_obs 
_refine_ls_shell.percent_reflns_R_free 
_refine_ls_shell.R_factor_all 
_refine_ls_shell.R_factor_obs 
_refine_ls_shell.R_factor_R_free 
_refine_ls_shell.R_factor_R_free_error 
_refine_ls_shell.R_factor_R_work 
_refine_ls_shell.redundancy_reflns_all 
_refine_ls_shell.redundancy_reflns_obs 
_refine_ls_shell.wR_factor_all 
_refine_ls_shell.wR_factor_obs 
_refine_ls_shell.wR_factor_R_free 
_refine_ls_shell.wR_factor_R_work 
_refine_ls_shell.pdbx_total_number_of_bins_used 
_refine_ls_shell.pdbx_phase_error 
_refine_ls_shell.pdbx_fsc_work 
_refine_ls_shell.pdbx_fsc_free 
'X-RAY DIFFRACTION' 1.6601 1.7640  . . 97  2865 97.00 . . . 0.3536 . 0.3082 . . . . . . . . . . 
'X-RAY DIFFRACTION' 1.7640 1.9002  . . 188 2807 98.00 . . . 0.2903 . 0.2786 . . . . . . . . . . 
'X-RAY DIFFRACTION' 1.9002 2.0914  . . 110 2859 98.00 . . . 0.2593 . 0.2429 . . . . . . . . . . 
'X-RAY DIFFRACTION' 2.0914 2.3939  . . 145 2896 99.00 . . . 0.2506 . 0.2210 . . . . . . . . . . 
'X-RAY DIFFRACTION' 2.3939 3.0154  . . 142 2846 98.00 . . . 0.1747 . 0.2308 . . . . . . . . . . 
'X-RAY DIFFRACTION' 3.0154 27.7339 . . 139 2808 96.00 . . . 0.2019 . 0.1714 . . . . . . . . . . 
# 
_struct.entry_id                     6HBT 
_struct.title                        'The structure of the G. violaceus guanidine II riboswitch P2 stem-loop with arcaine' 
_struct.pdbx_model_details           ? 
_struct.pdbx_formula_weight          ? 
_struct.pdbx_formula_weight_method   ? 
_struct.pdbx_model_type_details      ? 
_struct.pdbx_CASP_flag               N 
# 
_struct_keywords.entry_id        6HBT 
_struct_keywords.text            'guanidine II riboswitch, stem-loop, tetra loop, dimer, RNA' 
_struct_keywords.pdbx_keywords   RNA 
# 
loop_
_struct_asym.id 
_struct_asym.pdbx_blank_PDB_chainid_flag 
_struct_asym.pdbx_modified 
_struct_asym.entity_id 
_struct_asym.details 
A N N 1 ? 
B N N 2 ? 
C N N 2 ? 
D N N 3 ? 
E N N 4 ? 
# 
_struct_ref.id                         1 
_struct_ref.db_name                    PDB 
_struct_ref.db_code                    6HBT 
_struct_ref.pdbx_db_accession          6HBT 
_struct_ref.pdbx_db_isoform            ? 
_struct_ref.entity_id                  1 
_struct_ref.pdbx_seq_one_letter_code   ? 
_struct_ref.pdbx_align_begin           1 
# 
_struct_ref_seq.align_id                      1 
_struct_ref_seq.ref_id                        1 
_struct_ref_seq.pdbx_PDB_id_code              6HBT 
_struct_ref_seq.pdbx_strand_id                A 
_struct_ref_seq.seq_align_beg                 1 
_struct_ref_seq.pdbx_seq_align_beg_ins_code   ? 
_struct_ref_seq.seq_align_end                 18 
_struct_ref_seq.pdbx_seq_align_end_ins_code   ? 
_struct_ref_seq.pdbx_db_accession             6HBT 
_struct_ref_seq.db_align_beg                  1 
_struct_ref_seq.pdbx_db_align_beg_ins_code    ? 
_struct_ref_seq.db_align_end                  18 
_struct_ref_seq.pdbx_db_align_end_ins_code    ? 
_struct_ref_seq.pdbx_auth_seq_align_beg       1 
_struct_ref_seq.pdbx_auth_seq_align_end       18 
# 
_pdbx_struct_assembly.id                   1 
_pdbx_struct_assembly.details              author_defined_assembly 
_pdbx_struct_assembly.method_details       ? 
_pdbx_struct_assembly.oligomeric_details   dimeric 
_pdbx_struct_assembly.oligomeric_count     2 
# 
loop_
_pdbx_struct_assembly_gen.assembly_id 
_pdbx_struct_assembly_gen.oper_expression 
_pdbx_struct_assembly_gen.asym_id_list 
1 1 A,B,C,D,E 
1 2 A,B,C,D,E 
# 
_pdbx_struct_assembly_auth_evidence.id                     1 
_pdbx_struct_assembly_auth_evidence.assembly_id            1 
_pdbx_struct_assembly_auth_evidence.experimental_support   none 
_pdbx_struct_assembly_auth_evidence.details                ? 
# 
loop_
_pdbx_struct_oper_list.id 
_pdbx_struct_oper_list.type 
_pdbx_struct_oper_list.name 
_pdbx_struct_oper_list.symmetry_operation 
_pdbx_struct_oper_list.matrix[1][1] 
_pdbx_struct_oper_list.matrix[1][2] 
_pdbx_struct_oper_list.matrix[1][3] 
_pdbx_struct_oper_list.vector[1] 
_pdbx_struct_oper_list.matrix[2][1] 
_pdbx_struct_oper_list.matrix[2][2] 
_pdbx_struct_oper_list.matrix[2][3] 
_pdbx_struct_oper_list.vector[2] 
_pdbx_struct_oper_list.matrix[3][1] 
_pdbx_struct_oper_list.matrix[3][2] 
_pdbx_struct_oper_list.matrix[3][3] 
_pdbx_struct_oper_list.vector[3] 
1 'identity operation'         1_555  x,y,z                  1.0000000000  0.0000000000 0.0000000000  0.0000000000   0.0000000000 1.0000000000 0.0000000000  0.0000000000  0.0000000000  0.0000000000  1.0000000000  0.0000000000   
2 'crystal symmetry operation' 18_655 -x+4/3,-x+y+2/3,-z+2/3 -0.9269889638 0.2986469233 -0.2269393668 -22.9810989665 0.2986469233 0.2215959315 -0.9282808079 -3.7305131281 -0.2269393668 -0.9282808079 -0.2946069677 -12.3027580248 
# 
loop_
_struct_conn.id 
_struct_conn.conn_type_id 
_struct_conn.pdbx_leaving_atom_flag 
_struct_conn.pdbx_PDB_id 
_struct_conn.ptnr1_label_asym_id 
_struct_conn.ptnr1_label_comp_id 
_struct_conn.ptnr1_label_seq_id 
_struct_conn.ptnr1_label_atom_id 
_struct_conn.pdbx_ptnr1_label_alt_id 
_struct_conn.pdbx_ptnr1_PDB_ins_code 
_struct_conn.pdbx_ptnr1_standard_comp_id 
_struct_conn.ptnr1_symmetry 
_struct_conn.ptnr2_label_asym_id 
_struct_conn.ptnr2_label_comp_id 
_struct_conn.ptnr2_label_seq_id 
_struct_conn.ptnr2_label_atom_id 
_struct_conn.pdbx_ptnr2_label_alt_id 
_struct_conn.pdbx_ptnr2_PDB_ins_code 
_struct_conn.ptnr1_auth_asym_id 
_struct_conn.ptnr1_auth_comp_id 
_struct_conn.ptnr1_auth_seq_id 
_struct_conn.ptnr2_auth_asym_id 
_struct_conn.ptnr2_auth_comp_id 
_struct_conn.ptnr2_auth_seq_id 
_struct_conn.ptnr2_symmetry 
_struct_conn.pdbx_ptnr3_label_atom_id 
_struct_conn.pdbx_ptnr3_label_seq_id 
_struct_conn.pdbx_ptnr3_label_comp_id 
_struct_conn.pdbx_ptnr3_label_asym_id 
_struct_conn.pdbx_ptnr3_label_alt_id 
_struct_conn.pdbx_ptnr3_PDB_ins_code 
_struct_conn.details 
_struct_conn.pdbx_dist_value 
_struct_conn.pdbx_value_order 
_struct_conn.pdbx_role 
covale1  covale both ? A A   16 "O3'" ? ? ? 1_555 A CBV 17 P  ? ? A A   16 A CBV 17 1_555 ? ? ? ? ? ? ?            1.604 ? ? 
covale2  covale one  ? A CBV 17 "O3'" ? ? ? 1_555 A C   18 P  ? ? A CBV 17 A C   18 1_555 ? ? ? ? ? ? ?            1.610 ? ? 
hydrog1  hydrog ?    ? A G   1  N1    ? ? ? 1_555 A C   18 N3 ? ? A G   1  A C   18 1_555 ? ? ? ? ? ? WATSON-CRICK ?     ? ? 
hydrog2  hydrog ?    ? A G   1  N2    ? ? ? 1_555 A C   18 O2 ? ? A G   1  A C   18 1_555 ? ? ? ? ? ? WATSON-CRICK ?     ? ? 
hydrog3  hydrog ?    ? A G   1  O6    ? ? ? 1_555 A C   18 N4 ? ? A G   1  A C   18 1_555 ? ? ? ? ? ? WATSON-CRICK ?     ? ? 
hydrog4  hydrog ?    ? A G   2  N1    ? ? ? 1_555 A CBV 17 N3 ? ? A G   2  A CBV 17 1_555 ? ? ? ? ? ? WATSON-CRICK ?     ? ? 
hydrog5  hydrog ?    ? A G   2  N2    ? ? ? 1_555 A CBV 17 O2 ? ? A G   2  A CBV 17 1_555 ? ? ? ? ? ? WATSON-CRICK ?     ? ? 
hydrog6  hydrog ?    ? A G   2  O6    ? ? ? 1_555 A CBV 17 N4 ? ? A G   2  A CBV 17 1_555 ? ? ? ? ? ? WATSON-CRICK ?     ? ? 
hydrog7  hydrog ?    ? A U   3  N3    ? ? ? 1_555 A A   16 N1 ? ? A U   3  A A   16 1_555 ? ? ? ? ? ? WATSON-CRICK ?     ? ? 
hydrog8  hydrog ?    ? A U   3  O4    ? ? ? 1_555 A A   16 N6 ? ? A U   3  A A   16 1_555 ? ? ? ? ? ? WATSON-CRICK ?     ? ? 
hydrog9  hydrog ?    ? A G   4  N1    ? ? ? 1_555 A C   15 N3 ? ? A G   4  A C   15 1_555 ? ? ? ? ? ? WATSON-CRICK ?     ? ? 
hydrog10 hydrog ?    ? A G   4  N2    ? ? ? 1_555 A C   15 O2 ? ? A G   4  A C   15 1_555 ? ? ? ? ? ? WATSON-CRICK ?     ? ? 
hydrog11 hydrog ?    ? A G   4  O6    ? ? ? 1_555 A C   15 N4 ? ? A G   4  A C   15 1_555 ? ? ? ? ? ? WATSON-CRICK ?     ? ? 
hydrog12 hydrog ?    ? A G   5  N1    ? ? ? 1_555 A C   14 N3 ? ? A G   5  A C   14 1_555 ? ? ? ? ? ? WATSON-CRICK ?     ? ? 
hydrog13 hydrog ?    ? A G   5  N2    ? ? ? 1_555 A C   14 O2 ? ? A G   5  A C   14 1_555 ? ? ? ? ? ? WATSON-CRICK ?     ? ? 
hydrog14 hydrog ?    ? A G   5  O6    ? ? ? 1_555 A C   14 N4 ? ? A G   5  A C   14 1_555 ? ? ? ? ? ? WATSON-CRICK ?     ? ? 
hydrog15 hydrog ?    ? A G   6  N1    ? ? ? 1_555 A C   13 N3 ? ? A G   6  A C   13 1_555 ? ? ? ? ? ? WATSON-CRICK ?     ? ? 
hydrog16 hydrog ?    ? A G   6  N2    ? ? ? 1_555 A C   13 O2 ? ? A G   6  A C   13 1_555 ? ? ? ? ? ? WATSON-CRICK ?     ? ? 
hydrog17 hydrog ?    ? A G   6  O6    ? ? ? 1_555 A C   13 N4 ? ? A G   6  A C   13 1_555 ? ? ? ? ? ? WATSON-CRICK ?     ? ? 
hydrog18 hydrog ?    ? A G   7  N1    ? ? ? 1_555 A C   12 N3 ? ? A G   7  A C   12 1_555 ? ? ? ? ? ? WATSON-CRICK ?     ? ? 
hydrog19 hydrog ?    ? A G   7  N2    ? ? ? 1_555 A C   12 O2 ? ? A G   7  A C   12 1_555 ? ? ? ? ? ? WATSON-CRICK ?     ? ? 
hydrog20 hydrog ?    ? A G   7  O6    ? ? ? 1_555 A C   12 N4 ? ? A G   7  A C   12 1_555 ? ? ? ? ? ? WATSON-CRICK ?     ? ? 
# 
loop_
_struct_conn_type.id 
_struct_conn_type.criteria 
_struct_conn_type.reference 
covale ? ? 
hydrog ? ? 
# 
loop_
_struct_site.id 
_struct_site.pdbx_evidence_code 
_struct_site.pdbx_auth_asym_id 
_struct_site.pdbx_auth_comp_id 
_struct_site.pdbx_auth_seq_id 
_struct_site.pdbx_auth_ins_code 
_struct_site.pdbx_num_residues 
_struct_site.details 
AC1 Software A SO4 101 ? 3 'binding site for residue SO4 A 101' 
AC2 Software A SO4 102 ? 4 'binding site for residue SO4 A 102' 
AC3 Software A FXQ 103 ? 8 'binding site for residue FXQ A 103' 
# 
loop_
_struct_site_gen.id 
_struct_site_gen.site_id 
_struct_site_gen.pdbx_num_res 
_struct_site_gen.label_comp_id 
_struct_site_gen.label_asym_id 
_struct_site_gen.label_seq_id 
_struct_site_gen.pdbx_auth_ins_code 
_struct_site_gen.auth_comp_id 
_struct_site_gen.auth_asym_id 
_struct_site_gen.auth_seq_id 
_struct_site_gen.label_atom_id 
_struct_site_gen.label_alt_id 
_struct_site_gen.symmetry 
_struct_site_gen.details 
1  AC1 3 G   A 2  ? G   A 2   . ? 1_555  ? 
2  AC1 3 U   A 3  ? U   A 3   . ? 1_555  ? 
3  AC1 3 CBV A 17 ? CBV A 17  . ? 1_555  ? 
4  AC2 4 HOH E .  ? HOH A 203 . ? 1_555  ? 
5  AC2 4 HOH E .  ? HOH A 217 . ? 2_665  ? 
6  AC2 4 HOH E .  ? HOH A 217 . ? 3_565  ? 
7  AC2 4 HOH E .  ? HOH A 217 . ? 1_555  ? 
8  AC3 8 G   A 7  ? G   A 7   . ? 1_555  ? 
9  AC3 8 G   A 7  ? G   A 7   . ? 18_655 ? 
10 AC3 8 A   A 8  ? A   A 8   . ? 1_555  ? 
11 AC3 8 A   A 8  ? A   A 8   . ? 18_655 ? 
12 AC3 8 C   A 9  ? C   A 9   . ? 18_655 ? 
13 AC3 8 C   A 9  ? C   A 9   . ? 1_555  ? 
14 AC3 8 G   A 10 ? G   A 10  . ? 18_655 ? 
15 AC3 8 G   A 10 ? G   A 10  . ? 1_555  ? 
# 
loop_
_pdbx_struct_special_symmetry.id 
_pdbx_struct_special_symmetry.PDB_model_num 
_pdbx_struct_special_symmetry.auth_asym_id 
_pdbx_struct_special_symmetry.auth_comp_id 
_pdbx_struct_special_symmetry.auth_seq_id 
_pdbx_struct_special_symmetry.PDB_ins_code 
_pdbx_struct_special_symmetry.label_asym_id 
_pdbx_struct_special_symmetry.label_comp_id 
_pdbx_struct_special_symmetry.label_seq_id 
1 1 A HOH 215 ? E HOH . 
2 1 A HOH 217 ? E HOH . 
3 1 A HOH 220 ? E HOH . 
4 1 A HOH 222 ? E HOH . 
# 
loop_
_chem_comp_atom.comp_id 
_chem_comp_atom.atom_id 
_chem_comp_atom.type_symbol 
_chem_comp_atom.pdbx_aromatic_flag 
_chem_comp_atom.pdbx_stereo_config 
_chem_comp_atom.pdbx_ordinal 
A   OP3    O  N N 1   
A   P      P  N N 2   
A   OP1    O  N N 3   
A   OP2    O  N N 4   
A   "O5'"  O  N N 5   
A   "C5'"  C  N N 6   
A   "C4'"  C  N R 7   
A   "O4'"  O  N N 8   
A   "C3'"  C  N S 9   
A   "O3'"  O  N N 10  
A   "C2'"  C  N R 11  
A   "O2'"  O  N N 12  
A   "C1'"  C  N R 13  
A   N9     N  Y N 14  
A   C8     C  Y N 15  
A   N7     N  Y N 16  
A   C5     C  Y N 17  
A   C6     C  Y N 18  
A   N6     N  N N 19  
A   N1     N  Y N 20  
A   C2     C  Y N 21  
A   N3     N  Y N 22  
A   C4     C  Y N 23  
A   HOP3   H  N N 24  
A   HOP2   H  N N 25  
A   "H5'"  H  N N 26  
A   "H5''" H  N N 27  
A   "H4'"  H  N N 28  
A   "H3'"  H  N N 29  
A   "HO3'" H  N N 30  
A   "H2'"  H  N N 31  
A   "HO2'" H  N N 32  
A   "H1'"  H  N N 33  
A   H8     H  N N 34  
A   H61    H  N N 35  
A   H62    H  N N 36  
A   H2     H  N N 37  
C   OP3    O  N N 38  
C   P      P  N N 39  
C   OP1    O  N N 40  
C   OP2    O  N N 41  
C   "O5'"  O  N N 42  
C   "C5'"  C  N N 43  
C   "C4'"  C  N R 44  
C   "O4'"  O  N N 45  
C   "C3'"  C  N S 46  
C   "O3'"  O  N N 47  
C   "C2'"  C  N R 48  
C   "O2'"  O  N N 49  
C   "C1'"  C  N R 50  
C   N1     N  N N 51  
C   C2     C  N N 52  
C   O2     O  N N 53  
C   N3     N  N N 54  
C   C4     C  N N 55  
C   N4     N  N N 56  
C   C5     C  N N 57  
C   C6     C  N N 58  
C   HOP3   H  N N 59  
C   HOP2   H  N N 60  
C   "H5'"  H  N N 61  
C   "H5''" H  N N 62  
C   "H4'"  H  N N 63  
C   "H3'"  H  N N 64  
C   "HO3'" H  N N 65  
C   "H2'"  H  N N 66  
C   "HO2'" H  N N 67  
C   "H1'"  H  N N 68  
C   H41    H  N N 69  
C   H42    H  N N 70  
C   H5     H  N N 71  
C   H6     H  N N 72  
CBV O3P    O  N N 73  
CBV P      P  N N 74  
CBV O1P    O  N N 75  
CBV O2P    O  N N 76  
CBV "O5'"  O  N N 77  
CBV "C5'"  C  N N 78  
CBV "C4'"  C  N R 79  
CBV "O4'"  O  N N 80  
CBV "C3'"  C  N S 81  
CBV "O3'"  O  N N 82  
CBV "C2'"  C  N R 83  
CBV "O2'"  O  N N 84  
CBV "C1'"  C  N R 85  
CBV N1     N  N N 86  
CBV C2     C  N N 87  
CBV O2     O  N N 88  
CBV N3     N  N N 89  
CBV C4     C  N N 90  
CBV N4     N  N N 91  
CBV C5     C  N N 92  
CBV C6     C  N N 93  
CBV BR     BR N N 94  
CBV HO3P   H  N N 95  
CBV HO1P   H  N N 96  
CBV "H5'1" H  N N 97  
CBV "H5'2" H  N N 98  
CBV "H4'"  H  N N 99  
CBV "H3'"  H  N N 100 
CBV "HO3'" H  N N 101 
CBV "H2'"  H  N N 102 
CBV "HO2'" H  N N 103 
CBV "H1'"  H  N N 104 
CBV HN41   H  N N 105 
CBV HN42   H  N N 106 
CBV H6     H  N N 107 
FXQ CAD    C  N N 108 
FXQ CAF    C  N N 109 
FXQ CAG    C  N N 110 
FXQ CAH    C  N N 111 
FXQ CAI    C  N N 112 
FXQ CAK    C  N N 113 
FXQ NAA    N  N N 114 
FXQ NAB    N  N N 115 
FXQ NAC    N  N N 116 
FXQ NAE    N  N N 117 
FXQ NAJ    N  N N 118 
FXQ NAL    N  N N 119 
FXQ HAF    H  N N 120 
FXQ HAG    H  N N 121 
FXQ HAH    H  N N 122 
FXQ HAI    H  N N 123 
FXQ HAJ    H  N N 124 
FXQ HAK    H  N N 125 
FXQ HAM    H  N N 126 
FXQ HAL    H  N N 127 
FXQ HAR    H  N N 128 
FXQ HAS    H  N N 129 
FXQ HAO    H  N N 130 
FXQ HAC    H  N N 131 
FXQ HAE    H  N N 132 
FXQ HAN    H  N N 133 
FXQ HAP    H  N N 134 
FXQ HAQ    H  N N 135 
G   OP3    O  N N 136 
G   P      P  N N 137 
G   OP1    O  N N 138 
G   OP2    O  N N 139 
G   "O5'"  O  N N 140 
G   "C5'"  C  N N 141 
G   "C4'"  C  N R 142 
G   "O4'"  O  N N 143 
G   "C3'"  C  N S 144 
G   "O3'"  O  N N 145 
G   "C2'"  C  N R 146 
G   "O2'"  O  N N 147 
G   "C1'"  C  N R 148 
G   N9     N  Y N 149 
G   C8     C  Y N 150 
G   N7     N  Y N 151 
G   C5     C  Y N 152 
G   C6     C  N N 153 
G   O6     O  N N 154 
G   N1     N  N N 155 
G   C2     C  N N 156 
G   N2     N  N N 157 
G   N3     N  N N 158 
G   C4     C  Y N 159 
G   HOP3   H  N N 160 
G   HOP2   H  N N 161 
G   "H5'"  H  N N 162 
G   "H5''" H  N N 163 
G   "H4'"  H  N N 164 
G   "H3'"  H  N N 165 
G   "HO3'" H  N N 166 
G   "H2'"  H  N N 167 
G   "HO2'" H  N N 168 
G   "H1'"  H  N N 169 
G   H8     H  N N 170 
G   H1     H  N N 171 
G   H21    H  N N 172 
G   H22    H  N N 173 
HOH O      O  N N 174 
HOH H1     H  N N 175 
HOH H2     H  N N 176 
SO4 S      S  N N 177 
SO4 O1     O  N N 178 
SO4 O2     O  N N 179 
SO4 O3     O  N N 180 
SO4 O4     O  N N 181 
U   OP3    O  N N 182 
U   P      P  N N 183 
U   OP1    O  N N 184 
U   OP2    O  N N 185 
U   "O5'"  O  N N 186 
U   "C5'"  C  N N 187 
U   "C4'"  C  N R 188 
U   "O4'"  O  N N 189 
U   "C3'"  C  N S 190 
U   "O3'"  O  N N 191 
U   "C2'"  C  N R 192 
U   "O2'"  O  N N 193 
U   "C1'"  C  N R 194 
U   N1     N  N N 195 
U   C2     C  N N 196 
U   O2     O  N N 197 
U   N3     N  N N 198 
U   C4     C  N N 199 
U   O4     O  N N 200 
U   C5     C  N N 201 
U   C6     C  N N 202 
U   HOP3   H  N N 203 
U   HOP2   H  N N 204 
U   "H5'"  H  N N 205 
U   "H5''" H  N N 206 
U   "H4'"  H  N N 207 
U   "H3'"  H  N N 208 
U   "HO3'" H  N N 209 
U   "H2'"  H  N N 210 
U   "HO2'" H  N N 211 
U   "H1'"  H  N N 212 
U   H3     H  N N 213 
U   H5     H  N N 214 
U   H6     H  N N 215 
# 
loop_
_chem_comp_bond.comp_id 
_chem_comp_bond.atom_id_1 
_chem_comp_bond.atom_id_2 
_chem_comp_bond.value_order 
_chem_comp_bond.pdbx_aromatic_flag 
_chem_comp_bond.pdbx_stereo_config 
_chem_comp_bond.pdbx_ordinal 
A   OP3   P      sing N N 1   
A   OP3   HOP3   sing N N 2   
A   P     OP1    doub N N 3   
A   P     OP2    sing N N 4   
A   P     "O5'"  sing N N 5   
A   OP2   HOP2   sing N N 6   
A   "O5'" "C5'"  sing N N 7   
A   "C5'" "C4'"  sing N N 8   
A   "C5'" "H5'"  sing N N 9   
A   "C5'" "H5''" sing N N 10  
A   "C4'" "O4'"  sing N N 11  
A   "C4'" "C3'"  sing N N 12  
A   "C4'" "H4'"  sing N N 13  
A   "O4'" "C1'"  sing N N 14  
A   "C3'" "O3'"  sing N N 15  
A   "C3'" "C2'"  sing N N 16  
A   "C3'" "H3'"  sing N N 17  
A   "O3'" "HO3'" sing N N 18  
A   "C2'" "O2'"  sing N N 19  
A   "C2'" "C1'"  sing N N 20  
A   "C2'" "H2'"  sing N N 21  
A   "O2'" "HO2'" sing N N 22  
A   "C1'" N9     sing N N 23  
A   "C1'" "H1'"  sing N N 24  
A   N9    C8     sing Y N 25  
A   N9    C4     sing Y N 26  
A   C8    N7     doub Y N 27  
A   C8    H8     sing N N 28  
A   N7    C5     sing Y N 29  
A   C5    C6     sing Y N 30  
A   C5    C4     doub Y N 31  
A   C6    N6     sing N N 32  
A   C6    N1     doub Y N 33  
A   N6    H61    sing N N 34  
A   N6    H62    sing N N 35  
A   N1    C2     sing Y N 36  
A   C2    N3     doub Y N 37  
A   C2    H2     sing N N 38  
A   N3    C4     sing Y N 39  
C   OP3   P      sing N N 40  
C   OP3   HOP3   sing N N 41  
C   P     OP1    doub N N 42  
C   P     OP2    sing N N 43  
C   P     "O5'"  sing N N 44  
C   OP2   HOP2   sing N N 45  
C   "O5'" "C5'"  sing N N 46  
C   "C5'" "C4'"  sing N N 47  
C   "C5'" "H5'"  sing N N 48  
C   "C5'" "H5''" sing N N 49  
C   "C4'" "O4'"  sing N N 50  
C   "C4'" "C3'"  sing N N 51  
C   "C4'" "H4'"  sing N N 52  
C   "O4'" "C1'"  sing N N 53  
C   "C3'" "O3'"  sing N N 54  
C   "C3'" "C2'"  sing N N 55  
C   "C3'" "H3'"  sing N N 56  
C   "O3'" "HO3'" sing N N 57  
C   "C2'" "O2'"  sing N N 58  
C   "C2'" "C1'"  sing N N 59  
C   "C2'" "H2'"  sing N N 60  
C   "O2'" "HO2'" sing N N 61  
C   "C1'" N1     sing N N 62  
C   "C1'" "H1'"  sing N N 63  
C   N1    C2     sing N N 64  
C   N1    C6     sing N N 65  
C   C2    O2     doub N N 66  
C   C2    N3     sing N N 67  
C   N3    C4     doub N N 68  
C   C4    N4     sing N N 69  
C   C4    C5     sing N N 70  
C   N4    H41    sing N N 71  
C   N4    H42    sing N N 72  
C   C5    C6     doub N N 73  
C   C5    H5     sing N N 74  
C   C6    H6     sing N N 75  
CBV O3P   P      sing N N 76  
CBV O3P   HO3P   sing N N 77  
CBV P     O1P    sing N N 78  
CBV P     O2P    doub N N 79  
CBV P     "O5'"  sing N N 80  
CBV O1P   HO1P   sing N N 81  
CBV "O5'" "C5'"  sing N N 82  
CBV "C5'" "C4'"  sing N N 83  
CBV "C5'" "H5'1" sing N N 84  
CBV "C5'" "H5'2" sing N N 85  
CBV "C4'" "O4'"  sing N N 86  
CBV "C4'" "C3'"  sing N N 87  
CBV "C4'" "H4'"  sing N N 88  
CBV "O4'" "C1'"  sing N N 89  
CBV "C3'" "O3'"  sing N N 90  
CBV "C3'" "C2'"  sing N N 91  
CBV "C3'" "H3'"  sing N N 92  
CBV "O3'" "HO3'" sing N N 93  
CBV "C2'" "O2'"  sing N N 94  
CBV "C2'" "C1'"  sing N N 95  
CBV "C2'" "H2'"  sing N N 96  
CBV "O2'" "HO2'" sing N N 97  
CBV "C1'" N1     sing N N 98  
CBV "C1'" "H1'"  sing N N 99  
CBV N1    C2     sing N N 100 
CBV N1    C6     sing N N 101 
CBV C2    O2     doub N N 102 
CBV C2    N3     sing N N 103 
CBV N3    C4     doub N N 104 
CBV C4    N4     sing N N 105 
CBV C4    C5     sing N N 106 
CBV N4    HN41   sing N N 107 
CBV N4    HN42   sing N N 108 
CBV C5    C6     doub N N 109 
CBV C5    BR     sing N N 110 
CBV C6    H6     sing N N 111 
FXQ NAB   CAK    doub N N 112 
FXQ CAH   CAI    sing N N 113 
FXQ CAH   CAG    sing N N 114 
FXQ NAJ   CAK    sing N N 115 
FXQ NAJ   CAI    sing N N 116 
FXQ CAK   NAL    sing N N 117 
FXQ NAA   CAD    doub N N 118 
FXQ CAF   CAG    sing N N 119 
FXQ CAF   NAE    sing N N 120 
FXQ CAD   NAE    sing N N 121 
FXQ CAD   NAC    sing N N 122 
FXQ CAF   HAF    sing N N 123 
FXQ CAF   HAG    sing N N 124 
FXQ CAG   HAH    sing N N 125 
FXQ CAG   HAI    sing N N 126 
FXQ CAH   HAJ    sing N N 127 
FXQ CAH   HAK    sing N N 128 
FXQ CAI   HAM    sing N N 129 
FXQ CAI   HAL    sing N N 130 
FXQ NAA   HAR    sing N N 131 
FXQ NAB   HAS    sing N N 132 
FXQ NAC   HAO    sing N N 133 
FXQ NAC   HAC    sing N N 134 
FXQ NAE   HAE    sing N N 135 
FXQ NAJ   HAN    sing N N 136 
FXQ NAL   HAP    sing N N 137 
FXQ NAL   HAQ    sing N N 138 
G   OP3   P      sing N N 139 
G   OP3   HOP3   sing N N 140 
G   P     OP1    doub N N 141 
G   P     OP2    sing N N 142 
G   P     "O5'"  sing N N 143 
G   OP2   HOP2   sing N N 144 
G   "O5'" "C5'"  sing N N 145 
G   "C5'" "C4'"  sing N N 146 
G   "C5'" "H5'"  sing N N 147 
G   "C5'" "H5''" sing N N 148 
G   "C4'" "O4'"  sing N N 149 
G   "C4'" "C3'"  sing N N 150 
G   "C4'" "H4'"  sing N N 151 
G   "O4'" "C1'"  sing N N 152 
G   "C3'" "O3'"  sing N N 153 
G   "C3'" "C2'"  sing N N 154 
G   "C3'" "H3'"  sing N N 155 
G   "O3'" "HO3'" sing N N 156 
G   "C2'" "O2'"  sing N N 157 
G   "C2'" "C1'"  sing N N 158 
G   "C2'" "H2'"  sing N N 159 
G   "O2'" "HO2'" sing N N 160 
G   "C1'" N9     sing N N 161 
G   "C1'" "H1'"  sing N N 162 
G   N9    C8     sing Y N 163 
G   N9    C4     sing Y N 164 
G   C8    N7     doub Y N 165 
G   C8    H8     sing N N 166 
G   N7    C5     sing Y N 167 
G   C5    C6     sing N N 168 
G   C5    C4     doub Y N 169 
G   C6    O6     doub N N 170 
G   C6    N1     sing N N 171 
G   N1    C2     sing N N 172 
G   N1    H1     sing N N 173 
G   C2    N2     sing N N 174 
G   C2    N3     doub N N 175 
G   N2    H21    sing N N 176 
G   N2    H22    sing N N 177 
G   N3    C4     sing N N 178 
HOH O     H1     sing N N 179 
HOH O     H2     sing N N 180 
SO4 S     O1     doub N N 181 
SO4 S     O2     doub N N 182 
SO4 S     O3     sing N N 183 
SO4 S     O4     sing N N 184 
U   OP3   P      sing N N 185 
U   OP3   HOP3   sing N N 186 
U   P     OP1    doub N N 187 
U   P     OP2    sing N N 188 
U   P     "O5'"  sing N N 189 
U   OP2   HOP2   sing N N 190 
U   "O5'" "C5'"  sing N N 191 
U   "C5'" "C4'"  sing N N 192 
U   "C5'" "H5'"  sing N N 193 
U   "C5'" "H5''" sing N N 194 
U   "C4'" "O4'"  sing N N 195 
U   "C4'" "C3'"  sing N N 196 
U   "C4'" "H4'"  sing N N 197 
U   "O4'" "C1'"  sing N N 198 
U   "C3'" "O3'"  sing N N 199 
U   "C3'" "C2'"  sing N N 200 
U   "C3'" "H3'"  sing N N 201 
U   "O3'" "HO3'" sing N N 202 
U   "C2'" "O2'"  sing N N 203 
U   "C2'" "C1'"  sing N N 204 
U   "C2'" "H2'"  sing N N 205 
U   "O2'" "HO2'" sing N N 206 
U   "C1'" N1     sing N N 207 
U   "C1'" "H1'"  sing N N 208 
U   N1    C2     sing N N 209 
U   N1    C6     sing N N 210 
U   C2    O2     doub N N 211 
U   C2    N3     sing N N 212 
U   N3    C4     sing N N 213 
U   N3    H3     sing N N 214 
U   C4    O4     doub N N 215 
U   C4    C5     sing N N 216 
U   C5    C6     doub N N 217 
U   C5    H5     sing N N 218 
U   C6    H6     sing N N 219 
# 
loop_
_ndb_struct_conf_na.entry_id 
_ndb_struct_conf_na.feature 
6HBT 'a-form double helix'  
6HBT 'hairpin loop'         
6HBT 'mismatched base pair' 
# 
loop_
_ndb_struct_na_base_pair.model_number 
_ndb_struct_na_base_pair.i_label_asym_id 
_ndb_struct_na_base_pair.i_label_comp_id 
_ndb_struct_na_base_pair.i_label_seq_id 
_ndb_struct_na_base_pair.i_symmetry 
_ndb_struct_na_base_pair.j_label_asym_id 
_ndb_struct_na_base_pair.j_label_comp_id 
_ndb_struct_na_base_pair.j_label_seq_id 
_ndb_struct_na_base_pair.j_symmetry 
_ndb_struct_na_base_pair.shear 
_ndb_struct_na_base_pair.stretch 
_ndb_struct_na_base_pair.stagger 
_ndb_struct_na_base_pair.buckle 
_ndb_struct_na_base_pair.propeller 
_ndb_struct_na_base_pair.opening 
_ndb_struct_na_base_pair.pair_number 
_ndb_struct_na_base_pair.pair_name 
_ndb_struct_na_base_pair.i_auth_asym_id 
_ndb_struct_na_base_pair.i_auth_seq_id 
_ndb_struct_na_base_pair.i_PDB_ins_code 
_ndb_struct_na_base_pair.j_auth_asym_id 
_ndb_struct_na_base_pair.j_auth_seq_id 
_ndb_struct_na_base_pair.j_PDB_ins_code 
_ndb_struct_na_base_pair.hbond_type_28 
_ndb_struct_na_base_pair.hbond_type_12 
1 A G 1 1_555 A C   18 1_555 -0.162 -0.119 -0.088 -4.823  -1.494  -1.707 1 A_G1:C18_A   A 1 ? A 18 ? 19 1 
1 A G 2 1_555 A CBV 17 1_555 -0.279 -0.155 -0.031 -3.888  -11.563 0.070  2 A_G2:CBV17_A A 2 ? A 17 ? 19 1 
1 A U 3 1_555 A A   16 1_555 -0.038 -0.074 0.031  0.120   -12.398 4.166  3 A_U3:A16_A   A 3 ? A 16 ? 20 1 
1 A G 4 1_555 A C   15 1_555 -0.301 -0.096 -0.295 -6.397  -8.090  0.767  4 A_G4:C15_A   A 4 ? A 15 ? 19 1 
1 A G 5 1_555 A C   14 1_555 -0.226 -0.191 -0.331 -10.611 -8.551  -3.030 5 A_G5:C14_A   A 5 ? A 14 ? 19 1 
1 A G 6 1_555 A C   13 1_555 -0.164 -0.084 -0.235 -10.079 -5.682  0.075  6 A_G6:C13_A   A 6 ? A 13 ? 19 1 
1 A G 7 1_555 A C   12 1_555 -0.231 -0.113 0.025  -2.250  3.993   -2.556 7 A_G7:C12_A   A 7 ? A 12 ? 19 1 
# 
loop_
_ndb_struct_na_base_pair_step.model_number 
_ndb_struct_na_base_pair_step.i_label_asym_id_1 
_ndb_struct_na_base_pair_step.i_label_comp_id_1 
_ndb_struct_na_base_pair_step.i_label_seq_id_1 
_ndb_struct_na_base_pair_step.i_symmetry_1 
_ndb_struct_na_base_pair_step.j_label_asym_id_1 
_ndb_struct_na_base_pair_step.j_label_comp_id_1 
_ndb_struct_na_base_pair_step.j_label_seq_id_1 
_ndb_struct_na_base_pair_step.j_symmetry_1 
_ndb_struct_na_base_pair_step.i_label_asym_id_2 
_ndb_struct_na_base_pair_step.i_label_comp_id_2 
_ndb_struct_na_base_pair_step.i_label_seq_id_2 
_ndb_struct_na_base_pair_step.i_symmetry_2 
_ndb_struct_na_base_pair_step.j_label_asym_id_2 
_ndb_struct_na_base_pair_step.j_label_comp_id_2 
_ndb_struct_na_base_pair_step.j_label_seq_id_2 
_ndb_struct_na_base_pair_step.j_symmetry_2 
_ndb_struct_na_base_pair_step.shift 
_ndb_struct_na_base_pair_step.slide 
_ndb_struct_na_base_pair_step.rise 
_ndb_struct_na_base_pair_step.tilt 
_ndb_struct_na_base_pair_step.roll 
_ndb_struct_na_base_pair_step.twist 
_ndb_struct_na_base_pair_step.x_displacement 
_ndb_struct_na_base_pair_step.y_displacement 
_ndb_struct_na_base_pair_step.helical_rise 
_ndb_struct_na_base_pair_step.inclination 
_ndb_struct_na_base_pair_step.tip 
_ndb_struct_na_base_pair_step.helical_twist 
_ndb_struct_na_base_pair_step.step_number 
_ndb_struct_na_base_pair_step.step_name 
_ndb_struct_na_base_pair_step.i_auth_asym_id_1 
_ndb_struct_na_base_pair_step.i_auth_seq_id_1 
_ndb_struct_na_base_pair_step.i_PDB_ins_code_1 
_ndb_struct_na_base_pair_step.j_auth_asym_id_1 
_ndb_struct_na_base_pair_step.j_auth_seq_id_1 
_ndb_struct_na_base_pair_step.j_PDB_ins_code_1 
_ndb_struct_na_base_pair_step.i_auth_asym_id_2 
_ndb_struct_na_base_pair_step.i_auth_seq_id_2 
_ndb_struct_na_base_pair_step.i_PDB_ins_code_2 
_ndb_struct_na_base_pair_step.j_auth_asym_id_2 
_ndb_struct_na_base_pair_step.j_auth_seq_id_2 
_ndb_struct_na_base_pair_step.j_PDB_ins_code_2 
1 A G 1 1_555 A C   18 1_555 A G 2 1_555 A CBV 17 1_555 0.334  -1.988 3.330 1.665  2.083  28.744 -4.452 -0.300 3.195 4.185  -3.345 
28.864 1 AA_G1G2:CBV17C18_AA A 1 ? A 18 ? A 2 ? A 17 ? 
1 A G 2 1_555 A CBV 17 1_555 A U 3 1_555 A A   16 1_555 0.536  -1.785 3.212 0.145  2.511  32.646 -3.582 -0.927 3.072 4.458  -0.258 
32.740 2 AA_G2U3:A16CBV17_AA A 2 ? A 17 ? A 3 ? A 16 ? 
1 A U 3 1_555 A A   16 1_555 A G 4 1_555 A C   15 1_555 -0.473 -1.648 3.432 1.849  12.260 30.816 -4.854 1.125  2.576 21.987 -3.315 
33.160 3 AA_U3G4:C15A16_AA   A 3 ? A 16 ? A 4 ? A 15 ? 
1 A G 4 1_555 A C   15 1_555 A G 5 1_555 A C   14 1_555 0.217  -2.111 3.437 0.970  8.278  28.293 -5.850 -0.226 2.729 16.488 -1.933 
29.471 4 AA_G4G5:C14C15_AA   A 4 ? A 15 ? A 5 ? A 14 ? 
1 A G 5 1_555 A C   14 1_555 A G 6 1_555 A C   13 1_555 0.519  -1.918 3.336 1.257  5.141  30.944 -4.489 -0.730 3.004 9.547  -2.334 
31.382 5 AA_G5G6:C13C14_AA   A 5 ? A 14 ? A 6 ? A 13 ? 
1 A G 6 1_555 A C   13 1_555 A G 7 1_555 A C   12 1_555 -0.341 -2.204 3.167 -0.810 1.624  28.019 -4.907 0.522  3.046 3.350  1.670  
28.076 6 AA_G6G7:C12C13_AA   A 6 ? A 13 ? A 7 ? A 12 ? 
# 
_pdbx_audit_support.funding_organization   'Cancer Research UK' 
_pdbx_audit_support.country                'United Kingdom' 
_pdbx_audit_support.grant_number           A18604 
_pdbx_audit_support.ordinal                1 
# 
_atom_sites.entry_id                    6HBT 
_atom_sites.fract_transf_matrix[1][1]   -0.00507689 
_atom_sites.fract_transf_matrix[1][2]   -0.01141533 
_atom_sites.fract_transf_matrix[1][3]   -0.01665535 
_atom_sites.fract_transf_matrix[2][1]   0.00090662 
_atom_sites.fract_transf_matrix[2][2]   0.00838408 
_atom_sites.fract_transf_matrix[2][3]   -0.01903569 
_atom_sites.fract_transf_matrix[3][1]   0.00704073 
_atom_sites.fract_transf_matrix[3][2]   -0.00220415 
_atom_sites.fract_transf_matrix[3][3]   -0.00063547 
_atom_sites.fract_transf_vector[1]      0.484577 
_atom_sites.fract_transf_vector[2]      0.590535 
_atom_sites.fract_transf_vector[3]      0.406205 
# 
loop_
_atom_type.symbol 
BR 
C  
H  
N  
O  
P  
S  
# 
loop_
_atom_site.group_PDB 
_atom_site.id 
_atom_site.type_symbol 
_atom_site.label_atom_id 
_atom_site.label_alt_id 
_atom_site.label_comp_id 
_atom_site.label_asym_id 
_atom_site.label_entity_id 
_atom_site.label_seq_id 
_atom_site.pdbx_PDB_ins_code 
_atom_site.Cartn_x 
_atom_site.Cartn_y 
_atom_site.Cartn_z 
_atom_site.occupancy 
_atom_site.B_iso_or_equiv 
_atom_site.pdbx_formal_charge 
_atom_site.auth_seq_id 
_atom_site.auth_comp_id 
_atom_site.auth_asym_id 
_atom_site.auth_atom_id 
_atom_site.pdbx_PDB_model_num 
ATOM   1   O  "O5'"  . G   A 1 1  ? 5.703   -11.916 4.429   1.00 37.35  ? 1   G   A "O5'"  1 
ATOM   2   C  "C5'"  . G   A 1 1  ? 5.609   -12.641 5.645   1.00 38.36  ? 1   G   A "C5'"  1 
ATOM   3   C  "C4'"  . G   A 1 1  ? 6.290   -11.901 6.763   1.00 34.43  ? 1   G   A "C4'"  1 
ATOM   4   O  "O4'"  . G   A 1 1  ? 7.716   -11.790 6.498   1.00 35.02  ? 1   G   A "O4'"  1 
ATOM   5   C  "C3'"  . G   A 1 1  ? 5.842   -10.462 6.976   1.00 34.44  ? 1   G   A "C3'"  1 
ATOM   6   O  "O3'"  . G   A 1 1  ? 4.621   -10.387 7.696   1.00 36.24  ? 1   G   A "O3'"  1 
ATOM   7   C  "C2'"  . G   A 1 1  ? 7.042   -9.871  7.698   1.00 33.60  ? 1   G   A "C2'"  1 
ATOM   8   O  "O2'"  . G   A 1 1  ? 7.095   -10.314 9.043   1.00 33.76  ? 1   G   A "O2'"  1 
ATOM   9   C  "C1'"  . G   A 1 1  ? 8.187   -10.534 6.937   1.00 33.86  ? 1   G   A "C1'"  1 
ATOM   10  N  N9     . G   A 1 1  ? 8.550   -9.738  5.760   1.00 32.20  ? 1   G   A N9     1 
ATOM   11  C  C8     . G   A 1 1  ? 8.286   -10.018 4.447   1.00 32.64  ? 1   G   A C8     1 
ATOM   12  N  N7     . G   A 1 1  ? 8.718   -9.087  3.634   1.00 31.61  ? 1   G   A N7     1 
ATOM   13  C  C5     . G   A 1 1  ? 9.283   -8.133  4.471   1.00 31.69  ? 1   G   A C5     1 
ATOM   14  C  C6     . G   A 1 1  ? 9.916   -6.888  4.189   1.00 30.69  ? 1   G   A C6     1 
ATOM   15  O  O6     . G   A 1 1  ? 10.102  -6.346  3.097   1.00 30.27  ? 1   G   A O6     1 
ATOM   16  N  N1     . G   A 1 1  ? 10.353  -6.264  5.351   1.00 30.77  ? 1   G   A N1     1 
ATOM   17  C  C2     . G   A 1 1  ? 10.185  -6.735  6.617   1.00 32.06  ? 1   G   A C2     1 
ATOM   18  N  N2     . G   A 1 1  ? 10.672  -5.977  7.606   1.00 32.41  ? 1   G   A N2     1 
ATOM   19  N  N3     . G   A 1 1  ? 9.612   -7.889  6.896   1.00 33.01  ? 1   G   A N3     1 
ATOM   20  C  C4     . G   A 1 1  ? 9.187   -8.525  5.786   1.00 31.51  ? 1   G   A C4     1 
ATOM   21  H  "H5'"  . G   A 1 1  ? 6.029   -13.508 5.533   1.00 49.81  ? 1   G   A "H5'"  1 
ATOM   22  H  "H5''" . G   A 1 1  ? 4.674   -12.770 5.869   1.00 49.81  ? 1   G   A "H5''" 1 
ATOM   23  H  "H4'"  . G   A 1 1  ? 6.167   -12.398 7.587   1.00 36.07  ? 1   G   A "H4'"  1 
ATOM   24  H  "H3'"  . G   A 1 1  ? 5.733   -10.006 6.127   1.00 38.58  ? 1   G   A "H3'"  1 
ATOM   25  H  "H2'"  . G   A 1 1  ? 7.063   -8.904  7.636   1.00 37.13  ? 1   G   A "H2'"  1 
ATOM   26  H  "HO2'" . G   A 1 1  ? 6.534   -10.930 9.150   1.00 38.02  ? 1   G   A "HO2'" 1 
ATOM   27  H  "H1'"  . G   A 1 1  ? 8.959   -10.658 7.512   1.00 37.08  ? 1   G   A "H1'"  1 
ATOM   28  H  H8     . G   A 1 1  ? 7.846   -10.786 4.162   1.00 35.54  ? 1   G   A H8     1 
ATOM   29  H  H1     . G   A 1 1  ? 10.766  -5.515  5.263   1.00 28.36  ? 1   G   A H1     1 
ATOM   30  H  H21    . G   A 1 1  ? 11.047  -5.224  7.427   1.00 37.27  ? 1   G   A H21    1 
ATOM   31  H  H22    . G   A 1 1  ? 10.612  -6.243  8.422   1.00 37.27  ? 1   G   A H22    1 
ATOM   32  H  "HO5'" . G   A 1 1  ? 5.328   -11.168 4.357   1.00 48.77  ? 1   G   A "HO5'" 1 
ATOM   33  P  P      . G   A 1 2  ? 3.597   -9.164  7.465   1.00 37.23  ? 2   G   A P      1 
ATOM   34  O  OP1    . G   A 1 2  ? 2.385   -9.449  8.226   1.00 39.58  ? 2   G   A OP1    1 
ATOM   35  O  OP2    . G   A 1 2  ? 3.560   -8.786  6.021   1.00 38.71  ? 2   G   A OP2    1 
ATOM   36  O  "O5'"  . G   A 1 2  ? 4.341   -7.926  8.107   1.00 34.90  ? 2   G   A "O5'"  1 
ATOM   37  C  "C5'"  . G   A 1 2  ? 4.677   -7.908  9.482   1.00 36.20  ? 2   G   A "C5'"  1 
ATOM   38  C  "C4'"  . G   A 1 2  ? 5.604   -6.763  9.786   1.00 33.98  ? 2   G   A "C4'"  1 
ATOM   39  O  "O4'"  . G   A 1 2  ? 6.812   -6.856  8.990   1.00 34.11  ? 2   G   A "O4'"  1 
ATOM   40  C  "C3'"  . G   A 1 2  ? 5.085   -5.365  9.474   1.00 33.10  ? 2   G   A "C3'"  1 
ATOM   41  O  "O3'"  . G   A 1 2  ? 4.172   -4.899  10.441  1.00 34.68  ? 2   G   A "O3'"  1 
ATOM   42  C  "C2'"  . G   A 1 2  ? 6.374   -4.566  9.427   1.00 32.63  ? 2   G   A "C2'"  1 
ATOM   43  O  "O2'"  . G   A 1 2  ? 6.879   -4.369  10.736  1.00 32.40  ? 2   G   A "O2'"  1 
ATOM   44  C  "C1'"  . G   A 1 2  ? 7.282   -5.549  8.692   1.00 32.72  ? 2   G   A "C1'"  1 
ATOM   45  N  N9     . G   A 1 2  ? 7.214   -5.346  7.237   1.00 31.93  ? 2   G   A N9     1 
ATOM   46  C  C8     . G   A 1 2  ? 6.579   -6.098  6.290   1.00 31.85  ? 2   G   A C8     1 
ATOM   47  N  N7     . G   A 1 2  ? 6.709   -5.621  5.087   1.00 32.59  ? 2   G   A N7     1 
ATOM   48  C  C5     . G   A 1 2  ? 7.466   -4.478  5.261   1.00 32.65  ? 2   G   A C5     1 
ATOM   49  C  C6     . G   A 1 2  ? 7.933   -3.523  4.323   1.00 33.04  ? 2   G   A C6     1 
ATOM   50  O  O6     . G   A 1 2  ? 7.794   -3.496  3.106   1.00 31.68  ? 2   G   A O6     1 
ATOM   51  N  N1     . G   A 1 2  ? 8.657   -2.528  4.961   1.00 33.18  ? 2   G   A N1     1 
ATOM   52  C  C2     . G   A 1 2  ? 8.905   -2.429  6.296   1.00 32.59  ? 2   G   A C2     1 
ATOM   53  N  N2     . G   A 1 2  ? 9.637   -1.370  6.680   1.00 32.89  ? 2   G   A N2     1 
ATOM   54  N  N3     . G   A 1 2  ? 8.475   -3.306  7.189   1.00 32.07  ? 2   G   A N3     1 
ATOM   55  C  C4     . G   A 1 2  ? 7.779   -4.293  6.582   1.00 31.85  ? 2   G   A C4     1 
ATOM   56  H  "H5'"  . G   A 1 2  ? 5.111   -8.743  9.716   1.00 44.25  ? 2   G   A "H5'"  1 
ATOM   57  H  "H5''" . G   A 1 2  ? 3.869   -7.814  10.008  1.00 44.25  ? 2   G   A "H5''" 1 
ATOM   58  H  "H4'"  . G   A 1 2  ? 5.841   -6.813  10.725  1.00 38.84  ? 2   G   A "H4'"  1 
ATOM   59  H  "H3'"  . G   A 1 2  ? 4.659   -5.356  8.603   1.00 35.10  ? 2   G   A "H3'"  1 
ATOM   60  H  "H2'"  . G   A 1 2  ? 6.280   -3.728  8.947   1.00 36.24  ? 2   G   A "H2'"  1 
ATOM   61  H  "HO2'" . G   A 1 2  ? 6.284   -4.575  11.293  1.00 37.77  ? 2   G   A "HO2'" 1 
ATOM   62  H  "H1'"  . G   A 1 2  ? 8.199   -5.457  8.998   1.00 36.62  ? 2   G   A "H1'"  1 
ATOM   63  H  H8     . G   A 1 2  ? 6.103   -6.872  6.484   1.00 29.79  ? 2   G   A H8     1 
ATOM   64  H  H1     . G   A 1 2  ? 8.982   -1.908  4.462   1.00 33.92  ? 2   G   A H1     1 
ATOM   65  H  H21    . G   A 1 2  ? 9.913   -0.803  6.096   1.00 40.41  ? 2   G   A H21    1 
ATOM   66  H  H22    . G   A 1 2  ? 9.830   -1.259  7.511   1.00 40.41  ? 2   G   A H22    1 
ATOM   67  P  P      . U   A 1 3  ? 3.009   -3.859  10.049  1.00 35.39  ? 3   U   A P      1 
ATOM   68  O  OP1    . U   A 1 3  ? 2.190   -3.737  11.269  1.00 38.70  ? 3   U   A OP1    1 
ATOM   69  O  OP2    . U   A 1 3  ? 2.424   -4.186  8.717   1.00 35.76  ? 3   U   A OP2    1 
ATOM   70  O  "O5'"  . U   A 1 3  ? 3.787   -2.508  9.776   1.00 35.11  ? 3   U   A "O5'"  1 
ATOM   71  C  "C5'"  . U   A 1 3  ? 4.534   -1.873  10.796  1.00 37.44  ? 3   U   A "C5'"  1 
ATOM   72  C  "C4'"  . U   A 1 3  ? 5.334   -0.740  10.211  1.00 32.60  ? 3   U   A "C4'"  1 
ATOM   73  O  "O4'"  . U   A 1 3  ? 6.218   -1.233  9.168   1.00 31.49  ? 3   U   A "O4'"  1 
ATOM   74  C  "C3'"  . U   A 1 3  ? 4.528   0.336   9.514   1.00 32.84  ? 3   U   A "C3'"  1 
ATOM   75  O  "O3'"  . U   A 1 3  ? 3.916   1.225   10.421  1.00 35.38  ? 3   U   A "O3'"  1 
ATOM   76  C  "C2'"  . U   A 1 3  ? 5.560   0.985   8.610   1.00 32.99  ? 3   U   A "C2'"  1 
ATOM   77  O  "O2'"  . U   A 1 3  ? 6.402   1.860   9.349   1.00 32.42  ? 3   U   A "O2'"  1 
ATOM   78  C  "C1'"  . U   A 1 3  ? 6.369   -0.231  8.169   1.00 31.27  ? 3   U   A "C1'"  1 
ATOM   79  N  N1     . U   A 1 3  ? 5.902   -0.766  6.874   1.00 32.15  ? 3   U   A N1     1 
ATOM   80  C  C2     . U   A 1 3  ? 6.332   -0.094  5.751   1.00 32.50  ? 3   U   A C2     1 
ATOM   81  O  O2     . U   A 1 3  ? 7.020   0.913   5.812   1.00 32.63  ? 3   U   A O2     1 
ATOM   82  N  N3     . U   A 1 3  ? 5.896   -0.622  4.568   1.00 32.60  ? 3   U   A N3     1 
ATOM   83  C  C4     . U   A 1 3  ? 5.111   -1.740  4.391   1.00 33.17  ? 3   U   A C4     1 
ATOM   84  O  O4     . U   A 1 3  ? 4.808   -2.092  3.248   1.00 32.61  ? 3   U   A O4     1 
ATOM   85  C  C5     . U   A 1 3  ? 4.703   -2.389  5.605   1.00 32.72  ? 3   U   A C5     1 
ATOM   86  C  C6     . U   A 1 3  ? 5.115   -1.885  6.777   1.00 32.73  ? 3   U   A C6     1 
ATOM   87  H  "H5'"  . U   A 1 3  ? 5.133   -2.515  11.207  1.00 52.11  ? 3   U   A "H5'"  1 
ATOM   88  H  "H5''" . U   A 1 3  ? 3.930   -1.528  11.473  1.00 52.11  ? 3   U   A "H5''" 1 
ATOM   89  H  "H4'"  . U   A 1 3  ? 5.873   -0.345  10.913  1.00 35.39  ? 3   U   A "H4'"  1 
ATOM   90  H  "H3'"  . U   A 1 3  ? 3.843   -0.074  8.962   1.00 31.23  ? 3   U   A "H3'"  1 
ATOM   91  H  "H2'"  . U   A 1 3  ? 5.154   1.437   7.855   1.00 34.96  ? 3   U   A "H2'"  1 
ATOM   92  H  "HO2'" . U   A 1 3  ? 6.528   1.537   10.114  1.00 38.65  ? 3   U   A "HO2'" 1 
ATOM   93  H  "H1'"  . U   A 1 3  ? 7.306   0.006   8.096   1.00 32.11  ? 3   U   A "H1'"  1 
ATOM   94  H  H3     . U   A 1 3  ? 6.140   -0.210  3.853   1.00 29.46  ? 3   U   A H3     1 
ATOM   95  H  H5     . U   A 1 3  ? 4.162   -3.144  5.579   1.00 34.36  ? 3   U   A H5     1 
ATOM   96  H  H6     . U   A 1 3  ? 4.854   -2.314  7.561   1.00 33.27  ? 3   U   A H6     1 
ATOM   97  P  P      . G   A 1 4  ? 2.553   1.954   10.009  1.00 35.49  ? 4   G   A P      1 
ATOM   98  O  OP1    . G   A 1 4  ? 2.131   2.773   11.178  1.00 37.55  ? 4   G   A OP1    1 
ATOM   99  O  OP2    . G   A 1 4  ? 1.637   0.988   9.331   1.00 37.24  ? 4   G   A OP2    1 
ATOM   100 O  "O5'"  . G   A 1 4  ? 3.026   2.979   8.893   1.00 34.69  ? 4   G   A "O5'"  1 
ATOM   101 C  "C5'"  . G   A 1 4  ? 3.810   4.078   9.303   1.00 38.34  ? 4   G   A "C5'"  1 
ATOM   102 C  "C4'"  . G   A 1 4  ? 4.052   5.022   8.176   1.00 36.15  ? 4   G   A "C4'"  1 
ATOM   103 O  "O4'"  . G   A 1 4  ? 4.920   4.396   7.203   1.00 33.19  ? 4   G   A "O4'"  1 
ATOM   104 C  "C3'"  . G   A 1 4  ? 2.838   5.424   7.369   1.00 35.56  ? 4   G   A "C3'"  1 
ATOM   105 O  "O3'"  . G   A 1 4  ? 2.039   6.398   8.029   1.00 39.84  ? 4   G   A "O3'"  1 
ATOM   106 C  "C2'"  . G   A 1 4  ? 3.476   5.903   6.081   1.00 34.09  ? 4   G   A "C2'"  1 
ATOM   107 O  "O2'"  . G   A 1 4  ? 4.088   7.168   6.263   1.00 34.64  ? 4   G   A "O2'"  1 
ATOM   108 C  "C1'"  . G   A 1 4  ? 4.592   4.865   5.917   1.00 34.13  ? 4   G   A "C1'"  1 
ATOM   109 N  N9     . G   A 1 4  ? 4.156   3.714   5.117   1.00 34.81  ? 4   G   A N9     1 
ATOM   110 C  C8     . G   A 1 4  ? 3.650   2.533   5.568   1.00 34.40  ? 4   G   A C8     1 
ATOM   111 N  N7     . G   A 1 4  ? 3.350   1.708   4.600   1.00 32.17  ? 4   G   A N7     1 
ATOM   112 C  C5     . G   A 1 4  ? 3.692   2.377   3.436   1.00 33.51  ? 4   G   A C5     1 
ATOM   113 C  C6     . G   A 1 4  ? 3.605   1.985   2.070   1.00 34.71  ? 4   G   A C6     1 
ATOM   114 O  O6     . G   A 1 4  ? 3.191   0.923   1.562   1.00 31.97  ? 4   G   A O6     1 
ATOM   115 N  N1     . G   A 1 4  ? 4.054   3.007   1.230   1.00 34.07  ? 4   G   A N1     1 
ATOM   116 C  C2     . G   A 1 4  ? 4.538   4.221   1.652   1.00 34.87  ? 4   G   A C2     1 
ATOM   117 N  N2     . G   A 1 4  ? 4.932   5.044   0.682   1.00 32.97  ? 4   G   A N2     1 
ATOM   118 N  N3     . G   A 1 4  ? 4.636   4.597   2.920   1.00 34.81  ? 4   G   A N3     1 
ATOM   119 C  C4     . G   A 1 4  ? 4.197   3.626   3.746   1.00 36.28  ? 4   G   A C4     1 
ATOM   120 H  "H5'"  . G   A 1 4  ? 4.662   3.754   9.634   1.00 50.86  ? 4   G   A "H5'"  1 
ATOM   121 H  "H5''" . G   A 1 4  ? 3.351   4.547   10.017  1.00 50.86  ? 4   G   A "H5''" 1 
ATOM   122 H  "H4'"  . G   A 1 4  ? 4.478   5.822   8.523   1.00 44.78  ? 4   G   A "H4'"  1 
ATOM   123 H  "H3'"  . G   A 1 4  ? 2.285   4.649   7.181   1.00 36.23  ? 4   G   A "H3'"  1 
ATOM   124 H  "H2'"  . G   A 1 4  ? 2.850   5.903   5.341   1.00 34.24  ? 4   G   A "H2'"  1 
ATOM   125 H  "HO2'" . G   A 1 4  ? 3.611   7.630   6.776   1.00 43.99  ? 4   G   A "HO2'" 1 
ATOM   126 H  "H1'"  . G   A 1 4  ? 5.366   5.281   5.505   1.00 39.80  ? 4   G   A "H1'"  1 
ATOM   127 H  H8     . G   A 1 4  ? 3.529   2.336   6.470   1.00 35.18  ? 4   G   A H8     1 
ATOM   128 H  H1     . G   A 1 4  ? 4.027   2.865   0.383   1.00 38.06  ? 4   G   A H1     1 
ATOM   129 H  H21    . G   A 1 4  ? 4.869   4.802   -0.141  1.00 40.31  ? 4   G   A H21    1 
ATOM   130 H  H22    . G   A 1 4  ? 5.249   5.819   0.879   1.00 40.31  ? 4   G   A H22    1 
ATOM   131 P  P      . G   A 1 5  ? 0.557   6.677   7.497   1.00 40.83  ? 5   G   A P      1 
ATOM   132 O  OP1    . G   A 1 5  ? -0.117  7.630   8.424   1.00 46.73  ? 5   G   A OP1    1 
ATOM   133 O  OP2    . G   A 1 5  ? -0.096  5.338   7.293   1.00 38.55  ? 5   G   A OP2    1 
ATOM   134 O  "O5'"  . G   A 1 5  ? 0.857   7.432   6.126   1.00 44.39  ? 5   G   A "O5'"  1 
ATOM   135 C  "C5'"  . G   A 1 5  ? 0.139   7.119   4.962   1.00 41.60  ? 5   G   A "C5'"  1 
ATOM   136 C  "C4'"  . G   A 1 5  ? 0.668   7.839   3.751   1.00 41.28  ? 5   G   A "C4'"  1 
ATOM   137 O  "O4'"  . G   A 1 5  ? 1.802   7.102   3.218   1.00 37.59  ? 5   G   A "O4'"  1 
ATOM   138 C  "C3'"  . G   A 1 5  ? -0.343  7.880   2.617   1.00 36.33  ? 5   G   A "C3'"  1 
ATOM   139 O  "O3'"  . G   A 1 5  ? -1.184  9.016   2.668   1.00 37.75  ? 5   G   A "O3'"  1 
ATOM   140 C  "C2'"  . G   A 1 5  ? 0.505   7.790   1.360   1.00 35.25  ? 5   G   A "C2'"  1 
ATOM   141 O  "O2'"  . G   A 1 5  ? 0.989   9.058   0.964   1.00 35.35  ? 5   G   A "O2'"  1 
ATOM   142 C  "C1'"  . G   A 1 5  ? 1.649   6.899   1.832   1.00 37.06  ? 5   G   A "C1'"  1 
ATOM   143 N  N9     . G   A 1 5  ? 1.290   5.486   1.639   1.00 35.32  ? 5   G   A N9     1 
ATOM   144 C  C8     . G   A 1 5  ? 0.977   4.583   2.617   1.00 35.50  ? 5   G   A C8     1 
ATOM   145 N  N7     . G   A 1 5  ? 0.646   3.413   2.155   1.00 35.19  ? 5   G   A N7     1 
ATOM   146 C  C5     . G   A 1 5  ? 0.744   3.559   0.777   1.00 34.25  ? 5   G   A C5     1 
ATOM   147 C  C6     . G   A 1 5  ? 0.510   2.624   -0.259  1.00 32.91  ? 5   G   A C6     1 
ATOM   148 O  O6     . G   A 1 5  ? 0.167   1.458   -0.110  1.00 33.35  ? 5   G   A O6     1 
ATOM   149 N  N1     . G   A 1 5  ? 0.716   3.162   -1.522  1.00 33.50  ? 5   G   A N1     1 
ATOM   150 C  C2     . G   A 1 5  ? 1.090   4.456   -1.763  1.00 35.10  ? 5   G   A C2     1 
ATOM   151 N  N2     . G   A 1 5  ? 1.212   4.805   -3.051  1.00 34.39  ? 5   G   A N2     1 
ATOM   152 N  N3     . G   A 1 5  ? 1.325   5.343   -0.789  1.00 34.79  ? 5   G   A N3     1 
ATOM   153 C  C4     . G   A 1 5  ? 1.135   4.825   0.436   1.00 33.83  ? 5   G   A C4     1 
ATOM   154 H  "H5'"  . G   A 1 5  ? -0.790  7.365   5.092   1.00 53.69  ? 5   G   A "H5'"  1 
ATOM   155 H  "H5''" . G   A 1 5  ? 0.194   6.163   4.807   1.00 53.69  ? 5   G   A "H5''" 1 
ATOM   156 H  "H4'"  . G   A 1 5  ? 0.974   8.733   3.966   1.00 53.45  ? 5   G   A "H4'"  1 
ATOM   157 H  "H3'"  . G   A 1 5  ? -0.886  7.077   2.666   1.00 34.26  ? 5   G   A "H3'"  1 
ATOM   158 H  "H2'"  . G   A 1 5  ? 0.025   7.372   0.628   1.00 32.67  ? 5   G   A "H2'"  1 
ATOM   159 H  "HO2'" . G   A 1 5  ? 0.446   9.400   0.423   1.00 38.19  ? 5   G   A "HO2'" 1 
ATOM   160 H  "H1'"  . G   A 1 5  ? 2.473   7.130   1.374   1.00 42.40  ? 5   G   A "H1'"  1 
ATOM   161 H  H8     . G   A 1 5  ? 1.001   4.786   3.525   1.00 36.76  ? 5   G   A H8     1 
ATOM   162 H  H1     . G   A 1 5  ? 0.601   2.645   -2.200  1.00 39.10  ? 5   G   A H1     1 
ATOM   163 H  H21    . G   A 1 5  ? 1.059   4.227   -3.670  1.00 41.45  ? 5   G   A H21    1 
ATOM   164 H  H22    . G   A 1 5  ? 1.443   5.607   -3.260  1.00 41.45  ? 5   G   A H22    1 
ATOM   165 P  P      . G   A 1 6  ? -2.755  8.804   2.482   1.00 35.91  ? 6   G   A P      1 
ATOM   166 O  OP1    . G   A 1 6  ? -3.360  10.146  2.741   1.00 37.14  ? 6   G   A OP1    1 
ATOM   167 O  OP2    . G   A 1 6  ? -3.137  7.633   3.326   1.00 37.40  ? 6   G   A OP2    1 
ATOM   168 O  "O5'"  . G   A 1 6  ? -2.888  8.392   0.957   1.00 33.11  ? 6   G   A "O5'"  1 
ATOM   169 C  "C5'"  . G   A 1 6  ? -2.649  9.351   -0.054  1.00 31.97  ? 6   G   A "C5'"  1 
ATOM   170 C  "C4'"  . G   A 1 6  ? -2.614  8.748   -1.436  1.00 30.02  ? 6   G   A "C4'"  1 
ATOM   171 O  "O4'"  . G   A 1 6  ? -1.593  7.737   -1.550  1.00 29.45  ? 6   G   A "O4'"  1 
ATOM   172 C  "C3'"  . G   A 1 6  ? -3.863  8.040   -1.923  1.00 29.56  ? 6   G   A "C3'"  1 
ATOM   173 O  "O3'"  . G   A 1 6  ? -4.888  8.936   -2.259  1.00 30.03  ? 6   G   A "O3'"  1 
ATOM   174 C  "C2'"  . G   A 1 6  ? -3.306  7.258   -3.100  1.00 28.25  ? 6   G   A "C2'"  1 
ATOM   175 O  "O2'"  . G   A 1 6  ? -3.026  8.141   -4.178  1.00 28.67  ? 6   G   A "O2'"  1 
ATOM   176 C  "C1'"  . G   A 1 6  ? -1.989  6.769   -2.501  1.00 28.44  ? 6   G   A "C1'"  1 
ATOM   177 N  N9     . G   A 1 6  ? -2.208  5.493   -1.808  1.00 29.25  ? 6   G   A N9     1 
ATOM   178 C  C8     . G   A 1 6  ? -2.318  5.256   -0.463  1.00 30.94  ? 6   G   A C8     1 
ATOM   179 N  N7     . G   A 1 6  ? -2.556  4.004   -0.179  1.00 31.85  ? 6   G   A N7     1 
ATOM   180 C  C5     . G   A 1 6  ? -2.642  3.388   -1.418  1.00 30.57  ? 6   G   A C5     1 
ATOM   181 C  C6     . G   A 1 6  ? -2.906  2.035   -1.764  1.00 31.91  ? 6   G   A C6     1 
ATOM   182 O  O6     . G   A 1 6  ? -3.126  1.068   -1.018  1.00 32.98  ? 6   G   A O6     1 
ATOM   183 N  N1     . G   A 1 6  ? -2.916  1.858   -3.144  1.00 31.09  ? 6   G   A N1     1 
ATOM   184 C  C2     . G   A 1 6  ? -2.679  2.842   -4.067  1.00 30.81  ? 6   G   A C2     1 
ATOM   185 N  N2     . G   A 1 6  ? -2.737  2.461   -5.350  1.00 31.95  ? 6   G   A N2     1 
ATOM   186 N  N3     . G   A 1 6  ? -2.437  4.105   -3.761  1.00 28.57  ? 6   G   A N3     1 
ATOM   187 C  C4     . G   A 1 6  ? -2.430  4.295   -2.430  1.00 29.25  ? 6   G   A C4     1 
ATOM   188 H  "H5'"  . G   A 1 6  ? -1.797  9.781   0.119   1.00 36.37  ? 6   G   A "H5'"  1 
ATOM   189 H  "H5''" . G   A 1 6  ? -3.353  10.018  -0.023  1.00 36.37  ? 6   G   A "H5''" 1 
ATOM   190 H  "H4'"  . G   A 1 6  ? -2.403  9.471   -2.047  1.00 30.96  ? 6   G   A "H4'"  1 
ATOM   191 H  "H3'"  . G   A 1 6  ? -4.199  7.425   -1.251  1.00 32.35  ? 6   G   A "H3'"  1 
ATOM   192 H  "H2'"  . G   A 1 6  ? -3.874  6.522   -3.376  1.00 33.83  ? 6   G   A "H2'"  1 
ATOM   193 H  "HO2'" . G   A 1 6  ? -2.240  8.429   -4.097  1.00 36.44  ? 6   G   A "HO2'" 1 
ATOM   194 H  "H1'"  . G   A 1 6  ? -1.299  6.680   -3.176  1.00 33.50  ? 6   G   A "H1'"  1 
ATOM   195 H  H8     . G   A 1 6  ? -2.231  5.920   0.182   1.00 35.32  ? 6   G   A H8     1 
ATOM   196 H  H1     . G   A 1 6  ? -3.083  1.069   -3.441  1.00 31.21  ? 6   G   A H1     1 
ATOM   197 H  H21    . G   A 1 6  ? -2.893  1.639   -5.548  1.00 31.70  ? 6   G   A H21    1 
ATOM   198 H  H22    . G   A 1 6  ? -2.616  3.037   -5.976  1.00 31.70  ? 6   G   A H22    1 
ATOM   199 P  P      . G   A 1 7  ? -6.430  8.455   -2.269  1.00 31.38  ? 7   G   A P      1 
ATOM   200 O  OP1    . G   A 1 7  ? -7.225  9.695   -2.459  1.00 32.90  ? 7   G   A OP1    1 
ATOM   201 O  OP2    . G   A 1 7  ? -6.598  7.581   -1.077  1.00 33.09  ? 7   G   A OP2    1 
ATOM   202 O  "O5'"  . G   A 1 7  ? -6.523  7.504   -3.532  1.00 32.14  ? 7   G   A "O5'"  1 
ATOM   203 C  "C5'"  . G   A 1 7  ? -6.332  8.006   -4.842  1.00 33.84  ? 7   G   A "C5'"  1 
ATOM   204 C  "C4'"  . G   A 1 7  ? -6.502  6.931   -5.880  1.00 33.68  ? 7   G   A "C4'"  1 
ATOM   205 O  "O4'"  . G   A 1 7  ? -5.485  5.903   -5.731  1.00 32.92  ? 7   G   A "O4'"  1 
ATOM   206 C  "C3'"  . G   A 1 7  ? -7.805  6.151   -5.835  1.00 33.01  ? 7   G   A "C3'"  1 
ATOM   207 O  "O3'"  . G   A 1 7  ? -8.898  6.876   -6.367  1.00 32.90  ? 7   G   A "O3'"  1 
ATOM   208 C  "C2'"  . G   A 1 7  ? -7.444  4.900   -6.618  1.00 32.74  ? 7   G   A "C2'"  1 
ATOM   209 O  "O2'"  . G   A 1 7  ? -7.396  5.166   -8.009  1.00 33.12  ? 7   G   A "O2'"  1 
ATOM   210 C  "C1'"  . G   A 1 7  ? -6.022  4.648   -6.112  1.00 33.46  ? 7   G   A "C1'"  1 
ATOM   211 N  N9     . G   A 1 7  ? -6.048  3.768   -4.934  1.00 34.48  ? 7   G   A N9     1 
ATOM   212 C  C8     . G   A 1 7  ? -5.973  4.128   -3.607  1.00 32.74  ? 7   G   A C8     1 
ATOM   213 N  N7     . G   A 1 7  ? -6.053  3.112   -2.792  1.00 32.48  ? 7   G   A N7     1 
ATOM   214 C  C5     . G   A 1 7  ? -6.216  2.016   -3.630  1.00 35.77  ? 7   G   A C5     1 
ATOM   215 C  C6     . G   A 1 7  ? -6.379  0.638   -3.313  1.00 37.00  ? 7   G   A C6     1 
ATOM   216 O  O6     . G   A 1 7  ? -6.397  0.105   -2.203  1.00 37.06  ? 7   G   A O6     1 
ATOM   217 N  N1     . G   A 1 7  ? -6.529  -0.146  -4.449  1.00 37.93  ? 7   G   A N1     1 
ATOM   218 C  C2     . G   A 1 7  ? -6.514  0.328   -5.733  1.00 35.95  ? 7   G   A C2     1 
ATOM   219 N  N2     . G   A 1 7  ? -6.680  -0.626  -6.674  1.00 35.30  ? 7   G   A N2     1 
ATOM   220 N  N3     . G   A 1 7  ? -6.371  1.624   -6.051  1.00 34.85  ? 7   G   A N3     1 
ATOM   221 C  C4     . G   A 1 7  ? -6.222  2.397   -4.954  1.00 37.29  ? 7   G   A C4     1 
ATOM   222 H  "H5'"  . G   A 1 7  ? -5.439  8.375   -4.912  1.00 44.91  ? 7   G   A "H5'"  1 
ATOM   223 H  "H5''" . G   A 1 7  ? -6.979  8.711   -5.007  1.00 44.91  ? 7   G   A "H5''" 1 
ATOM   224 H  "H4'"  . G   A 1 7  ? -6.402  7.340   -6.754  1.00 42.60  ? 7   G   A "H4'"  1 
ATOM   225 H  "H3'"  . G   A 1 7  ? -8.013  5.905   -4.920  1.00 39.29  ? 7   G   A "H3'"  1 
ATOM   226 H  "H2'"  . G   A 1 7  ? -8.038  4.159   -6.422  1.00 34.41  ? 7   G   A "H2'"  1 
ATOM   227 H  "HO2'" . G   A 1 7  ? -7.667  5.949   -8.148  1.00 37.29  ? 7   G   A "HO2'" 1 
ATOM   228 H  "H1'"  . G   A 1 7  ? -5.468  4.264   -6.810  1.00 36.45  ? 7   G   A "H1'"  1 
ATOM   229 H  H8     . G   A 1 7  ? -5.876  5.007   -3.320  1.00 36.66  ? 7   G   A H8     1 
ATOM   230 H  H1     . G   A 1 7  ? -6.640  -0.991  -4.338  1.00 38.68  ? 7   G   A H1     1 
ATOM   231 H  H21    . G   A 1 7  ? -6.770  -1.449  -6.442  1.00 41.77  ? 7   G   A H21    1 
ATOM   232 H  H22    . G   A 1 7  ? -6.697  -0.410  -7.507  1.00 41.77  ? 7   G   A H22    1 
ATOM   233 P  P      . A   A 1 8  ? -10.403 6.382   -6.081  1.00 35.47  ? 8   A   A P      1 
ATOM   234 O  OP1    . A   A 1 8  ? -10.562 4.974   -6.534  1.00 36.68  ? 8   A   A OP1    1 
ATOM   235 O  OP2    . A   A 1 8  ? -11.282 7.468   -6.610  1.00 35.16  ? 8   A   A OP2    1 
ATOM   236 O  "O5'"  . A   A 1 8  ? -10.524 6.290   -4.497  1.00 35.47  ? 8   A   A "O5'"  1 
ATOM   237 C  "C5'"  . A   A 1 8  ? -10.346 7.440   -3.684  1.00 35.49  ? 8   A   A "C5'"  1 
ATOM   238 C  "C4'"  . A   A 1 8  ? -11.399 7.510   -2.613  1.00 39.16  ? 8   A   A "C4'"  1 
ATOM   239 O  "O4'"  . A   A 1 8  ? -12.694 7.732   -3.234  1.00 41.30  ? 8   A   A "O4'"  1 
ATOM   240 C  "C3'"  . A   A 1 8  ? -11.588 6.245   -1.795  1.00 39.51  ? 8   A   A "C3'"  1 
ATOM   241 O  "O3'"  . A   A 1 8  ? -10.645 6.129   -0.740  1.00 39.37  ? 8   A   A "O3'"  1 
ATOM   242 C  "C2'"  . A   A 1 8  ? -13.027 6.375   -1.325  1.00 42.67  ? 8   A   A "C2'"  1 
ATOM   243 O  "O2'"  . A   A 1 8  ? -13.116 7.298   -0.250  1.00 44.65  ? 8   A   A "O2'"  1 
ATOM   244 C  "C1'"  . A   A 1 8  ? -13.687 6.994   -2.559  1.00 42.30  ? 8   A   A "C1'"  1 
ATOM   245 N  N9     . A   A 1 8  ? -14.180 5.968   -3.492  1.00 39.82  ? 8   A   A N9     1 
ATOM   246 C  C8     . A   A 1 8  ? -13.895 5.862   -4.831  1.00 41.65  ? 8   A   A C8     1 
ATOM   247 N  N7     . A   A 1 8  ? -14.453 4.826   -5.405  1.00 42.44  ? 8   A   A N7     1 
ATOM   248 C  C5     . A   A 1 8  ? -15.156 4.207   -4.376  1.00 41.32  ? 8   A   A C5     1 
ATOM   249 C  C6     . A   A 1 8  ? -15.974 3.057   -4.337  1.00 43.60  ? 8   A   A C6     1 
ATOM   250 N  N6     . A   A 1 8  ? -16.231 2.280   -5.399  1.00 42.87  ? 8   A   A N6     1 
ATOM   251 N  N1     . A   A 1 8  ? -16.527 2.718   -3.151  1.00 43.58  ? 8   A   A N1     1 
ATOM   252 C  C2     . A   A 1 8  ? -16.270 3.494   -2.090  1.00 45.52  ? 8   A   A C2     1 
ATOM   253 N  N3     . A   A 1 8  ? -15.522 4.598   -2.002  1.00 43.99  ? 8   A   A N3     1 
ATOM   254 C  C4     . A   A 1 8  ? -14.999 4.907   -3.196  1.00 41.54  ? 8   A   A C4     1 
ATOM   255 H  "H5'"  . A   A 1 8  ? -10.402 8.234   -4.240  1.00 38.60  ? 8   A   A "H5'"  1 
ATOM   256 H  "H5''" . A   A 1 8  ? -9.470  7.405   -3.270  1.00 38.60  ? 8   A   A "H5''" 1 
ATOM   257 H  "H4'"  . A   A 1 8  ? -11.205 8.246   -2.011  1.00 47.98  ? 8   A   A "H4'"  1 
ATOM   258 H  "H3'"  . A   A 1 8  ? -11.513 5.470   -2.373  1.00 45.68  ? 8   A   A "H3'"  1 
ATOM   259 H  "H2'"  . A   A 1 8  ? -13.418 5.516   -1.098  1.00 51.81  ? 8   A   A "H2'"  1 
ATOM   260 H  "HO2'" . A   A 1 8  ? -12.610 7.045   0.370   1.00 54.53  ? 8   A   A "HO2'" 1 
ATOM   261 H  "H1'"  . A   A 1 8  ? -14.415 7.571   -2.282  1.00 54.01  ? 8   A   A "H1'"  1 
ATOM   262 H  H8     . A   A 1 8  ? -13.356 6.467   -5.286  1.00 55.19  ? 8   A   A H8     1 
ATOM   263 H  H61    . A   A 1 8  ? -16.736 1.589   -5.313  1.00 54.57  ? 8   A   A H61    1 
ATOM   264 H  H62    . A   A 1 8  ? -15.891 2.473   -6.165  1.00 54.57  ? 8   A   A H62    1 
ATOM   265 H  H2     . A   A 1 8  ? -16.672 3.225   -1.296  1.00 54.21  ? 8   A   A H2     1 
ATOM   266 P  P      . C   A 1 9  ? -9.978  4.707   -0.417  1.00 37.90  ? 9   C   A P      1 
ATOM   267 O  OP1    . C   A 1 9  ? -9.079  4.849   0.764   1.00 39.16  ? 9   C   A OP1    1 
ATOM   268 O  OP2    . C   A 1 9  ? -9.427  4.153   -1.674  1.00 37.11  ? 9   C   A OP2    1 
ATOM   269 O  "O5'"  . C   A 1 9  ? -11.221 3.763   -0.090  1.00 39.16  ? 9   C   A "O5'"  1 
ATOM   270 C  "C5'"  . C   A 1 9  ? -11.945 3.859   1.122   1.00 42.04  ? 9   C   A "C5'"  1 
ATOM   271 C  "C4'"  . C   A 1 9  ? -12.665 2.564   1.385   1.00 41.44  ? 9   C   A "C4'"  1 
ATOM   272 O  "O4'"  . C   A 1 9  ? -13.741 2.386   0.423   1.00 41.39  ? 9   C   A "O4'"  1 
ATOM   273 C  "C3'"  . C   A 1 9  ? -11.809 1.321   1.221   1.00 44.99  ? 9   C   A "C3'"  1 
ATOM   274 O  "O3'"  . C   A 1 9  ? -11.030 1.048   2.370   1.00 44.09  ? 9   C   A "O3'"  1 
ATOM   275 C  "C2'"  . C   A 1 9  ? -12.830 0.245   0.892   1.00 41.93  ? 9   C   A "C2'"  1 
ATOM   276 O  "O2'"  . C   A 1 9  ? -13.493 -0.205  2.061   1.00 43.91  ? 9   C   A "O2'"  1 
ATOM   277 C  "C1'"  . C   A 1 9  ? -13.832 1.028   0.049   1.00 41.58  ? 9   C   A "C1'"  1 
ATOM   278 N  N1     . C   A 1 9  ? -13.584 0.921   -1.410  1.00 39.81  ? 9   C   A N1     1 
ATOM   279 C  C2     . C   A 1 9  ? -13.858 -0.288  -2.047  1.00 39.78  ? 9   C   A C2     1 
ATOM   280 O  O2     . C   A 1 9  ? -14.254 -1.237  -1.354  1.00 40.11  ? 9   C   A O2     1 
ATOM   281 N  N3     . C   A 1 9  ? -13.672 -0.402  -3.386  1.00 42.24  ? 9   C   A N3     1 
ATOM   282 C  C4     . C   A 1 9  ? -13.255 0.654   -4.079  1.00 42.60  ? 9   C   A C4     1 
ATOM   283 N  N4     . C   A 1 9  ? -13.099 0.513   -5.397  1.00 40.05  ? 9   C   A N4     1 
ATOM   284 C  C5     . C   A 1 9  ? -12.975 1.909   -3.458  1.00 43.57  ? 9   C   A C5     1 
ATOM   285 C  C6     . C   A 1 9  ? -13.156 1.999   -2.131  1.00 40.53  ? 9   C   A C6     1 
ATOM   286 H  "H5'"  . C   A 1 9  ? -12.588 4.582   1.058   1.00 45.90  ? 9   C   A "H5'"  1 
ATOM   287 H  "H5''" . C   A 1 9  ? -11.334 4.044   1.851   1.00 45.90  ? 9   C   A "H5''" 1 
ATOM   288 H  "H4'"  . C   A 1 9  ? -13.056 2.582   2.273   1.00 42.77  ? 9   C   A "H4'"  1 
ATOM   289 H  "H3'"  . C   A 1 9  ? -11.224 1.432   0.456   1.00 60.65  ? 9   C   A "H3'"  1 
ATOM   290 H  "H2'"  . C   A 1 9  ? -12.429 -0.488  0.400   1.00 47.60  ? 9   C   A "H2'"  1 
ATOM   291 H  "HO2'" . C   A 1 9  ? -12.924 -0.503  2.601   1.00 51.61  ? 9   C   A "HO2'" 1 
ATOM   292 H  "H1'"  . C   A 1 9  ? -14.722 0.693   0.236   1.00 45.89  ? 9   C   A "H1'"  1 
ATOM   293 H  H41    . C   A 1 9  ? -12.830 1.178   -5.872  1.00 52.62  ? 9   C   A H41    1 
ATOM   294 H  H42    . C   A 1 9  ? -13.268 -0.242  -5.772  1.00 52.62  ? 9   C   A H42    1 
ATOM   295 H  H5     . C   A 1 9  ? -12.679 2.637   -3.955  1.00 59.77  ? 9   C   A H5     1 
ATOM   296 H  H6     . C   A 1 9  ? -12.989 2.805   -1.698  1.00 45.94  ? 9   C   A H6     1 
ATOM   297 P  P      . G   A 1 10 ? -9.510  0.563   2.199   1.00 45.75  ? 10  G   A P      1 
ATOM   298 O  OP1    . G   A 1 10 ? -8.903  0.669   3.551   1.00 51.78  ? 10  G   A OP1    1 
ATOM   299 O  OP2    . G   A 1 10 ? -8.883  1.253   1.045   1.00 44.77  ? 10  G   A OP2    1 
ATOM   300 O  "O5'"  . G   A 1 10 ? -9.673  -0.976  1.813   1.00 44.74  ? 10  G   A "O5'"  1 
ATOM   301 C  "C5'"  . G   A 1 10 ? -10.304 -1.885  2.698   1.00 48.79  ? 10  G   A "C5'"  1 
ATOM   302 C  "C4'"  . G   A 1 10 ? -10.528 -3.225  2.047   1.00 47.12  ? 10  G   A "C4'"  1 
ATOM   303 O  "O4'"  . G   A 1 10 ? -11.476 -3.087  0.957   1.00 48.68  ? 10  G   A "O4'"  1 
ATOM   304 C  "C3'"  . G   A 1 10 ? -9.319  -3.884  1.396   1.00 48.67  ? 10  G   A "C3'"  1 
ATOM   305 O  "O3'"  . G   A 1 10 ? -8.462  -4.544  2.315   1.00 48.78  ? 10  G   A "O3'"  1 
ATOM   306 C  "C2'"  . G   A 1 10 ? -9.979  -4.833  0.410   1.00 49.33  ? 10  G   A "C2'"  1 
ATOM   307 O  "O2'"  . G   A 1 10 ? -10.519 -5.953  1.090   1.00 55.03  ? 10  G   A "O2'"  1 
ATOM   308 C  "C1'"  . G   A 1 10 ? -11.136 -3.977  -0.086  1.00 48.07  ? 10  G   A "C1'"  1 
ATOM   309 N  N9     . G   A 1 10 ? -10.767 -3.189  -1.272  1.00 45.70  ? 10  G   A N9     1 
ATOM   310 C  C8     . G   A 1 10 ? -10.550 -1.830  -1.326  1.00 42.06  ? 10  G   A C8     1 
ATOM   311 N  N7     . G   A 1 10 ? -10.236 -1.407  -2.514  1.00 42.41  ? 10  G   A N7     1 
ATOM   312 C  C5     . G   A 1 10 ? -10.229 -2.554  -3.294  1.00 44.01  ? 10  G   A C5     1 
ATOM   313 C  C6     . G   A 1 10 ? -9.953  -2.710  -4.675  1.00 39.47  ? 10  G   A C6     1 
ATOM   314 O  O6     . G   A 1 10 ? -9.649  -1.848  -5.504  1.00 39.57  ? 10  G   A O6     1 
ATOM   315 N  N1     . G   A 1 10 ? -10.055 -4.037  -5.074  1.00 40.35  ? 10  G   A N1     1 
ATOM   316 C  C2     . G   A 1 10 ? -10.382 -5.079  -4.234  1.00 41.52  ? 10  G   A C2     1 
ATOM   317 N  N2     . G   A 1 10 ? -10.431 -6.290  -4.808  1.00 42.54  ? 10  G   A N2     1 
ATOM   318 N  N3     . G   A 1 10 ? -10.650 -4.954  -2.937  1.00 43.61  ? 10  G   A N3     1 
ATOM   319 C  C4     . G   A 1 10 ? -10.553 -3.665  -2.541  1.00 44.42  ? 10  G   A C4     1 
ATOM   320 H  "H5'"  . G   A 1 10 ? -11.158 -1.518  2.972   1.00 62.45  ? 10  G   A "H5'"  1 
ATOM   321 H  "H5''" . G   A 1 10 ? -9.744  -2.003  3.482   1.00 62.45  ? 10  G   A "H5''" 1 
ATOM   322 H  "H4'"  . G   A 1 10 ? -10.887 -3.831  2.714   1.00 53.88  ? 10  G   A "H4'"  1 
ATOM   323 H  "H3'"  . G   A 1 10 ? -8.809  -3.207  0.923   1.00 59.53  ? 10  G   A "H3'"  1 
ATOM   324 H  "H2'"  . G   A 1 10 ? -9.380  -5.094  -0.307  1.00 59.83  ? 10  G   A "H2'"  1 
ATOM   325 H  "HO2'" . G   A 1 10 ? -11.279 -5.753  1.386   1.00 78.51  ? 10  G   A "HO2'" 1 
ATOM   326 H  "H1'"  . G   A 1 10 ? -11.898 -4.540  -0.297  1.00 57.22  ? 10  G   A "H1'"  1 
ATOM   327 H  H8     . G   A 1 10 ? -10.621 -1.271  -0.587  1.00 38.84  ? 10  G   A H8     1 
ATOM   328 H  H1     . G   A 1 10 ? -9.905  -4.220  -5.902  1.00 41.72  ? 10  G   A H1     1 
ATOM   329 H  H21    . G   A 1 10 ? -10.258 -6.375  -5.647  1.00 49.18  ? 10  G   A H21    1 
ATOM   330 H  H22    . G   A 1 10 ? -10.634 -6.981  -4.338  1.00 49.18  ? 10  G   A H22    1 
ATOM   331 P  P      . A   A 1 11 ? -6.976  -4.968  1.869   1.00 62.17  ? 11  A   A P      1 
ATOM   332 O  OP1    . A   A 1 11 ? -6.234  -5.296  3.114   1.00 67.21  ? 11  A   A OP1    1 
ATOM   333 O  OP2    . A   A 1 11 ? -6.407  -3.964  0.935   1.00 58.00  ? 11  A   A OP2    1 
ATOM   334 O  "O5'"  . A   A 1 11 ? -7.195  -6.316  1.052   1.00 61.00  ? 11  A   A "O5'"  1 
ATOM   335 C  "C5'"  . A   A 1 11 ? -7.655  -7.491  1.709   1.00 66.16  ? 11  A   A "C5'"  1 
ATOM   336 C  "C4'"  . A   A 1 11 ? -7.533  -8.719  0.841   1.00 62.92  ? 11  A   A "C4'"  1 
ATOM   337 O  "O4'"  . A   A 1 11 ? -8.740  -9.496  1.004   1.00 66.11  ? 11  A   A "O4'"  1 
ATOM   338 C  "C3'"  . A   A 1 11 ? -7.411  -8.459  -0.651  1.00 63.88  ? 11  A   A "C3'"  1 
ATOM   339 O  "O3'"  . A   A 1 11 ? -6.736  -9.544  -1.275  1.00 65.44  ? 11  A   A "O3'"  1 
ATOM   340 C  "C2'"  . A   A 1 11 ? -8.862  -8.425  -1.102  1.00 70.43  ? 11  A   A "C2'"  1 
ATOM   341 O  "O2'"  . A   A 1 11 ? -9.068  -8.730  -2.467  1.00 78.70  ? 11  A   A "O2'"  1 
ATOM   342 C  "C1'"  . A   A 1 11 ? -9.502  -9.475  -0.192  1.00 69.71  ? 11  A   A "C1'"  1 
ATOM   343 N  N9     . A   A 1 11 ? -10.871 -9.141  0.192   1.00 72.00  ? 11  A   A N9     1 
ATOM   344 C  C8     . A   A 1 11 ? -11.638 -8.064  -0.187  1.00 70.29  ? 11  A   A C8     1 
ATOM   345 N  N7     . A   A 1 11 ? -12.824 -8.047  0.361   1.00 75.21  ? 11  A   A N7     1 
ATOM   346 C  C5     . A   A 1 11 ? -12.834 -9.191  1.152   1.00 79.51  ? 11  A   A C5     1 
ATOM   347 C  C6     . A   A 1 11 ? -13.808 -9.757  1.985   1.00 83.25  ? 11  A   A C6     1 
ATOM   348 N  N6     . A   A 1 11 ? -15.024 -9.232  2.179   1.00 88.17  ? 11  A   A N6     1 
ATOM   349 N  N1     . A   A 1 11 ? -13.486 -10.905 2.616   1.00 85.85  ? 11  A   A N1     1 
ATOM   350 C  C2     . A   A 1 11 ? -12.274 -11.441 2.427   1.00 84.22  ? 11  A   A C2     1 
ATOM   351 N  N3     . A   A 1 11 ? -11.274 -11.007 1.669   1.00 80.10  ? 11  A   A N3     1 
ATOM   352 C  C4     . A   A 1 11 ? -11.632 -9.868  1.055   1.00 77.12  ? 11  A   A C4     1 
ATOM   353 H  "H5'"  . A   A 1 11 ? -8.586  -7.371  1.953   1.00 85.87  ? 11  A   A "H5'"  1 
ATOM   354 H  "H5''" . A   A 1 11 ? -7.132  -7.625  2.515   1.00 85.87  ? 11  A   A "H5''" 1 
ATOM   355 H  "H4'"  . A   A 1 11 ? -6.763  -9.235  1.125   1.00 76.01  ? 11  A   A "H4'"  1 
ATOM   356 H  "H3'"  . A   A 1 11 ? -6.962  -7.618  -0.829  1.00 81.15  ? 11  A   A "H3'"  1 
ATOM   357 H  "H2'"  . A   A 1 11 ? -9.234  -7.552  -0.902  1.00 105.45 ? 11  A   A "H2'"  1 
ATOM   358 H  "HO2'" . A   A 1 11 ? -9.484  -9.457  -2.525  1.00 140.18 ? 11  A   A "HO2'" 1 
ATOM   359 H  "H1'"  . A   A 1 11 ? -9.455  -10.341 -0.626  1.00 101.51 ? 11  A   A "H1'"  1 
ATOM   360 H  H8     . A   A 1 11 ? -11.339 -7.410  -0.778  1.00 96.62  ? 11  A   A H8     1 
ATOM   361 H  H61    . A   A 1 11 ? -15.584 -9.627  2.699   1.00 120.42 ? 11  A   A H61    1 
ATOM   362 H  H62    . A   A 1 11 ? -15.245 -8.502  1.783   1.00 120.42 ? 11  A   A H62    1 
ATOM   363 H  H2     . A   A 1 11 ? -12.108 -12.230 2.892   1.00 114.06 ? 11  A   A H2     1 
ATOM   364 P  P      . C   A 1 12 ? -5.294  -9.322  -1.936  1.00 47.76  ? 12  C   A P      1 
ATOM   365 O  OP1    . C   A 1 12 ? -4.790  -10.694 -2.239  1.00 50.20  ? 12  C   A OP1    1 
ATOM   366 O  OP2    . C   A 1 12 ? -4.486  -8.384  -1.131  1.00 45.16  ? 12  C   A OP2    1 
ATOM   367 O  "O5'"  . C   A 1 12 ? -5.613  -8.586  -3.307  1.00 43.91  ? 12  C   A "O5'"  1 
ATOM   368 C  "C5'"  . C   A 1 12 ? -6.144  -9.291  -4.411  1.00 43.08  ? 12  C   A "C5'"  1 
ATOM   369 C  "C4'"  . C   A 1 12 ? -6.239  -8.377  -5.601  1.00 42.66  ? 12  C   A "C4'"  1 
ATOM   370 O  "O4'"  . C   A 1 12 ? -7.335  -7.447  -5.416  1.00 41.20  ? 12  C   A "O4'"  1 
ATOM   371 C  "C3'"  . C   A 1 12 ? -5.032  -7.478  -5.822  1.00 40.72  ? 12  C   A "C3'"  1 
ATOM   372 O  "O3'"  . C   A 1 12 ? -3.978  -8.136  -6.490  1.00 41.28  ? 12  C   A "O3'"  1 
ATOM   373 C  "C2'"  . C   A 1 12 ? -5.626  -6.323  -6.603  1.00 39.96  ? 12  C   A "C2'"  1 
ATOM   374 O  "O2'"  . C   A 1 12 ? -5.854  -6.700  -7.952  1.00 38.78  ? 12  C   A "O2'"  1 
ATOM   375 C  "C1'"  . C   A 1 12 ? -6.965  -6.167  -5.900  1.00 42.00  ? 12  C   A "C1'"  1 
ATOM   376 N  N1     . C   A 1 12 ? -6.886  -5.242  -4.744  1.00 43.33  ? 12  C   A N1     1 
ATOM   377 C  C2     . C   A 1 12 ? -6.762  -3.857  -4.959  1.00 42.29  ? 12  C   A C2     1 
ATOM   378 O  O2     . C   A 1 12 ? -6.698  -3.419  -6.122  1.00 39.93  ? 12  C   A O2     1 
ATOM   379 N  N3     . C   A 1 12 ? -6.732  -3.034  -3.887  1.00 40.92  ? 12  C   A N3     1 
ATOM   380 C  C4     . C   A 1 12 ? -6.808  -3.530  -2.654  1.00 43.59  ? 12  C   A C4     1 
ATOM   381 N  N4     . C   A 1 12 ? -6.753  -2.669  -1.641  1.00 45.54  ? 12  C   A N4     1 
ATOM   382 C  C5     . C   A 1 12 ? -6.931  -4.928  -2.404  1.00 42.72  ? 12  C   A C5     1 
ATOM   383 C  C6     . C   A 1 12 ? -6.976  -5.735  -3.469  1.00 44.43  ? 12  C   A C6     1 
ATOM   384 H  "H5'"  . C   A 1 12 ? -7.027  -9.624  -4.188  1.00 52.85  ? 12  C   A "H5'"  1 
ATOM   385 H  "H5''" . C   A 1 12 ? -5.568  -10.042 -4.624  1.00 52.85  ? 12  C   A "H5''" 1 
ATOM   386 H  "H4'"  . C   A 1 12 ? -6.404  -8.901  -6.402  1.00 54.66  ? 12  C   A "H4'"  1 
ATOM   387 H  "H3'"  . C   A 1 12 ? -4.710  -7.150  -4.967  1.00 47.85  ? 12  C   A "H3'"  1 
ATOM   388 H  "H2'"  . C   A 1 12 ? -5.089  -5.517  -6.544  1.00 45.38  ? 12  C   A "H2'"  1 
ATOM   389 H  "HO2'" . C   A 1 12 ? -6.662  -6.910  -8.043  1.00 45.11  ? 12  C   A "HO2'" 1 
ATOM   390 H  "H1'"  . C   A 1 12 ? -7.628  -5.844  -6.530  1.00 49.46  ? 12  C   A "H1'"  1 
ATOM   391 H  H41    . C   A 1 12 ? -6.799  -2.955  -0.831  1.00 50.93  ? 12  C   A H41    1 
ATOM   392 H  H42    . C   A 1 12 ? -6.673  -1.827  -1.796  1.00 50.93  ? 12  C   A H42    1 
ATOM   393 H  H5     . C   A 1 12 ? -6.975  -5.263  -1.538  1.00 42.83  ? 12  C   A H5     1 
ATOM   394 H  H6     . C   A 1 12 ? -7.073  -6.651  -3.341  1.00 52.09  ? 12  C   A H6     1 
ATOM   395 P  P      . C   A 1 13 ? -2.461  -7.729  -6.225  1.00 39.75  ? 13  C   A P      1 
ATOM   396 O  OP1    . C   A 1 13 ? -1.677  -8.693  -7.052  1.00 40.87  ? 13  C   A OP1    1 
ATOM   397 O  OP2    . C   A 1 13 ? -2.136  -7.624  -4.777  1.00 38.67  ? 13  C   A OP2    1 
ATOM   398 O  "O5'"  . C   A 1 13 ? -2.340  -6.261  -6.814  1.00 36.50  ? 13  C   A "O5'"  1 
ATOM   399 C  "C5'"  . C   A 1 13 ? -2.571  -6.018  -8.190  1.00 34.14  ? 13  C   A "C5'"  1 
ATOM   400 C  "C4'"  . C   A 1 13 ? -2.595  -4.546  -8.487  1.00 33.58  ? 13  C   A "C4'"  1 
ATOM   401 O  "O4'"  . C   A 1 13 ? -3.628  -3.898  -7.714  1.00 34.92  ? 13  C   A "O4'"  1 
ATOM   402 C  "C3'"  . C   A 1 13 ? -1.344  -3.781  -8.114  1.00 33.84  ? 13  C   A "C3'"  1 
ATOM   403 O  "O3'"  . C   A 1 13 ? -0.295  -3.994  -9.029  1.00 34.36  ? 13  C   A "O3'"  1 
ATOM   404 C  "C2'"  . C   A 1 13 ? -1.866  -2.356  -8.050  1.00 33.77  ? 13  C   A "C2'"  1 
ATOM   405 O  "O2'"  . C   A 1 13 ? -2.100  -1.836  -9.352  1.00 33.52  ? 13  C   A "O2'"  1 
ATOM   406 C  "C1'"  . C   A 1 13 ? -3.230  -2.580  -7.404  1.00 36.52  ? 13  C   A "C1'"  1 
ATOM   407 N  N1     . C   A 1 13 ? -3.230  -2.406  -5.933  1.00 35.00  ? 13  C   A N1     1 
ATOM   408 C  C2     . C   A 1 13 ? -3.257  -1.095  -5.440  1.00 34.47  ? 13  C   A C2     1 
ATOM   409 O  O2     . C   A 1 13 ? -3.237  -0.154  -6.243  1.00 35.09  ? 13  C   A O2     1 
ATOM   410 N  N3     . C   A 1 13 ? -3.289  -0.895  -4.108  1.00 36.46  ? 13  C   A N3     1 
ATOM   411 C  C4     . C   A 1 13 ? -3.301  -1.926  -3.267  1.00 37.11  ? 13  C   A C4     1 
ATOM   412 N  N4     . C   A 1 13 ? -3.340  -1.652  -1.960  1.00 38.19  ? 13  C   A N4     1 
ATOM   413 C  C5     . C   A 1 13 ? -3.290  -3.277  -3.740  1.00 36.88  ? 13  C   A C5     1 
ATOM   414 C  C6     . C   A 1 13 ? -3.258  -3.464  -5.070  1.00 36.28  ? 13  C   A C6     1 
ATOM   415 H  "H5'"  . C   A 1 13 ? -3.422  -6.408  -8.443  1.00 38.63  ? 13  C   A "H5'"  1 
ATOM   416 H  "H5''" . C   A 1 13 ? -1.866  -6.437  -8.709  1.00 38.63  ? 13  C   A "H5''" 1 
ATOM   417 H  "H4'"  . C   A 1 13 ? -2.783  -4.423  -9.431  1.00 36.47  ? 13  C   A "H4'"  1 
ATOM   418 H  "H3'"  . C   A 1 13 ? -1.036  -4.035  -7.230  1.00 36.69  ? 13  C   A "H3'"  1 
ATOM   419 H  "H2'"  . C   A 1 13 ? -1.283  -1.784  -7.526  1.00 35.54  ? 13  C   A "H2'"  1 
ATOM   420 H  "HO2'" . C   A 1 13 ? -1.420  -1.411  -9.603  1.00 38.71  ? 13  C   A "HO2'" 1 
ATOM   421 H  "H1'"  . C   A 1 13 ? -3.862  -1.947  -7.780  1.00 42.35  ? 13  C   A "H1'"  1 
ATOM   422 H  H41    . C   A 1 13 ? -3.356  -0.835  -1.692  1.00 37.99  ? 13  C   A H41    1 
ATOM   423 H  H42    . C   A 1 13 ? -3.347  -2.292  -1.386  1.00 37.99  ? 13  C   A H42    1 
ATOM   424 H  H5     . C   A 1 13 ? -3.303  -3.996  -3.151  1.00 36.28  ? 13  C   A H5     1 
ATOM   425 H  H6     . C   A 1 13 ? -3.256  -4.331  -5.408  1.00 36.81  ? 13  C   A H6     1 
ATOM   426 P  P      . C   A 1 14 ? 1.225   -3.838  -8.562  1.00 35.25  ? 14  C   A P      1 
ATOM   427 O  OP1    . C   A 1 14 ? 2.046   -4.357  -9.699  1.00 34.57  ? 14  C   A OP1    1 
ATOM   428 O  OP2    . C   A 1 14 ? 1.460   -4.388  -7.203  1.00 37.47  ? 14  C   A OP2    1 
ATOM   429 O  "O5'"  . C   A 1 14 ? 1.404   -2.272  -8.404  1.00 34.84  ? 14  C   A "O5'"  1 
ATOM   430 C  "C5'"  . C   A 1 14 ? 1.314   -1.421  -9.533  1.00 33.78  ? 14  C   A "C5'"  1 
ATOM   431 C  "C4'"  . C   A 1 14 ? 1.376   0.024   -9.129  1.00 33.52  ? 14  C   A "C4'"  1 
ATOM   432 O  "O4'"  . C   A 1 14 ? 0.280   0.340   -8.240  1.00 35.29  ? 14  C   A "O4'"  1 
ATOM   433 C  "C3'"  . C   A 1 14 ? 2.601   0.428   -8.337  1.00 33.13  ? 14  C   A "C3'"  1 
ATOM   434 O  "O3'"  . C   A 1 14 ? 3.737   0.590   -9.151  1.00 33.11  ? 14  C   A "O3'"  1 
ATOM   435 C  "C2'"  . C   A 1 14 ? 2.134   1.707   -7.650  1.00 33.74  ? 14  C   A "C2'"  1 
ATOM   436 O  "O2'"  . C   A 1 14 ? 2.116   2.801   -8.554  1.00 33.93  ? 14  C   A "O2'"  1 
ATOM   437 C  "C1'"  . C   A 1 14 ? 0.692   1.347   -7.324  1.00 35.21  ? 14  C   A "C1'"  1 
ATOM   438 N  N1     . C   A 1 14 ? 0.536   0.833   -5.958  1.00 34.90  ? 14  C   A N1     1 
ATOM   439 C  C2     . C   A 1 14 ? 0.473   1.756   -4.910  1.00 34.22  ? 14  C   A C2     1 
ATOM   440 O  O2     . C   A 1 14 ? 0.583   2.954   -5.186  1.00 35.28  ? 14  C   A O2     1 
ATOM   441 N  N3     . C   A 1 14 ? 0.289   1.303   -3.664  1.00 35.24  ? 14  C   A N3     1 
ATOM   442 C  C4     . C   A 1 14 ? 0.187   -0.010  -3.455  1.00 36.18  ? 14  C   A C4     1 
ATOM   443 N  N4     . C   A 1 14 ? 0.021   -0.446  -2.214  1.00 37.25  ? 14  C   A N4     1 
ATOM   444 C  C5     . C   A 1 14 ? 0.251   -0.971  -4.508  1.00 37.18  ? 14  C   A C5     1 
ATOM   445 C  C6     . C   A 1 14 ? 0.422   -0.500  -5.736  1.00 34.83  ? 14  C   A C6     1 
ATOM   446 H  "H5'"  . C   A 1 14 ? 0.476   -1.588  -9.991  1.00 38.23  ? 14  C   A "H5'"  1 
ATOM   447 H  "H5''" . C   A 1 14 ? 2.047   -1.615  -10.137 1.00 38.23  ? 14  C   A "H5''" 1 
ATOM   448 H  "H4'"  . C   A 1 14 ? 1.305   0.575   -9.924  1.00 37.62  ? 14  C   A "H4'"  1 
ATOM   449 H  "H3'"  . C   A 1 14 ? 2.792   -0.237  -7.659  1.00 34.97  ? 14  C   A "H3'"  1 
ATOM   450 H  "H2'"  . C   A 1 14 ? 2.661   1.902   -6.859  1.00 37.90  ? 14  C   A "H2'"  1 
ATOM   451 H  "HO2'" . C   A 1 14 ? 1.404   2.775   -8.999  1.00 43.59  ? 14  C   A "HO2'" 1 
ATOM   452 H  "H1'"  . C   A 1 14 ? 0.134   2.133   -7.433  1.00 41.36  ? 14  C   A "H1'"  1 
ATOM   453 H  H41    . C   A 1 14 ? -0.047  -1.289  -2.060  1.00 39.73  ? 14  C   A H41    1 
ATOM   454 H  H42    . C   A 1 14 ? -0.018  0.115   -1.564  1.00 39.73  ? 14  C   A H42    1 
ATOM   455 H  H5     . C   A 1 14 ? 0.177   -1.882  -4.343  1.00 41.78  ? 14  C   A H5     1 
ATOM   456 H  H6     . C   A 1 14 ? 0.464   -1.091  -6.453  1.00 34.07  ? 14  C   A H6     1 
ATOM   457 P  P      . C   A 1 15 ? 5.191   0.337   -8.521  1.00 33.65  ? 15  C   A P      1 
ATOM   458 O  OP1    . C   A 1 15 ? 6.091   0.494   -9.705  1.00 33.05  ? 15  C   A OP1    1 
ATOM   459 O  OP2    . C   A 1 15 ? 5.186   -0.929  -7.743  1.00 34.45  ? 15  C   A OP2    1 
ATOM   460 O  "O5'"  . C   A 1 15 ? 5.411   1.541   -7.511  1.00 32.21  ? 15  C   A "O5'"  1 
ATOM   461 C  "C5'"  . C   A 1 15 ? 5.489   2.870   -7.988  1.00 29.80  ? 15  C   A "C5'"  1 
ATOM   462 C  "C4'"  . C   A 1 15 ? 5.624   3.852   -6.864  1.00 29.10  ? 15  C   A "C4'"  1 
ATOM   463 O  "O4'"  . C   A 1 15 ? 4.425   3.869   -6.043  1.00 30.76  ? 15  C   A "O4'"  1 
ATOM   464 C  "C3'"  . C   A 1 15 ? 6.727   3.578   -5.858  1.00 29.80  ? 15  C   A "C3'"  1 
ATOM   465 O  "O3'"  . C   A 1 15 ? 8.015   3.903   -6.335  1.00 30.61  ? 15  C   A "O3'"  1 
ATOM   466 C  "C2'"  . C   A 1 15 ? 6.287   4.424   -4.683  1.00 30.91  ? 15  C   A "C2'"  1 
ATOM   467 O  "O2'"  . C   A 1 15 ? 6.526   5.793   -4.942  1.00 28.56  ? 15  C   A "O2'"  1 
ATOM   468 C  "C1'"  . C   A 1 15 ? 4.779   4.192   -4.713  1.00 31.85  ? 15  C   A "C1'"  1 
ATOM   469 N  N1     . C   A 1 15 ? 4.384   3.078   -3.831  1.00 33.18  ? 15  C   A N1     1 
ATOM   470 C  C2     . C   A 1 15 ? 4.245   3.353   -2.478  1.00 31.93  ? 15  C   A C2     1 
ATOM   471 O  O2     . C   A 1 15 ? 4.494   4.499   -2.091  1.00 32.42  ? 15  C   A O2     1 
ATOM   472 N  N3     . C   A 1 15 ? 3.864   2.365   -1.642  1.00 33.04  ? 15  C   A N3     1 
ATOM   473 C  C4     . C   A 1 15 ? 3.619   1.152   -2.127  1.00 32.61  ? 15  C   A C4     1 
ATOM   474 N  N4     . C   A 1 15 ? 3.257   0.175   -1.270  1.00 35.42  ? 15  C   A N4     1 
ATOM   475 C  C5     . C   A 1 15 ? 3.785   0.844   -3.505  1.00 34.01  ? 15  C   A C5     1 
ATOM   476 C  C6     . C   A 1 15 ? 4.151   1.835   -4.323  1.00 32.48  ? 15  C   A C6     1 
ATOM   477 H  "H5'"  . C   A 1 15 ? 4.686   3.074   -8.492  1.00 31.87  ? 15  C   A "H5'"  1 
ATOM   478 H  "H5''" . C   A 1 15 ? 6.258   2.951   -8.573  1.00 31.87  ? 15  C   A "H5''" 1 
ATOM   479 H  "H4'"  . C   A 1 15 ? 5.749   4.731   -7.254  1.00 29.80  ? 15  C   A "H4'"  1 
ATOM   480 H  "H3'"  . C   A 1 15 ? 6.715   2.640   -5.614  1.00 29.64  ? 15  C   A "H3'"  1 
ATOM   481 H  "H2'"  . C   A 1 15 ? 6.689   4.135   -3.850  1.00 33.86  ? 15  C   A "H2'"  1 
ATOM   482 H  "HO2'" . C   A 1 15 ? 6.221   5.984   -5.701  1.00 31.75  ? 15  C   A "HO2'" 1 
ATOM   483 H  "H1'"  . C   A 1 15 ? 4.315   5.000   -4.444  1.00 34.82  ? 15  C   A "H1'"  1 
ATOM   484 H  H41    . C   A 1 15 ? 3.189   0.344   -0.429  1.00 39.94  ? 15  C   A H41    1 
ATOM   485 H  H42    . C   A 1 15 ? 3.095   -0.616  -1.563  1.00 39.94  ? 15  C   A H42    1 
ATOM   486 H  H5     . C   A 1 15 ? 3.644   -0.017  -3.826  1.00 37.36  ? 15  C   A H5     1 
ATOM   487 H  H6     . C   A 1 15 ? 4.246   1.672   -5.233  1.00 30.69  ? 15  C   A H6     1 
ATOM   488 P  P      . A   A 1 16 ? 9.279   3.058   -5.806  1.00 27.95  ? 16  A   A P      1 
ATOM   489 O  OP1    . A   A 1 16 ? 10.407  3.574   -6.669  1.00 28.43  ? 16  A   A OP1    1 
ATOM   490 O  OP2    . A   A 1 16 ? 9.012   1.611   -5.648  1.00 28.64  ? 16  A   A OP2    1 
ATOM   491 O  "O5'"  . A   A 1 16 ? 9.513   3.575   -4.335  1.00 27.15  ? 16  A   A "O5'"  1 
ATOM   492 C  "C5'"  . A   A 1 16 ? 9.856   4.921   -4.079  1.00 25.48  ? 16  A   A "C5'"  1 
ATOM   493 C  "C4'"  . A   A 1 16 ? 9.772   5.232   -2.612  1.00 26.81  ? 16  A   A "C4'"  1 
ATOM   494 O  "O4'"  . A   A 1 16 ? 8.438   4.939   -2.134  1.00 27.73  ? 16  A   A "O4'"  1 
ATOM   495 C  "C3'"  . A   A 1 16 ? 10.664  4.398   -1.721  1.00 26.74  ? 16  A   A "C3'"  1 
ATOM   496 O  "O3'"  . A   A 1 16 ? 11.991  4.883   -1.685  1.00 25.53  ? 16  A   A "O3'"  1 
ATOM   497 C  "C2'"  . A   A 1 16 ? 9.956   4.489   -0.378  1.00 27.16  ? 16  A   A "C2'"  1 
ATOM   498 O  "O2'"  . A   A 1 16 ? 10.204  5.742   0.237   1.00 26.12  ? 16  A   A "O2'"  1 
ATOM   499 C  "C1'"  . A   A 1 16 ? 8.504   4.454   -0.813  1.00 28.06  ? 16  A   A "C1'"  1 
ATOM   500 N  N9     . A   A 1 16 ? 7.939   3.106   -0.774  1.00 27.53  ? 16  A   A N9     1 
ATOM   501 C  C8     . A   A 1 16 ? 7.632   2.263   -1.818  1.00 28.97  ? 16  A   A C8     1 
ATOM   502 N  N7     . A   A 1 16 ? 7.096   1.134   -1.439  1.00 29.12  ? 16  A   A N7     1 
ATOM   503 C  C5     . A   A 1 16 ? 7.042   1.249   -0.043  1.00 29.38  ? 16  A   A C5     1 
ATOM   504 C  C6     . A   A 1 16 ? 6.574   0.390   0.973   1.00 31.78  ? 16  A   A C6     1 
ATOM   505 N  N6     . A   A 1 16 ? 6.045   -0.809  0.753   1.00 32.58  ? 16  A   A N6     1 
ATOM   506 N  N1     . A   A 1 16 ? 6.672   0.821   2.256   1.00 31.19  ? 16  A   A N1     1 
ATOM   507 C  C2     . A   A 1 16 ? 7.198   2.021   2.489   1.00 30.30  ? 16  A   A C2     1 
ATOM   508 N  N3     . A   A 1 16 ? 7.671   2.922   1.629   1.00 28.98  ? 16  A   A N3     1 
ATOM   509 C  C4     . A   A 1 16 ? 7.556   2.468   0.370   1.00 28.71  ? 16  A   A C4     1 
ATOM   510 H  "H5'"  . A   A 1 16 ? 9.248   5.503   -4.563  1.00 27.42  ? 16  A   A "H5'"  1 
ATOM   511 H  "H5''" . A   A 1 16 ? 10.761  5.084   -4.387  1.00 27.42  ? 16  A   A "H5''" 1 
ATOM   512 H  "H4'"  . A   A 1 16 ? 9.962   6.173   -2.469  1.00 31.02  ? 16  A   A "H4'"  1 
ATOM   513 H  "H3'"  . A   A 1 16 ? 10.661  3.477   -2.026  1.00 27.33  ? 16  A   A "H3'"  1 
ATOM   514 H  "H2'"  . A   A 1 16 ? 10.184  3.748   0.204   1.00 28.29  ? 16  A   A "H2'"  1 
ATOM   515 H  "HO2'" . A   A 1 16 ? 9.962   6.354   -0.284  1.00 29.66  ? 16  A   A "HO2'" 1 
ATOM   516 H  "H1'"  . A   A 1 16 ? 7.984   5.031   -0.233  1.00 29.85  ? 16  A   A "H1'"  1 
ATOM   517 H  H8     . A   A 1 16 ? 7.790   2.478   -2.709  1.00 29.38  ? 16  A   A H8     1 
ATOM   518 H  H61    . A   A 1 16 ? 5.972   -1.105  -0.051  1.00 32.27  ? 16  A   A H61    1 
ATOM   519 H  H62    . A   A 1 16 ? 5.776   -1.287  1.414   1.00 32.27  ? 16  A   A H62    1 
ATOM   520 H  H2     . A   A 1 16 ? 7.242   2.267   3.385   1.00 30.30  ? 16  A   A H2     1 
HETATM 521 P  P      . CBV A 1 17 ? 13.202  3.853   -1.468  1.00 26.23  ? 17  CBV A P      1 
HETATM 522 O  O1P    . CBV A 1 17 ? 14.446  4.664   -1.695  1.00 27.71  ? 17  CBV A O1P    1 
HETATM 523 O  O2P    . CBV A 1 17 ? 12.933  2.618   -2.278  1.00 36.65  ? 17  CBV A O2P    1 
HETATM 524 O  "O5'"  . CBV A 1 17 ? 13.100  3.471   0.076   1.00 26.70  ? 17  CBV A "O5'"  1 
HETATM 525 C  "C5'"  . CBV A 1 17 ? 13.539  4.393   1.070   1.00 25.52  ? 17  CBV A "C5'"  1 
HETATM 526 C  "C4'"  . CBV A 1 17 ? 13.172  3.964   2.457   1.00 25.84  ? 17  CBV A "C4'"  1 
HETATM 527 O  "O4'"  . CBV A 1 17 ? 11.766  3.659   2.534   1.00 27.30  ? 17  CBV A "O4'"  1 
HETATM 528 C  "C3'"  . CBV A 1 17 ? 13.818  2.694   2.961   1.00 27.24  ? 17  CBV A "C3'"  1 
HETATM 529 O  "O3'"  . CBV A 1 17 ? 15.154  2.904   3.333   1.00 27.67  ? 17  CBV A "O3'"  1 
HETATM 530 C  "C2'"  . CBV A 1 17 ? 12.923  2.367   4.138   1.00 28.29  ? 17  CBV A "C2'"  1 
HETATM 531 O  "O2'"  . CBV A 1 17 ? 13.184  3.264   5.201   1.00 27.21  ? 17  CBV A "O2'"  1 
HETATM 532 C  "C1'"  . CBV A 1 17 ? 11.566  2.708   3.558   1.00 27.53  ? 17  CBV A "C1'"  1 
HETATM 533 N  N1     . CBV A 1 17 ? 10.968  1.539   2.935   1.00 29.07  ? 17  CBV A N1     1 
HETATM 534 C  C2     . CBV A 1 17 ? 10.316  0.574   3.801   1.00 29.85  ? 17  CBV A C2     1 
HETATM 535 O  O2     . CBV A 1 17 ? 10.313  0.754   4.972   1.00 31.79  ? 17  CBV A O2     1 
HETATM 536 N  N3     . CBV A 1 17 ? 9.704   -0.582  3.162   1.00 31.20  ? 17  CBV A N3     1 
HETATM 537 C  C4     . CBV A 1 17 ? 9.742   -0.746  1.746   1.00 30.00  ? 17  CBV A C4     1 
HETATM 538 N  N4     . CBV A 1 17 ? 9.156   -1.883  1.130   1.00 31.75  ? 17  CBV A N4     1 
HETATM 539 C  C5     . CBV A 1 17 ? 10.423  0.248   0.912   1.00 28.99  ? 17  CBV A C5     1 
HETATM 540 C  C6     . CBV A 1 17 ? 11.042  1.415   1.519   1.00 27.70  ? 17  CBV A C6     1 
HETATM 541 BR BR     . CBV A 1 17 ? 10.506  0.041   -0.970  1.00 29.44  ? 17  CBV A BR     1 
HETATM 542 H  "H5'1" . CBV A 1 17 ? 14.504  4.473   1.015   1.00 28.62  ? 17  CBV A "H5'1" 1 
HETATM 543 H  "H5'2" . CBV A 1 17 ? 13.132  5.257   0.894   1.00 28.62  ? 17  CBV A "H5'2" 1 
HETATM 544 H  "H4'"  . CBV A 1 17 ? 13.377  4.694   3.063   1.00 28.28  ? 17  CBV A "H4'"  1 
HETATM 545 H  "H3'"  . CBV A 1 17 ? 13.766  1.993   2.293   1.00 27.41  ? 17  CBV A "H3'"  1 
HETATM 546 H  "HO3'" . CBV A 1 17 ? 15.191  3.104   4.159   1.00 28.94  ? 17  CBV A "HO3'" 1 
HETATM 547 H  "H2'"  . CBV A 1 17 ? 12.983  1.437   4.409   1.00 30.75  ? 17  CBV A "H2'"  1 
HETATM 548 H  "HO2'" . CBV A 1 17 ? 12.458  3.445   5.605   1.00 31.05  ? 17  CBV A "HO2'" 1 
HETATM 549 H  "H1'"  . CBV A 1 17 ? 10.995  3.078   4.250   1.00 27.29  ? 17  CBV A "H1'"  1 
HETATM 550 H  HN41   . CBV A 1 17 ? 8.761   -2.480  1.608   1.00 35.96  ? 17  CBV A HN41   1 
HETATM 551 H  HN42   . CBV A 1 17 ? 9.195   -1.969  0.276   1.00 35.96  ? 17  CBV A HN42   1 
HETATM 552 H  H6     . CBV A 1 17 ? 11.470  2.058   1.001   1.00 26.92  ? 17  CBV A H6     1 
ATOM   553 P  P      . C   A 1 18 ? 16.178  1.666   3.434   1.00 29.43  ? 18  C   A P      1 
ATOM   554 O  OP1    . C   A 1 18 ? 17.453  2.335   3.812   1.00 30.49  ? 18  C   A OP1    1 
ATOM   555 O  OP2    . C   A 1 18 ? 16.042  0.810   2.230   1.00 30.25  ? 18  C   A OP2    1 
ATOM   556 O  "O5'"  . C   A 1 18 ? 15.660  0.824   4.682   1.00 28.53  ? 18  C   A "O5'"  1 
ATOM   557 C  "C5'"  . C   A 1 18 ? 15.776  1.321   6.010   1.00 29.54  ? 18  C   A "C5'"  1 
ATOM   558 C  "C4'"  . C   A 1 18 ? 15.196  0.347   7.003   1.00 30.35  ? 18  C   A "C4'"  1 
ATOM   559 O  "O4'"  . C   A 1 18 ? 13.800  0.117   6.693   1.00 31.08  ? 18  C   A "O4'"  1 
ATOM   560 C  "C3'"  . C   A 1 18 ? 15.791  -1.056  7.007   1.00 31.00  ? 18  C   A "C3'"  1 
ATOM   561 O  "O3'"  . C   A 1 18 ? 16.992  -1.149  7.733   1.00 31.70  ? 18  C   A "O3'"  1 
ATOM   562 C  "C2'"  . C   A 1 18 ? 14.677  -1.881  7.625   1.00 31.81  ? 18  C   A "C2'"  1 
ATOM   563 O  "O2'"  . C   A 1 18 ? 14.674  -1.731  9.043   1.00 33.28  ? 18  C   A "O2'"  1 
ATOM   564 C  "C1'"  . C   A 1 18 ? 13.450  -1.212  7.036   1.00 32.11  ? 18  C   A "C1'"  1 
ATOM   565 N  N1     . C   A 1 18 ? 12.964  -1.903  5.824   1.00 31.57  ? 18  C   A N1     1 
ATOM   566 C  C2     . C   A 1 18 ? 12.235  -3.081  6.006   1.00 32.11  ? 18  C   A C2     1 
ATOM   567 O  O2     . C   A 1 18 ? 12.048  -3.505  7.161   1.00 34.23  ? 18  C   A O2     1 
ATOM   568 N  N3     . C   A 1 18 ? 11.759  -3.726  4.919   1.00 32.18  ? 18  C   A N3     1 
ATOM   569 C  C4     . C   A 1 18 ? 11.993  -3.238  3.694   1.00 30.50  ? 18  C   A C4     1 
ATOM   570 N  N4     . C   A 1 18 ? 11.498  -3.895  2.649   1.00 30.79  ? 18  C   A N4     1 
ATOM   571 C  C5     . C   A 1 18 ? 12.744  -2.060  3.486   1.00 30.56  ? 18  C   A C5     1 
ATOM   572 C  C6     . C   A 1 18 ? 13.216  -1.426  4.568   1.00 30.19  ? 18  C   A C6     1 
ATOM   573 H  "H5'"  . C   A 1 18 ? 15.304  2.166   6.077   1.00 35.44  ? 18  C   A "H5'"  1 
ATOM   574 H  "H5''" . C   A 1 18 ? 16.714  1.467   6.215   1.00 35.44  ? 18  C   A "H5''" 1 
ATOM   575 H  "H4'"  . C   A 1 18 ? 15.278  0.724   7.893   1.00 35.83  ? 18  C   A "H4'"  1 
ATOM   576 H  "H3'"  . C   A 1 18 ? 15.943  -1.330  6.088   1.00 37.76  ? 18  C   A "H3'"  1 
ATOM   577 H  "HO3'" . C   A 1 18 ? 17.700  -1.380  7.346   1.00 42.45  ? 18  C   A "HO3'" 1 
ATOM   578 H  "H2'"  . C   A 1 18 ? 14.720  -2.815  7.369   1.00 37.11  ? 18  C   A "H2'"  1 
ATOM   579 H  "HO2'" . C   A 1 18 ? 15.395  -2.035  9.351   1.00 40.24  ? 18  C   A "HO2'" 1 
ATOM   580 H  "H1'"  . C   A 1 18 ? 12.744  -1.197  7.701   1.00 37.66  ? 18  C   A "H1'"  1 
ATOM   581 H  H41    . C   A 1 18 ? 11.635  -3.601  1.852   1.00 32.91  ? 18  C   A H41    1 
ATOM   582 H  H42    . C   A 1 18 ? 11.041  -4.613  2.770   1.00 32.91  ? 18  C   A H42    1 
ATOM   583 H  H5     . C   A 1 18 ? 12.906  -1.737  2.629   1.00 32.41  ? 18  C   A H5     1 
ATOM   584 H  H6     . C   A 1 18 ? 13.720  -0.652  4.464   1.00 30.60  ? 18  C   A H6     1 
HETATM 585 S  S      . SO4 B 2 .  ? 10.188  0.373   9.898   1.00 112.34 ? 101 SO4 A S      1 
HETATM 586 O  O1     . SO4 B 2 .  ? 9.239   1.221   10.611  1.00 101.02 ? 101 SO4 A O1     1 
HETATM 587 O  O2     . SO4 B 2 .  ? 9.777   -1.021  10.029  1.00 113.68 ? 101 SO4 A O2     1 
HETATM 588 O  O3     . SO4 B 2 .  ? 11.529  0.541   10.451  1.00 115.85 ? 101 SO4 A O3     1 
HETATM 589 O  O4     . SO4 B 2 .  ? 10.205  0.758   8.490   1.00 132.77 ? 101 SO4 A O4     1 
HETATM 590 S  S      . SO4 C 2 .  ? 19.762  5.603   0.117   0.33 123.66 ? 102 SO4 A S      1 
HETATM 591 O  O1     . SO4 C 2 .  ? 18.818  6.701   -0.060  0.33 123.50 ? 102 SO4 A O1     1 
HETATM 592 O  O2     . SO4 C 2 .  ? 19.632  5.065   1.468   0.33 123.53 ? 102 SO4 A O2     1 
HETATM 593 O  O3     . SO4 C 2 .  ? 21.123  6.092   -0.081  0.33 123.58 ? 102 SO4 A O3     1 
HETATM 594 O  O4     . SO4 C 2 .  ? 19.478  4.552   -0.854  0.33 123.67 ? 102 SO4 A O4     1 
HETATM 595 C  CAD    . FXQ D 3 .  ? -9.695  1.928   -4.265  0.50 45.70  ? 103 FXQ A CAD    1 
HETATM 596 C  CAF    . FXQ D 3 .  ? -10.124 1.723   -6.715  0.50 57.67  ? 103 FXQ A CAF    1 
HETATM 597 C  CAG    . FXQ D 3 .  ? -10.186 0.593   -7.728  0.50 57.12  ? 103 FXQ A CAG    1 
HETATM 598 C  CAH    . FXQ D 3 .  ? -11.613 0.493   -8.334  0.50 54.71  ? 103 FXQ A CAH    1 
HETATM 599 C  CAI    . FXQ D 3 .  ? -11.556 -0.237  -9.704  0.50 60.27  ? 103 FXQ A CAI    1 
HETATM 600 C  CAK    . FXQ D 3 .  ? -12.356 -2.340  -10.619 0.50 46.69  ? 103 FXQ A CAK    1 
HETATM 601 N  NAA    . FXQ D 3 .  ? -9.763  3.261   -4.346  0.50 43.08  ? 103 FXQ A NAA    1 
HETATM 602 N  NAB    . FXQ D 3 .  ? -13.190 -3.373  -10.563 0.50 46.22  ? 103 FXQ A NAB    1 
HETATM 603 N  NAC    . FXQ D 3 .  ? -9.383  1.356   -3.104  0.50 41.44  ? 103 FXQ A NAC    1 
HETATM 604 N  NAE    . FXQ D 3 .  ? -9.788  1.179   -5.377  0.50 53.86  ? 103 FXQ A NAE    1 
HETATM 605 N  NAJ    . FXQ D 3 .  ? -12.340 -1.476  -9.608  0.50 55.97  ? 103 FXQ A NAJ    1 
HETATM 606 N  NAL    . FXQ D 3 .  ? -12.011 -1.920  -11.851 0.50 41.17  ? 103 FXQ A NAL    1 
HETATM 607 H  HAF    . FXQ D 3 .  ? -10.986 2.165   -6.673  0.50 69.25  ? 103 FXQ A HAF    1 
HETATM 608 H  HAG    . FXQ D 3 .  ? -9.446  2.362   -6.985  0.50 69.25  ? 103 FXQ A HAG    1 
HETATM 609 H  HAH    . FXQ D 3 .  ? -9.549  0.770   -8.438  0.50 68.59  ? 103 FXQ A HAH    1 
HETATM 610 H  HAI    . FXQ D 3 .  ? -9.960  -0.245  -7.296  0.50 68.59  ? 103 FXQ A HAI    1 
HETATM 611 H  HAJ    . FXQ D 3 .  ? -12.167 -0.019  -7.722  0.50 65.69  ? 103 FXQ A HAJ    1 
HETATM 612 H  HAK    . FXQ D 3 .  ? -11.991 1.378   -8.450  0.50 65.69  ? 103 FXQ A HAK    1 
HETATM 613 H  HAM    . FXQ D 3 .  ? -10.642 -0.420  -9.970  0.50 72.37  ? 103 FXQ A HAM    1 
HETATM 614 H  HAL    . FXQ D 3 .  ? -11.995 0.378   -10.312 0.50 72.37  ? 103 FXQ A HAL    1 
HETATM 615 H  HAR    . FXQ D 3 .  ? -9.704  3.737   -3.632  0.50 51.74  ? 103 FXQ A HAR    1 
HETATM 616 H  HAS    . FXQ D 3 .  ? -13.372 -3.714  -9.761  0.50 55.51  ? 103 FXQ A HAS    1 
HETATM 617 H  HAO    . FXQ D 3 .  ? -9.228  1.842   -2.413  0.50 49.77  ? 103 FXQ A HAO    1 
HETATM 618 H  HAC    . FXQ D 3 .  ? -9.338  0.499   -3.046  0.50 49.77  ? 103 FXQ A HAC    1 
HETATM 619 H  HAE    . FXQ D 3 .  ? -9.604  0.340   -5.347  0.50 64.68  ? 103 FXQ A HAE    1 
HETATM 620 H  HAN    . FXQ D 3 .  ? -13.142 -1.358  -9.241  0.50 67.20  ? 103 FXQ A HAN    1 
HETATM 621 H  HAP    . FXQ D 3 .  ? -12.046 -2.512  -12.514 0.50 49.45  ? 103 FXQ A HAP    1 
HETATM 622 H  HAQ    . FXQ D 3 .  ? -11.397 -1.277  -11.911 0.50 49.45  ? 103 FXQ A HAQ    1 
HETATM 623 O  O      . HOH E 4 .  ? -13.289 3.485   -7.012  1.00 41.06  ? 201 HOH A O      1 
HETATM 624 O  O      . HOH E 4 .  ? 17.619  0.172   9.842   1.00 55.79  ? 202 HOH A O      1 
HETATM 625 O  O      . HOH E 4 .  ? 17.641  5.166   3.102   1.00 33.94  ? 203 HOH A O      1 
HETATM 626 O  O      . HOH E 4 .  ? 9.309   -9.107  9.755   1.00 44.33  ? 204 HOH A O      1 
HETATM 627 O  O      . HOH E 4 .  ? 7.837   7.000   -6.863  1.00 41.50  ? 205 HOH A O      1 
HETATM 628 O  O      . HOH E 4 .  ? -15.516 -2.274  0.703   1.00 52.33  ? 206 HOH A O      1 
HETATM 629 O  O      . HOH E 4 .  ? 14.102  0.320   -1.718  1.00 29.51  ? 207 HOH A O      1 
HETATM 630 O  O      . HOH E 4 .  ? -3.105  -6.502  -2.541  1.00 47.44  ? 208 HOH A O      1 
HETATM 631 O  O      . HOH E 4 .  ? 13.453  2.670   -4.911  1.00 30.74  ? 209 HOH A O      1 
HETATM 632 O  O      . HOH E 4 .  ? -8.729  10.892  -4.357  1.00 51.78  ? 210 HOH A O      1 
HETATM 633 O  O      . HOH E 4 .  ? 14.159  -0.474  0.765   1.00 31.51  ? 211 HOH A O      1 
HETATM 634 O  O      . HOH E 4 .  ? -5.464  10.593  4.429   1.00 37.52  ? 212 HOH A O      1 
HETATM 635 O  O      . HOH E 4 .  ? 8.748   5.257   2.579   1.00 28.52  ? 213 HOH A O      1 
HETATM 636 O  O      . HOH E 4 .  ? 6.459   -13.678 2.442   1.00 40.60  ? 214 HOH A O      1 
HETATM 637 O  O      . HOH E 4 .  ? -0.046  11.633  1.122   0.33 34.78  ? 215 HOH A O      1 
HETATM 638 O  O      . HOH E 4 .  ? 2.184   7.949   -1.418  1.00 47.04  ? 216 HOH A O      1 
HETATM 639 O  O      . HOH E 4 .  ? 16.017  6.604   -0.327  0.33 27.14  ? 217 HOH A O      1 
HETATM 640 O  O      . HOH E 4 .  ? -2.824  3.173   2.514   1.00 47.61  ? 218 HOH A O      1 
HETATM 641 O  O      . HOH E 4 .  ? -3.725  8.244   6.039   1.00 32.81  ? 219 HOH A O      1 
HETATM 642 O  O      . HOH E 4 .  ? -3.346  12.666  1.420   0.33 27.55  ? 220 HOH A O      1 
HETATM 643 O  O      . HOH E 4 .  ? 5.575   -6.860  2.757   1.00 49.35  ? 221 HOH A O      1 
HETATM 644 O  O      . HOH E 4 .  ? 12.199  7.799   0.017   0.33 20.46  ? 222 HOH A O      1 
HETATM 645 O  O      . HOH E 4 .  ? 5.916   -5.031  13.368  1.00 40.60  ? 223 HOH A O      1 
HETATM 646 O  O      . HOH E 4 .  ? 3.098   -2.528  -2.298  1.00 51.59  ? 224 HOH A O      1 
HETATM 647 O  O      . HOH E 4 .  ? 12.411  -3.573  -0.101  1.00 45.71  ? 225 HOH A O      1 
HETATM 648 O  O      . HOH E 4 .  ? 5.123   -11.687 10.695  1.00 43.78  ? 226 HOH A O      1 
HETATM 649 O  O      . HOH E 4 .  ? 1.400   7.588   10.915  1.00 39.54  ? 227 HOH A O      1 
HETATM 650 O  O      . HOH E 4 .  ? -3.691  -3.977  -0.193  1.00 43.54  ? 228 HOH A O      1 
HETATM 651 O  O      . HOH E 4 .  ? 5.493   -2.666  -1.475  1.00 42.75  ? 229 HOH A O      1 
HETATM 652 O  O      . HOH E 4 .  ? 9.824   -9.494  0.880   1.00 67.30  ? 230 HOH A O      1 
HETATM 653 O  O      . HOH E 4 .  ? -2.069  6.491   10.421  1.00 53.97  ? 231 HOH A O      1 
HETATM 654 O  O      . HOH E 4 .  ? 8.634   -3.185  -1.585  1.00 42.51  ? 232 HOH A O      1 
HETATM 655 O  O      . HOH E 4 .  ? 10.729  -6.657  10.609  1.00 47.12  ? 233 HOH A O      1 
HETATM 656 O  O      . HOH E 4 .  ? -14.193 -3.466  2.473   1.00 67.18  ? 234 HOH A O      1 
HETATM 657 O  O      . HOH E 4 .  ? 3.852   3.024   -11.216 1.00 46.47  ? 235 HOH A O      1 
HETATM 658 O  O      . HOH E 4 .  ? 19.319  6.436   4.967   1.00 49.56  ? 236 HOH A O      1 
HETATM 659 O  O      . HOH E 4 .  ? -6.964  8.330   4.021   1.00 59.53  ? 237 HOH A O      1 
HETATM 660 O  O      . HOH E 4 .  ? 10.874  -3.677  -2.277  1.00 53.09  ? 238 HOH A O      1 
HETATM 661 O  O      . HOH E 4 .  ? -5.572  3.860   3.298   1.00 59.56  ? 239 HOH A O      1 
HETATM 662 O  O      . HOH E 4 .  ? 4.495   -4.846  -1.629  1.00 61.50  ? 240 HOH A O      1 
# 
loop_
_atom_site_anisotrop.id 
_atom_site_anisotrop.type_symbol 
_atom_site_anisotrop.pdbx_label_atom_id 
_atom_site_anisotrop.pdbx_label_alt_id 
_atom_site_anisotrop.pdbx_label_comp_id 
_atom_site_anisotrop.pdbx_label_asym_id 
_atom_site_anisotrop.pdbx_label_seq_id 
_atom_site_anisotrop.pdbx_PDB_ins_code 
_atom_site_anisotrop.U[1][1] 
_atom_site_anisotrop.U[2][2] 
_atom_site_anisotrop.U[3][3] 
_atom_site_anisotrop.U[1][2] 
_atom_site_anisotrop.U[1][3] 
_atom_site_anisotrop.U[2][3] 
_atom_site_anisotrop.pdbx_auth_seq_id 
_atom_site_anisotrop.pdbx_auth_comp_id 
_atom_site_anisotrop.pdbx_auth_asym_id 
_atom_site_anisotrop.pdbx_auth_atom_id 
1   O  "O5'" . G   A 1  ? 0.3953 0.3599 0.6639 -0.0412 -0.0599 -0.0230 1  G   A "O5'" 
2   C  "C5'" . G   A 1  ? 0.4186 0.3484 0.6906 -0.0576 -0.0324 0.0007  1  G   A "C5'" 
3   C  "C4'" . G   A 1  ? 0.3977 0.3159 0.5947 -0.0521 0.0069  0.0178  1  G   A "C4'" 
4   O  "O4'" . G   A 1  ? 0.4302 0.3454 0.5550 -0.0342 -0.0143 0.0019  1  G   A "O4'" 
5   C  "C3'" . G   A 1  ? 0.3889 0.3364 0.5833 -0.0488 0.0349  0.0257  1  G   A "C3'" 
6   O  "O3'" . G   A 1  ? 0.3932 0.3424 0.6415 -0.0594 0.0748  0.0502  1  G   A "O3'" 
7   C  "C2'" . G   A 1  ? 0.4169 0.3408 0.5189 -0.0359 0.0422  0.0278  1  G   A "C2'" 
8   O  "O2'" . G   A 1  ? 0.4511 0.3222 0.5095 -0.0346 0.0700  0.0483  1  G   A "O2'" 
9   C  "C1'" . G   A 1  ? 0.4263 0.3529 0.5074 -0.0278 0.0039  0.0078  1  G   A "C1'" 
10  N  N9    . G   A 1  ? 0.3896 0.3595 0.4741 -0.0176 -0.0145 -0.0074 1  G   A N9    
11  C  C8    . G   A 1  ? 0.3785 0.3710 0.4905 -0.0085 -0.0403 -0.0249 1  G   A C8    
12  N  N7    . G   A 1  ? 0.3620 0.3837 0.4555 0.0046  -0.0438 -0.0298 1  G   A N7    
13  C  C5    . G   A 1  ? 0.3717 0.3937 0.4388 -0.0020 -0.0230 -0.0149 1  G   A C5    
14  C  C6    . G   A 1  ? 0.3578 0.4008 0.4074 0.0017  -0.0180 -0.0083 1  G   A C6    
15  O  O6    . G   A 1  ? 0.3442 0.4130 0.3929 0.0133  -0.0220 -0.0102 1  G   A O6    
16  N  N1    . G   A 1  ? 0.3736 0.3948 0.4009 -0.0070 -0.0092 0.0032  1  G   A N1    
17  C  C2    . G   A 1  ? 0.4110 0.3906 0.4166 -0.0114 -0.0014 0.0079  1  G   A C2    
18  N  N2    . G   A 1  ? 0.4384 0.3869 0.4064 -0.0106 -0.0022 0.0149  1  G   A N2    
19  N  N3    . G   A 1  ? 0.4259 0.3867 0.4416 -0.0139 0.0039  0.0071  1  G   A N3    
20  C  C4    . G   A 1  ? 0.3854 0.3717 0.4403 -0.0124 -0.0088 -0.0042 1  G   A C4    
33  P  P     . G   A 2  ? 0.3755 0.3690 0.6700 -0.0558 0.0930  0.0528  2  G   A P     
34  O  OP1   . G   A 2  ? 0.3792 0.3777 0.7470 -0.0652 0.1386  0.0828  2  G   A OP1   
35  O  OP2   . G   A 2  ? 0.3734 0.4027 0.6947 -0.0510 0.0473  0.0238  2  G   A OP2   
36  O  "O5'" . G   A 2  ? 0.3858 0.3610 0.5792 -0.0373 0.1093  0.0545  2  G   A "O5'" 
37  C  "C5'" . G   A 2  ? 0.4445 0.3681 0.5629 -0.0265 0.1430  0.0744  2  G   A "C5'" 
38  C  "C4'" . G   A 2  ? 0.4537 0.3550 0.4823 -0.0096 0.1301  0.0646  2  G   A "C4'" 
39  O  "O4'" . G   A 2  ? 0.4562 0.3692 0.4708 -0.0146 0.0860  0.0442  2  G   A "O4'" 
40  C  "C3'" . G   A 2  ? 0.4325 0.3590 0.4661 -0.0005 0.1329  0.0597  2  G   A "C3'" 
41  O  "O3'" . G   A 2  ? 0.4652 0.3715 0.4809 0.0176  0.1776  0.0788  2  G   A "O3'" 
42  C  "C2'" . G   A 2  ? 0.4565 0.3615 0.4218 0.0053  0.0993  0.0468  2  G   A "C2'" 
43  O  "O2'" . G   A 2  ? 0.5054 0.3429 0.3829 0.0232  0.1067  0.0544  2  G   A "O2'" 
44  C  "C1'" . G   A 2  ? 0.4442 0.3674 0.4318 -0.0082 0.0703  0.0359  2  G   A "C1'" 
45  N  N9    . G   A 2  ? 0.3998 0.3753 0.4382 -0.0146 0.0492  0.0226  2  G   A N9    
46  C  C8    . G   A 2  ? 0.3685 0.3747 0.4669 -0.0197 0.0400  0.0141  2  G   A C8    
47  N  N7    . G   A 2  ? 0.3649 0.4001 0.4731 -0.0142 0.0190  0.0019  2  G   A N7    
48  C  C5    . G   A 2  ? 0.3824 0.4118 0.4464 -0.0109 0.0197  0.0073  2  G   A C5    
49  C  C6    . G   A 2  ? 0.3851 0.4327 0.4377 -0.0054 0.0080  0.0062  2  G   A C6    
50  O  O6    . G   A 2  ? 0.3575 0.4264 0.4198 0.0042  -0.0034 -0.0014 2  G   A O6    
51  N  N1    . G   A 2  ? 0.4040 0.4323 0.4243 -0.0092 0.0085  0.0166  2  G   A N1    
52  C  C2    . G   A 2  ? 0.4202 0.4089 0.4091 -0.0110 0.0121  0.0217  2  G   A C2    
53  N  N2    . G   A 2  ? 0.4405 0.4058 0.4033 -0.0127 -0.0023 0.0276  2  G   A N2    
54  N  N3    . G   A 2  ? 0.4245 0.3897 0.4045 -0.0088 0.0263  0.0224  2  G   A N3    
55  C  C4    . G   A 2  ? 0.3977 0.3898 0.4227 -0.0119 0.0325  0.0176  2  G   A C4    
67  P  P     . U   A 3  ? 0.4438 0.3916 0.5094 0.0271  0.1932  0.0786  3  U   A P     
68  O  OP1   . U   A 3  ? 0.5037 0.4236 0.5432 0.0521  0.2513  0.1050  3  U   A OP1   
69  O  OP2   . U   A 3  ? 0.3909 0.4029 0.5648 0.0073  0.1693  0.0657  3  U   A OP2   
70  O  "O5'" . U   A 3  ? 0.4696 0.3989 0.4654 0.0374  0.1579  0.0605  3  U   A "O5'" 
71  C  "C5'" . U   A 3  ? 0.5579 0.4184 0.4463 0.0579  0.1530  0.0616  3  U   A "C5'" 
72  C  "C4'" . U   A 3  ? 0.5068 0.3626 0.3692 0.0541  0.1080  0.0453  3  U   A "C4'" 
73  O  "O4'" . U   A 3  ? 0.4657 0.3591 0.3716 0.0280  0.0768  0.0365  3  U   A "O4'" 
74  C  "C3'" . U   A 3  ? 0.4904 0.3756 0.3819 0.0603  0.1065  0.0398  3  U   A "C3'" 
75  O  "O3'" . U   A 3  ? 0.5571 0.3985 0.3888 0.0928  0.1256  0.0439  3  U   A "O3'" 
76  C  "C2'" . U   A 3  ? 0.4911 0.3822 0.3802 0.0434  0.0622  0.0299  3  U   A "C2'" 
77  O  "O2'" . U   A 3  ? 0.5292 0.3572 0.3456 0.0522  0.0365  0.0287  3  U   A "O2'" 
78  C  "C1'" . U   A 3  ? 0.4494 0.3669 0.3720 0.0223  0.0533  0.0293  3  U   A "C1'" 
79  N  N1    . U   A 3  ? 0.4178 0.3937 0.4100 0.0117  0.0516  0.0233  3  U   A N1    
80  C  C2    . U   A 3  ? 0.4142 0.4089 0.4118 0.0078  0.0294  0.0192  3  U   A C2    
81  O  O2    . U   A 3  ? 0.4349 0.4063 0.3987 0.0068  0.0151  0.0240  3  U   A O2    
82  N  N3    . U   A 3  ? 0.3881 0.4213 0.4294 0.0079  0.0228  0.0106  3  U   A N3    
83  C  C4    . U   A 3  ? 0.3711 0.4258 0.4635 0.0068  0.0270  0.0035  3  U   A C4    
84  O  O4    . U   A 3  ? 0.3471 0.4236 0.4683 0.0119  0.0076  -0.0087 3  U   A O4    
85  C  C5    . U   A 3  ? 0.3663 0.4070 0.4698 0.0028  0.0526  0.0127  3  U   A C5    
86  C  C6    . U   A 3  ? 0.3988 0.4001 0.4448 0.0079  0.0676  0.0233  3  U   A C6    
97  P  P     . G   A 4  ? 0.5306 0.4097 0.4079 0.1096  0.1463  0.0433  4  G   A P     
98  O  OP1   . G   A 4  ? 0.6062 0.4245 0.3962 0.1531  0.1686  0.0484  4  G   A OP1   
99  O  OP2   . G   A 4  ? 0.4892 0.4431 0.4827 0.0929  0.1678  0.0480  4  G   A OP2   
100 O  "O5'" . G   A 4  ? 0.5174 0.4041 0.3966 0.0968  0.0983  0.0279  4  G   A "O5'" 
101 C  "C5'" . G   A 4  ? 0.6131 0.4340 0.4095 0.1061  0.0663  0.0233  4  G   A "C5'" 
102 C  "C4'" . G   A 4  ? 0.5763 0.4087 0.3887 0.0933  0.0322  0.0170  4  G   A "C4'" 
103 O  "O4'" . G   A 4  ? 0.5104 0.3818 0.3691 0.0612  0.0167  0.0194  4  G   A "O4'" 
104 C  "C3'" . G   A 4  ? 0.5398 0.4136 0.3979 0.1055  0.0418  0.0112  4  G   A "C3'" 
105 O  "O3'" . G   A 4  ? 0.6213 0.4587 0.4338 0.1414  0.0504  0.0077  4  G   A "O3'" 
106 C  "C2'" . G   A 4  ? 0.5137 0.3976 0.3839 0.0849  0.0083  0.0098  4  G   A "C2'" 
107 O  "O2'" . G   A 4  ? 0.5609 0.3841 0.3710 0.0871  -0.0208 0.0127  4  G   A "O2'" 
108 C  "C1'" . G   A 4  ? 0.5011 0.4040 0.3917 0.0572  0.0057  0.0165  4  G   A "C1'" 
109 N  N9    . G   A 4  ? 0.4688 0.4303 0.4236 0.0500  0.0173  0.0120  4  G   A N9    
110 C  C8    . G   A 4  ? 0.4414 0.4286 0.4369 0.0486  0.0401  0.0111  4  G   A C8    
111 N  N7    . G   A 4  ? 0.3806 0.4096 0.4323 0.0416  0.0334  0.0038  4  G   A N7    
112 C  C5    . G   A 4  ? 0.4033 0.4324 0.4374 0.0440  0.0089  -0.0004 4  G   A C5    
113 C  C6    . G   A 4  ? 0.4048 0.4558 0.4582 0.0488  -0.0109 -0.0103 4  G   A C6    
114 O  O6    . G   A 4  ? 0.3471 0.4222 0.4454 0.0502  -0.0201 -0.0220 4  G   A O6    
115 N  N1    . G   A 4  ? 0.4188 0.4500 0.4255 0.0566  -0.0243 -0.0051 4  G   A N1    
116 C  C2    . G   A 4  ? 0.4545 0.4519 0.4184 0.0527  -0.0232 0.0085  4  G   A C2    
117 N  N2    . G   A 4  ? 0.4481 0.4276 0.3770 0.0583  -0.0335 0.0181  4  G   A N2    
118 N  N3    . G   A 4  ? 0.4666 0.4399 0.4161 0.0471  -0.0151 0.0133  4  G   A N3    
119 C  C4    . G   A 4  ? 0.4697 0.4599 0.4490 0.0461  0.0025  0.0079  4  G   A C4    
131 P  P     . G   A 5  ? 0.5974 0.4841 0.4699 0.1635  0.0680  0.0013  5  G   A P     
132 O  OP1   . G   A 5  ? 0.7077 0.5495 0.5183 0.2087  0.0828  -0.0005 5  G   A OP1   
133 O  OP2   . G   A 5  ? 0.5109 0.4701 0.4838 0.1510  0.0989  0.0065  5  G   A OP2   
134 O  "O5'" . G   A 5  ? 0.6410 0.5286 0.5170 0.1492  0.0245  -0.0072 5  G   A "O5'" 
135 C  "C5'" . G   A 5  ? 0.5628 0.5063 0.5114 0.1467  0.0177  -0.0158 5  G   A "C5'" 
136 C  "C4'" . G   A 5  ? 0.5758 0.4984 0.4944 0.1385  -0.0196 -0.0184 5  G   A "C4'" 
137 O  "O4'" . G   A 5  ? 0.5248 0.4568 0.4465 0.1084  -0.0254 -0.0093 5  G   A "O4'" 
138 C  "C3'" . G   A 5  ? 0.4856 0.4426 0.4523 0.1548  -0.0359 -0.0334 5  G   A "C3'" 
139 O  "O3'" . G   A 5  ? 0.5180 0.4527 0.4637 0.1860  -0.0461 -0.0425 5  G   A "O3'" 
140 C  "C2'" . G   A 5  ? 0.4840 0.4305 0.4248 0.1398  -0.0597 -0.0296 5  G   A "C2'" 
141 O  "O2'" . G   A 5  ? 0.5279 0.4182 0.3972 0.1444  -0.0782 -0.0206 5  G   A "O2'" 
142 C  "C1'" . G   A 5  ? 0.5042 0.4583 0.4456 0.1102  -0.0429 -0.0155 5  G   A "C1'" 
143 N  N9    . G   A 5  ? 0.4424 0.4475 0.4520 0.1041  -0.0352 -0.0244 5  G   A N9    
144 C  C8    . G   A 5  ? 0.4198 0.4514 0.4776 0.0963  -0.0098 -0.0229 5  G   A C8    
145 N  N7    . G   A 5  ? 0.3819 0.4514 0.5039 0.0898  -0.0143 -0.0310 5  G   A N7    
146 C  C5    . G   A 5  ? 0.3778 0.4415 0.4822 0.0995  -0.0476 -0.0423 5  G   A C5    
147 C  C6    . G   A 5  ? 0.3441 0.4239 0.4824 0.1052  -0.0755 -0.0584 5  G   A C6    
148 O  O6    . G   A 5  ? 0.3181 0.4248 0.5243 0.0957  -0.0780 -0.0653 5  G   A O6    
149 N  N1    . G   A 5  ? 0.3812 0.4322 0.4596 0.1268  -0.1038 -0.0656 5  G   A N1    
150 C  C2    . G   A 5  ? 0.4375 0.4527 0.4434 0.1357  -0.1015 -0.0537 5  G   A C2    
151 N  N2    . G   A 5  ? 0.4589 0.4423 0.4054 0.1609  -0.1254 -0.0580 5  G   A N2    
152 N  N3    . G   A 5  ? 0.4446 0.4460 0.4312 0.1240  -0.0797 -0.0383 5  G   A N3    
153 C  C4    . G   A 5  ? 0.4088 0.4342 0.4423 0.1090  -0.0560 -0.0358 5  G   A C4    
165 P  P     . G   A 6  ? 0.3766 0.5809 0.4068 0.1110  -0.0414 -0.0988 6  G   A P     
166 O  OP1   . G   A 6  ? 0.3759 0.5988 0.4365 0.1140  -0.0236 -0.1328 6  G   A OP1   
167 O  OP2   . G   A 6  ? 0.3975 0.6334 0.3901 0.1101  -0.0486 -0.0653 6  G   A OP2   
168 O  "O5'" . G   A 6  ? 0.3556 0.5023 0.4000 0.1020  -0.0428 -0.0742 6  G   A "O5'" 
169 C  "C5'" . G   A 6  ? 0.3415 0.4561 0.4171 0.0989  -0.0367 -0.0897 6  G   A "C5'" 
170 C  "C4'" . G   A 6  ? 0.3295 0.4053 0.4060 0.0848  -0.0403 -0.0664 6  G   A "C4'" 
171 O  "O4'" . G   A 6  ? 0.3297 0.3929 0.3965 0.0801  -0.0500 -0.0655 6  G   A "O4'" 
172 C  "C3'" . G   A 6  ? 0.3262 0.4026 0.3944 0.0761  -0.0390 -0.0333 6  G   A "C3'" 
173 O  "O3'" . G   A 6  ? 0.3236 0.4054 0.4120 0.0776  -0.0318 -0.0274 6  G   A "O3'" 
174 C  "C2'" . G   A 6  ? 0.3191 0.3679 0.3863 0.0588  -0.0431 -0.0256 6  G   A "C2'" 
175 O  "O2'" . G   A 6  ? 0.3257 0.3565 0.4071 0.0498  -0.0400 -0.0322 6  G   A "O2'" 
176 C  "C1'" . G   A 6  ? 0.3236 0.3684 0.3887 0.0645  -0.0501 -0.0422 6  G   A "C1'" 
177 N  N9    . G   A 6  ? 0.3330 0.3899 0.3883 0.0669  -0.0551 -0.0207 6  G   A N9    
178 C  C8    . G   A 6  ? 0.3495 0.4373 0.3888 0.0807  -0.0599 -0.0114 6  G   A C8    
179 N  N7    . G   A 6  ? 0.3605 0.4504 0.3992 0.0783  -0.0626 0.0177  6  G   A N7    
180 C  C5    . G   A 6  ? 0.3473 0.4061 0.4081 0.0615  -0.0574 0.0203  6  G   A C5    
181 C  C6    . G   A 6  ? 0.3611 0.4072 0.4441 0.0501  -0.0534 0.0410  6  G   A C6    
182 O  O6    . G   A 6  ? 0.3697 0.4238 0.4597 0.0547  -0.0544 0.0696  6  G   A O6    
183 N  N1    . G   A 6  ? 0.3506 0.3770 0.4535 0.0292  -0.0456 0.0252  6  G   A N1    
184 C  C2    . G   A 6  ? 0.3519 0.3718 0.4470 0.0205  -0.0442 0.0020  6  G   A C2    
185 N  N2    . G   A 6  ? 0.3637 0.3764 0.4737 -0.0044 -0.0363 -0.0092 6  G   A N2    
186 N  N3    . G   A 6  ? 0.3276 0.3521 0.4058 0.0329  -0.0480 -0.0095 6  G   A N3    
187 C  C4    . G   A 6  ? 0.3344 0.3774 0.3996 0.0531  -0.0537 -0.0032 6  G   A C4    
199 P  P     . G   A 7  ? 0.3351 0.4360 0.4212 0.0744  -0.0290 -0.0008 7  G   A P     
200 O  OP1   . G   A 7  ? 0.3393 0.4476 0.4630 0.0814  -0.0227 -0.0020 7  G   A OP1   
201 O  OP2   . G   A 7  ? 0.3575 0.4815 0.4182 0.0789  -0.0278 0.0025  7  G   A OP2   
202 O  "O5'" . G   A 7  ? 0.3532 0.4380 0.4301 0.0545  -0.0346 0.0203  7  G   A "O5'" 
203 C  "C5'" . G   A 7  ? 0.3755 0.4473 0.4631 0.0421  -0.0377 0.0256  7  G   A "C5'" 
204 C  "C4'" . G   A 7  ? 0.3770 0.4502 0.4526 0.0185  -0.0402 0.0370  7  G   A "C4'" 
205 O  "O4'" . G   A 7  ? 0.3754 0.4328 0.4425 0.0120  -0.0393 0.0221  7  G   A "O4'" 
206 C  "C3'" . G   A 7  ? 0.3606 0.4576 0.4363 0.0129  -0.0386 0.0543  7  G   A "C3'" 
207 O  "O3'" . G   A 7  ? 0.3468 0.4657 0.4376 0.0125  -0.0423 0.0725  7  G   A "O3'" 
208 C  "C2'" . G   A 7  ? 0.3598 0.4538 0.4306 -0.0114 -0.0366 0.0488  7  G   A "C2'" 
209 O  "O2'" . G   A 7  ? 0.3616 0.4667 0.4303 -0.0338 -0.0401 0.0495  7  G   A "O2'" 
210 C  "C1'" . G   A 7  ? 0.3788 0.4450 0.4475 -0.0047 -0.0361 0.0298  7  G   A "C1'" 
211 N  N9    . G   A 7  ? 0.3919 0.4566 0.4618 0.0075  -0.0336 0.0356  7  G   A N9    
212 C  C8    . G   A 7  ? 0.3711 0.4419 0.4307 0.0299  -0.0356 0.0387  7  G   A C8    
213 N  N7    . G   A 7  ? 0.3666 0.4415 0.4260 0.0335  -0.0338 0.0530  7  G   A N7    
214 C  C5    . G   A 7  ? 0.4045 0.4696 0.4851 0.0138  -0.0282 0.0569  7  G   A C5    
215 C  C6    . G   A 7  ? 0.4139 0.4749 0.5170 0.0082  -0.0215 0.0733  7  G   A C6    
216 O  O6    . G   A 7  ? 0.4137 0.4792 0.5151 0.0203  -0.0217 0.0961  7  G   A O6    
217 N  N1    . G   A 7  ? 0.4176 0.4726 0.5511 -0.0162 -0.0126 0.0616  7  G   A N1    
218 C  C2    . G   A 7  ? 0.3914 0.4525 0.5222 -0.0350 -0.0123 0.0393  7  G   A C2    
219 N  N2    . G   A 7  ? 0.3705 0.4371 0.5335 -0.0621 -0.0010 0.0240  7  G   A N2    
220 N  N3    . G   A 7  ? 0.3849 0.4508 0.4886 -0.0296 -0.0211 0.0333  7  G   A N3    
221 C  C4    . G   A 7  ? 0.4228 0.4861 0.5078 -0.0039 -0.0277 0.0419  7  G   A C4    
233 P  P     . A   A 8  ? 0.3660 0.5149 0.4669 0.0128  -0.0396 0.0869  8  A   A P     
234 O  OP1   . A   A 8  ? 0.3819 0.5385 0.4734 -0.0090 -0.0360 0.0857  8  A   A OP1   
235 O  OP2   . A   A 8  ? 0.3459 0.5154 0.4746 0.0180  -0.0468 0.1051  8  A   A OP2   
236 O  "O5'" . A   A 8  ? 0.3673 0.5149 0.4653 0.0325  -0.0298 0.0780  8  A   A "O5'" 
237 C  "C5'" . A   A 8  ? 0.3634 0.5104 0.4746 0.0523  -0.0268 0.0655  8  A   A "C5'" 
238 C  "C4'" . A   A 8  ? 0.3972 0.5715 0.5192 0.0626  -0.0163 0.0633  8  A   A "C4'" 
239 O  "O4'" . A   A 8  ? 0.4070 0.6021 0.5602 0.0594  -0.0180 0.0792  8  A   A "O4'" 
240 C  "C3'" . A   A 8  ? 0.4079 0.5918 0.5016 0.0574  -0.0090 0.0690  8  A   A "C3'" 
241 O  "O3'" . A   A 8  ? 0.4149 0.5975 0.4833 0.0653  -0.0071 0.0574  8  A   A "O3'" 
242 C  "C2'" . A   A 8  ? 0.4305 0.6463 0.5445 0.0597  0.0015  0.0724  8  A   A "C2'" 
243 O  "O2'" . A   A 8  ? 0.4451 0.6811 0.5704 0.0732  0.0117  0.0504  8  A   A "O2'" 
244 C  "C1'" . A   A 8  ? 0.4127 0.6315 0.5630 0.0567  -0.0078 0.0824  8  A   A "C1'" 
245 N  N9    . A   A 8  ? 0.3813 0.6053 0.5263 0.0379  -0.0127 0.0993  8  A   A N9    
246 C  C8    . A   A 8  ? 0.4062 0.6260 0.5502 0.0233  -0.0254 0.1081  8  A   A C8    
247 N  N7    . A   A 8  ? 0.4113 0.6471 0.5540 0.0042  -0.0241 0.1134  8  A   A N7    
248 C  C5    . A   A 8  ? 0.3934 0.6379 0.5386 0.0080  -0.0093 0.1124  8  A   A C5    
249 C  C6    . A   A 8  ? 0.4143 0.6749 0.5674 -0.0066 0.0019  0.1154  8  A   A C6    
250 N  N6    . A   A 8  ? 0.3970 0.6714 0.5602 -0.0294 0.0000  0.1137  8  A   A N6    
251 N  N1    . A   A 8  ? 0.4121 0.6789 0.5646 0.0001  0.0180  0.1175  8  A   A N1    
252 C  C2    . A   A 8  ? 0.4411 0.7060 0.5823 0.0185  0.0216  0.1125  8  A   A C2    
253 N  N3    . A   A 8  ? 0.4267 0.6805 0.5644 0.0330  0.0127  0.1028  8  A   A N3    
254 C  C4    . A   A 8  ? 0.3986 0.6388 0.5409 0.0278  -0.0027 0.1052  8  A   A C4    
266 P  P     . C   A 9  ? 0.4091 0.5804 0.4504 0.0582  -0.0094 0.0731  9  C   A P     
267 O  OP1   . C   A 9  ? 0.4286 0.6124 0.4469 0.0692  -0.0117 0.0638  9  C   A OP1   
268 O  OP2   . C   A 9  ? 0.4061 0.5475 0.4565 0.0452  -0.0168 0.0768  9  C   A OP2   
269 O  "O5'" . C   A 9  ? 0.4186 0.6085 0.4608 0.0495  0.0022  0.0947  9  C   A "O5'" 
270 C  "C5'" . C   A 9  ? 0.4475 0.6722 0.4778 0.0541  0.0143  0.0965  9  C   A "C5'" 
271 C  "C4'" . C   A 9  ? 0.4386 0.6691 0.4667 0.0423  0.0250  0.1242  9  C   A "C4'" 
272 O  "O4'" . C   A 9  ? 0.4282 0.6575 0.4867 0.0316  0.0298  0.1250  9  C   A "O4'" 
273 C  "C3'" . C   A 9  ? 0.4933 0.6955 0.5206 0.0362  0.0200  0.1466  9  C   A "C3'" 
274 O  "O3'" . C   A 9  ? 0.4871 0.7010 0.4872 0.0441  0.0160  0.1622  9  C   A "O3'" 
275 C  "C2'" . C   A 9  ? 0.4470 0.6477 0.4985 0.0207  0.0340  0.1649  9  C   A "C2'" 
276 O  "O2'" . C   A 9  ? 0.4681 0.6952 0.5051 0.0192  0.0486  0.1873  9  C   A "O2'" 
277 C  "C1'" . C   A 9  ? 0.4320 0.6457 0.5020 0.0170  0.0351  0.1442  9  C   A "C1'" 
278 N  N1    . C   A 9  ? 0.4086 0.6034 0.5007 0.0060  0.0259  0.1333  9  C   A N1    
279 C  C2    . C   A 9  ? 0.4017 0.5891 0.5205 -0.0131 0.0343  0.1386  9  C   A C2    
280 O  O2    . C   A 9  ? 0.4026 0.5908 0.5305 -0.0176 0.0492  0.1572  9  C   A O2    
281 N  N3    . C   A 9  ? 0.4280 0.6118 0.5650 -0.0287 0.0283  0.1225  9  C   A N3    
282 C  C4    . C   A 9  ? 0.4363 0.6215 0.5607 -0.0245 0.0131  0.1100  9  C   A C4    
283 N  N4    . C   A 9  ? 0.3980 0.5897 0.5340 -0.0441 0.0079  0.0965  9  C   A N4    
284 C  C5    . C   A 9  ? 0.4558 0.6402 0.5594 -0.0028 0.0046  0.1094  9  C   A C5    
285 C  C6    . C   A 9  ? 0.4197 0.6104 0.5100 0.0115  0.0122  0.1169  9  C   A C6    
297 P  P     . G   A 10 ? 0.5162 0.7013 0.5208 0.0490  -0.0002 0.1690  10 G   A P     
298 O  OP1   . G   A 10 ? 0.5928 0.8117 0.5629 0.0593  -0.0070 0.1826  10 G   A OP1   
299 O  OP2   . G   A 10 ? 0.5078 0.6658 0.5276 0.0494  -0.0094 0.1377  10 G   A OP2   
300 O  "O5'" . G   A 10 ? 0.5000 0.6590 0.5411 0.0364  0.0077  0.1997  10 G   A "O5'" 
301 C  "C5'" . G   A 10 ? 0.5461 0.7210 0.5866 0.0321  0.0200  0.2386  10 G   A "C5'" 
302 C  "C4'" . G   A 10 ? 0.5172 0.6601 0.6131 0.0179  0.0319  0.2567  10 G   A "C4'" 
303 O  "O4'" . G   A 10 ? 0.5312 0.6700 0.6484 0.0036  0.0429  0.2279  10 G   A "O4'" 
304 C  "C3'" . G   A 10 ? 0.5345 0.6396 0.6754 0.0178  0.0228  0.2542  10 G   A "C3'" 
305 O  "O3'" . G   A 10 ? 0.5335 0.6364 0.6835 0.0289  0.0134  0.2948  10 G   A "O3'" 
306 C  "C2'" . G   A 10 ? 0.5299 0.6141 0.7301 -0.0033 0.0422  0.2456  10 G   A "C2'" 
307 O  "O2'" . G   A 10 ? 0.5923 0.6749 0.8235 -0.0084 0.0588  0.2879  10 G   A "O2'" 
308 C  "C1'" . G   A 10 ? 0.5154 0.6235 0.6874 -0.0106 0.0477  0.2178  10 G   A "C1'" 
309 N  N9    . G   A 10 ? 0.4885 0.5917 0.6563 -0.0151 0.0370  0.1768  10 G   A N9    
310 C  C8    . G   A 10 ? 0.4523 0.5674 0.5785 -0.0032 0.0226  0.1584  10 G   A C8    
311 N  N7    . G   A 10 ? 0.4567 0.5646 0.5901 -0.0126 0.0166  0.1303  10 G   A N7    
312 C  C5    . G   A 10 ? 0.4653 0.5616 0.6452 -0.0336 0.0279  0.1231  10 G   A C5    
313 C  C6    . G   A 10 ? 0.4003 0.4959 0.6036 -0.0558 0.0294  0.0915  10 G   A C6    
314 O  O6    . G   A 10 ? 0.4060 0.5094 0.5882 -0.0606 0.0192  0.0710  10 G   A O6    
315 N  N1    . G   A 10 ? 0.3945 0.4833 0.6555 -0.0762 0.0472  0.0839  10 G   A N1    
316 C  C2    . G   A 10 ? 0.4015 0.4780 0.6983 -0.0730 0.0613  0.1113  10 G   A C2    
317 N  N2    . G   A 10 ? 0.3933 0.4621 0.7608 -0.0955 0.0812  0.0959  10 G   A N2    
318 N  N3    . G   A 10 ? 0.4370 0.5135 0.7065 -0.0522 0.0586  0.1499  10 G   A N3    
319 C  C4    . G   A 10 ? 0.4632 0.5530 0.6715 -0.0343 0.0416  0.1503  10 G   A C4    
331 P  P     . A   A 11 ? 0.5350 0.9664 0.8608 -0.1326 0.0307  0.1415  11 A   A P     
332 O  OP1   . A   A 11 ? 0.6035 1.0560 0.8941 -0.1614 0.0339  0.1731  11 A   A OP1   
333 O  OP2   . A   A 11 ? 0.5050 0.8781 0.8207 -0.0866 0.0291  0.1017  11 A   A OP2   
334 O  "O5'" . A   A 11 ? 0.5292 0.9040 0.8846 -0.1494 -0.0006 0.1731  11 A   A "O5'" 
335 C  "C5'" . A   A 11 ? 0.5780 0.9867 0.9490 -0.1985 -0.0132 0.2199  11 A   A "C5'" 
336 C  "C4'" . A   A 11 ? 0.5544 0.8832 0.9531 -0.2058 -0.0547 0.2458  11 A   A "C4'" 
337 O  "O4'" . A   A 11 ? 0.5689 0.9429 1.0002 -0.2470 -0.0650 0.2779  11 A   A "O4'" 
338 C  "C3'" . A   A 11 ? 0.5826 0.8448 0.9998 -0.1626 -0.0649 0.2086  11 A   A "C3'" 
339 O  "O3'" . A   A 11 ? 0.6230 0.8070 1.0565 -0.1618 -0.1045 0.2227  11 A   A "O3'" 
340 C  "C2'" . A   A 11 ? 0.6388 0.9431 1.0939 -0.1694 -0.0604 0.2023  11 A   A "C2'" 
341 O  "O2'" . A   A 11 ? 0.7547 0.9983 1.2371 -0.1486 -0.0836 0.1871  11 A   A "O2'" 
342 C  "C1'" . A   A 11 ? 0.6083 0.9620 1.0783 -0.2252 -0.0714 0.2540  11 A   A "C1'" 
343 N  N9    . A   A 11 ? 0.5965 1.0509 1.0882 -0.2457 -0.0460 0.2491  11 A   A N9    
344 C  C8    . A   A 11 ? 0.5538 1.0567 1.0602 -0.2156 -0.0187 0.2000  11 A   A C8    
345 N  N7    . A   A 11 ? 0.5772 1.1758 1.1047 -0.2412 -0.0007 0.1983  11 A   A N7    
346 C  C5    . A   A 11 ? 0.6444 1.2343 1.1422 -0.2849 -0.0154 0.2464  11 A   A C5    
347 C  C6    . A   A 11 ? 0.6736 1.3282 1.1615 -0.3252 -0.0089 0.2660  11 A   A C6    
348 N  N6    . A   A 11 ? 0.6968 1.4443 1.2089 -0.3265 0.0195  0.2328  11 A   A N6    
349 N  N1    . A   A 11 ? 0.7287 1.3491 1.1839 -0.3636 -0.0380 0.3204  11 A   A N1    
350 C  C2    . A   A 11 ? 0.7444 1.2710 1.1844 -0.3573 -0.0719 0.3467  11 A   A C2    
351 N  N3    . A   A 11 ? 0.7105 1.1718 1.1613 -0.3196 -0.0778 0.3268  11 A   A N3    
352 C  C4    . A   A 11 ? 0.6513 1.1506 1.1283 -0.2869 -0.0468 0.2788  11 A   A C4    
364 P  P     . C   A 12 ? 0.4277 0.5444 0.8427 -0.1250 -0.1124 0.1923  12 C   A P     
365 O  OP1   . C   A 12 ? 0.4667 0.5250 0.9156 -0.1336 -0.1601 0.2094  12 C   A OP1   
366 O  OP2   . C   A 12 ? 0.4027 0.5392 0.7740 -0.1171 -0.0866 0.1845  12 C   A OP2   
367 O  "O5'" . C   A 12 ? 0.3831 0.4845 0.8006 -0.0906 -0.1014 0.1482  12 C   A "O5'" 
368 C  "C5'" . C   A 12 ? 0.3711 0.4415 0.8241 -0.0859 -0.1256 0.1407  12 C   A "C5'" 
369 C  "C4'" . C   A 12 ? 0.3754 0.4317 0.8135 -0.0565 -0.1139 0.1001  12 C   A "C4'" 
370 O  "O4'" . C   A 12 ? 0.3423 0.4439 0.7792 -0.0561 -0.0919 0.0942  12 C   A "O4'" 
371 C  "C3'" . C   A 12 ? 0.3707 0.4107 0.7657 -0.0357 -0.0995 0.0742  12 C   A "C3'" 
372 O  "O3'" . C   A 12 ? 0.3893 0.3906 0.7886 -0.0260 -0.1190 0.0582  12 C   A "O3'" 
373 C  "C2'" . C   A 12 ? 0.3654 0.4101 0.7430 -0.0209 -0.0873 0.0494  12 C   A "C2'" 
374 O  "O2'" . C   A 12 ? 0.3567 0.3704 0.7462 -0.0137 -0.1061 0.0320  12 C   A "O2'" 
375 C  "C1'" . C   A 12 ? 0.3670 0.4594 0.7693 -0.0325 -0.0778 0.0637  12 C   A "C1'" 
376 N  N1    . C   A 12 ? 0.3758 0.5130 0.7574 -0.0330 -0.0532 0.0642  12 C   A N1    
377 C  C2    . C   A 12 ? 0.3718 0.5076 0.7274 -0.0124 -0.0441 0.0369  12 C   A C2    
378 O  O2    . C   A 12 ? 0.3591 0.4546 0.7035 0.0005  -0.0570 0.0187  12 C   A O2    
379 N  N3    . C   A 12 ? 0.3440 0.5232 0.6875 -0.0098 -0.0256 0.0315  12 C   A N3    
380 C  C4    . C   A 12 ? 0.3593 0.5885 0.7084 -0.0296 -0.0117 0.0526  12 C   A C4    
381 N  N4    . C   A 12 ? 0.3727 0.6503 0.7075 -0.0255 0.0068  0.0408  12 C   A N4    
382 C  C5    . C   A 12 ? 0.3411 0.5723 0.7099 -0.0574 -0.0212 0.0875  12 C   A C5    
383 C  C6    . C   A 12 ? 0.3729 0.5543 0.7608 -0.0563 -0.0440 0.0915  12 C   A C6    
395 P  P     . C   A 13 ? 0.3831 0.3762 0.7510 -0.0158 -0.1104 0.0436  13 C   A P     
396 O  OP1   . C   A 13 ? 0.3973 0.3626 0.7930 -0.0061 -0.1378 0.0193  13 C   A OP1   
397 O  OP2   . C   A 13 ? 0.3676 0.3780 0.7236 -0.0280 -0.1010 0.0710  13 C   A OP2   
398 O  "O5'" . C   A 13 ? 0.3547 0.3555 0.6768 -0.0039 -0.0867 0.0202  13 C   A "O5'" 
399 C  "C5'" . C   A 13 ? 0.3316 0.3196 0.6459 0.0026  -0.0925 -0.0044 13 C   A "C5'" 
400 C  "C4'" . C   A 13 ? 0.3384 0.3294 0.6082 0.0054  -0.0783 -0.0131 13 C   A "C4'" 
401 O  "O4'" . C   A 13 ? 0.3471 0.3561 0.6235 0.0053  -0.0700 0.0014  13 C   A "O4'" 
402 C  "C3'" . C   A 13 ? 0.3533 0.3475 0.5849 0.0069  -0.0650 -0.0189 13 C   A "C3'" 
403 O  "O3'" . C   A 13 ? 0.3661 0.3571 0.5825 0.0056  -0.0687 -0.0424 13 C   A "O3'" 
404 C  "C2'" . C   A 13 ? 0.3620 0.3558 0.5652 0.0082  -0.0602 -0.0170 13 C   A "C2'" 
405 O  "O2'" . C   A 13 ? 0.3727 0.3480 0.5529 0.0032  -0.0734 -0.0296 13 C   A "O2'" 
406 C  "C1'" . C   A 13 ? 0.3786 0.3901 0.6188 0.0103  -0.0600 -0.0044 13 C   A "C1'" 
407 N  N1    . C   A 13 ? 0.3472 0.3900 0.5927 0.0105  -0.0443 0.0089  13 C   A N1    
408 C  C2    . C   A 13 ? 0.3437 0.3972 0.5688 0.0193  -0.0380 -0.0001 13 C   A C2    
409 O  O2    . C   A 13 ? 0.3671 0.3951 0.5713 0.0243  -0.0506 -0.0135 13 C   A O2    
410 N  N3    . C   A 13 ? 0.3552 0.4464 0.5837 0.0197  -0.0228 0.0061  13 C   A N3    
411 C  C4    . C   A 13 ? 0.3495 0.4663 0.5943 0.0060  -0.0144 0.0273  13 C   A C4    
412 N  N4    . C   A 13 ? 0.3497 0.5111 0.5901 0.0017  0.0010  0.0333  13 C   A N4    
413 C  C5    . C   A 13 ? 0.3455 0.4430 0.6125 -0.0058 -0.0265 0.0427  13 C   A C5    
414 C  C6    . C   A 13 ? 0.3490 0.4107 0.6188 0.0001  -0.0408 0.0293  13 C   A C6    
426 P  P     . C   A 14 ? 0.3798 0.3813 0.5782 0.0065  -0.0584 -0.0513 14 C   A P     
427 O  OP1   . C   A 14 ? 0.3662 0.3809 0.5665 0.0049  -0.0645 -0.0854 14 C   A OP1   
428 O  OP2   . C   A 14 ? 0.3997 0.4019 0.6221 0.0107  -0.0571 -0.0322 14 C   A OP2   
429 O  "O5'" . C   A 14 ? 0.3917 0.3917 0.5402 0.0010  -0.0473 -0.0442 14 C   A "O5'" 
430 C  "C5'" . C   A 14 ? 0.3929 0.3863 0.5044 -0.0111 -0.0537 -0.0521 14 C   A "C5'" 
431 C  "C4'" . C   A 14 ? 0.4055 0.3870 0.4809 -0.0152 -0.0542 -0.0397 14 C   A "C4'" 
432 O  "O4'" . C   A 14 ? 0.4223 0.3979 0.5205 -0.0015 -0.0560 -0.0273 14 C   A "O4'" 
433 C  "C3'" . C   A 14 ? 0.4033 0.3946 0.4610 -0.0152 -0.0419 -0.0385 14 C   A "C3'" 
434 O  "O3'" . C   A 14 ? 0.4081 0.4145 0.4356 -0.0329 -0.0398 -0.0520 14 C   A "O3'" 
435 C  "C2'" . C   A 14 ? 0.4217 0.3959 0.4644 -0.0101 -0.0489 -0.0256 14 C   A "C2'" 
436 O  "O2'" . C   A 14 ? 0.4439 0.3963 0.4489 -0.0269 -0.0694 -0.0234 14 C   A "O2'" 
437 C  "C1'" . C   A 14 ? 0.4274 0.4025 0.5078 0.0034  -0.0523 -0.0221 14 C   A "C1'" 
438 N  N1    . C   A 14 ? 0.4066 0.4047 0.5148 0.0153  -0.0367 -0.0148 14 C   A N1    
439 C  C2    . C   A 14 ? 0.3968 0.4043 0.4991 0.0247  -0.0334 -0.0140 14 C   A C2    
440 O  O2    . C   A 14 ? 0.4246 0.4123 0.5036 0.0257  -0.0482 -0.0200 14 C   A O2    
441 N  N3    . C   A 14 ? 0.3932 0.4312 0.5144 0.0298  -0.0185 -0.0067 14 C   A N3    
442 C  C4    . C   A 14 ? 0.3933 0.4434 0.5382 0.0225  -0.0122 0.0058  14 C   A C4    
443 N  N4    . C   A 14 ? 0.3926 0.4737 0.5492 0.0188  -0.0013 0.0196  14 C   A N4    
444 C  C5    . C   A 14 ? 0.4075 0.4393 0.5657 0.0163  -0.0211 0.0046  14 C   A C5    
445 C  C6    . C   A 14 ? 0.3912 0.4017 0.5303 0.0145  -0.0306 -0.0089 14 C   A C6    
457 P  P     . C   A 15 ? 0.4062 0.4363 0.4361 -0.0307 -0.0250 -0.0620 15 C   A P     
458 O  OP1   . C   A 15 ? 0.3981 0.4591 0.3987 -0.0548 -0.0233 -0.0822 15 C   A OP1   
459 O  OP2   . C   A 15 ? 0.3983 0.4327 0.4779 -0.0112 -0.0216 -0.0658 15 C   A OP2   
460 O  "O5'" . C   A 15 ? 0.4017 0.4146 0.4078 -0.0285 -0.0247 -0.0427 15 C   A "O5'" 
461 C  "C5'" . C   A 15 ? 0.3909 0.3881 0.3533 -0.0470 -0.0381 -0.0333 15 C   A "C5'" 
462 C  "C4'" . C   A 15 ? 0.3908 0.3697 0.3450 -0.0367 -0.0423 -0.0207 15 C   A "C4'" 
463 O  "O4'" . C   A 15 ? 0.4063 0.3740 0.3887 -0.0136 -0.0453 -0.0164 15 C   A "O4'" 
464 C  "C3'" . C   A 15 ? 0.3915 0.3874 0.3533 -0.0279 -0.0255 -0.0237 15 C   A "C3'" 
465 O  "O3'" . C   A 15 ? 0.4048 0.4178 0.3404 -0.0489 -0.0229 -0.0293 15 C   A "O3'" 
466 C  "C2'" . C   A 15 ? 0.4113 0.3894 0.3737 -0.0110 -0.0318 -0.0139 15 C   A "C2'" 
467 O  "O2'" . C   A 15 ? 0.4003 0.3546 0.3304 -0.0231 -0.0534 -0.0076 15 C   A "O2'" 
468 C  "C1'" . C   A 15 ? 0.4166 0.3896 0.4039 0.0013  -0.0374 -0.0137 15 C   A "C1'" 
469 N  N1    . C   A 15 ? 0.4147 0.4098 0.4362 0.0151  -0.0201 -0.0122 15 C   A N1    
470 C  C2    . C   A 15 ? 0.3925 0.4006 0.4200 0.0283  -0.0132 -0.0089 15 C   A C2    
471 O  O2    . C   A 15 ? 0.4078 0.4069 0.4170 0.0333  -0.0221 -0.0129 15 C   A O2    
472 N  N3    . C   A 15 ? 0.3905 0.4226 0.4424 0.0316  -0.0008 -0.0008 15 C   A N3    
473 C  C4    . C   A 15 ? 0.3768 0.4104 0.4519 0.0251  0.0001  0.0044  15 C   A C4    
474 N  N4    . C   A 15 ? 0.3985 0.4511 0.4963 0.0220  0.0053  0.0191  15 C   A N4    
475 C  C5    . C   A 15 ? 0.3997 0.4177 0.4750 0.0184  -0.0075 -0.0050 15 C   A C5    
476 C  C6    . C   A 15 ? 0.3950 0.3986 0.4405 0.0121  -0.0150 -0.0133 15 C   A C6    
488 P  P     . A   A 16 ? 0.3531 0.3976 0.3110 -0.0419 -0.0050 -0.0452 16 A   A P     
489 O  OP1   . A   A 16 ? 0.3593 0.4342 0.2868 -0.0719 -0.0034 -0.0551 16 A   A OP1   
490 O  OP2   . A   A 16 ? 0.3431 0.3981 0.3468 -0.0241 0.0011  -0.0578 16 A   A OP2   
491 O  "O5'" . A   A 16 ? 0.3490 0.3751 0.3073 -0.0251 -0.0046 -0.0317 16 A   A "O5'" 
492 C  "C5'" . A   A 16 ? 0.3448 0.3534 0.2702 -0.0337 -0.0158 -0.0203 16 A   A "C5'" 
493 C  "C4'" . A   A 16 ? 0.3636 0.3587 0.2964 -0.0114 -0.0152 -0.0131 16 A   A "C4'" 
494 O  "O4'" . A   A 16 ? 0.3703 0.3603 0.3230 0.0064  -0.0149 -0.0100 16 A   A "O4'" 
495 C  "C3'" . A   A 16 ? 0.3505 0.3622 0.3032 -0.0012 -0.0017 -0.0177 16 A   A "C3'" 
496 O  "O3'" . A   A 16 ? 0.3375 0.3567 0.2757 -0.0117 -0.0020 -0.0217 16 A   A "O3'" 
497 C  "C2'" . A   A 16 ? 0.3563 0.3602 0.3155 0.0183  -0.0009 -0.0079 16 A   A "C2'" 
498 O  "O2'" . A   A 16 ? 0.3550 0.3460 0.2915 0.0227  -0.0106 -0.0059 16 A   A "O2'" 
499 C  "C1'" . A   A 16 ? 0.3657 0.3669 0.3336 0.0218  -0.0042 -0.0066 16 A   A "C1'" 
500 N  N9    . A   A 16 ? 0.3447 0.3589 0.3424 0.0242  0.0041  -0.0036 16 A   A N9    
501 C  C8    . A   A 16 ? 0.3563 0.3727 0.3717 0.0177  0.0034  -0.0090 16 A   A C8    
502 N  N7    . A   A 16 ? 0.3463 0.3693 0.3909 0.0212  0.0050  -0.0019 16 A   A N7    
503 C  C5    . A   A 16 ? 0.3482 0.3791 0.3890 0.0262  0.0091  0.0116  16 A   A C5    
504 C  C6    . A   A 16 ? 0.3689 0.4128 0.4258 0.0232  0.0098  0.0298  16 A   A C6    
505 N  N6    . A   A 16 ? 0.3692 0.4129 0.4557 0.0159  0.0023  0.0397  16 A   A N6    
506 N  N1    . A   A 16 ? 0.3621 0.4214 0.4016 0.0240  0.0153  0.0391  16 A   A N1    
507 C  C2    . A   A 16 ? 0.3604 0.4164 0.3744 0.0330  0.0179  0.0275  16 A   A C2    
508 N  N3    . A   A 16 ? 0.3545 0.3916 0.3550 0.0369  0.0134  0.0127  16 A   A N3    
509 C  C4    . A   A 16 ? 0.3504 0.3776 0.3630 0.0307  0.0099  0.0072  16 A   A C4    
521 P  P     . CBV A 17 ? 0.3281 0.3736 0.2949 -0.0089 0.0075  -0.0379 17 CBV A P     
522 O  O1P   . CBV A 17 ? 0.3484 0.4090 0.2954 -0.0263 0.0067  -0.0432 17 CBV A O1P   
523 O  O2P   . CBV A 17 ? 0.4430 0.5083 0.4414 -0.0084 0.0112  -0.0550 17 CBV A O2P   
524 O  "O5'" . CBV A 17 ? 0.3350 0.3643 0.3152 0.0119  0.0063  -0.0257 17 CBV A "O5'" 
525 C  "C5'" . CBV A 17 ? 0.3314 0.3482 0.2899 0.0167  0.0026  -0.0166 17 CBV A "C5'" 
526 C  "C4'" . CBV A 17 ? 0.3359 0.3460 0.3000 0.0310  0.0023  -0.0039 17 CBV A "C4'" 
527 O  "O4'" . CBV A 17 ? 0.3520 0.3647 0.3205 0.0348  0.0055  0.0044  17 CBV A "O4'" 
528 C  "C3'" . CBV A 17 ? 0.3428 0.3554 0.3367 0.0337  -0.0021 -0.0033 17 CBV A "C3'" 
529 O  "O3'" . CBV A 17 ? 0.3480 0.3600 0.3432 0.0345  -0.0071 -0.0107 17 CBV A "O3'" 
530 C  "C2'" . CBV A 17 ? 0.3591 0.3693 0.3465 0.0371  -0.0029 0.0183  17 CBV A "C2'" 
531 O  "O2'" . CBV A 17 ? 0.3550 0.3647 0.3140 0.0420  -0.0025 0.0233  17 CBV A "O2'" 
532 C  "C1'" . CBV A 17 ? 0.3489 0.3669 0.3303 0.0368  0.0051  0.0184  17 CBV A "C1'" 
533 N  N1    . CBV A 17 ? 0.3581 0.3780 0.3686 0.0319  0.0029  0.0211  17 CBV A N1    
534 C  C2    . CBV A 17 ? 0.3621 0.3871 0.3848 0.0257  -0.0023 0.0429  17 CBV A C2    
535 O  O2    . CBV A 17 ? 0.3899 0.4235 0.3945 0.0228  -0.0016 0.0572  17 CBV A O2    
536 N  N3    . CBV A 17 ? 0.3696 0.3909 0.4251 0.0198  -0.0108 0.0471  17 CBV A N3    
537 C  C4    . CBV A 17 ? 0.3495 0.3667 0.4236 0.0236  -0.0110 0.0250  17 CBV A C4    
538 N  N4    . CBV A 17 ? 0.3616 0.3742 0.4707 0.0203  -0.0228 0.0253  17 CBV A N4    
539 C  C5    . CBV A 17 ? 0.3419 0.3624 0.3972 0.0269  -0.0023 0.0026  17 CBV A C5    
540 C  C6    . CBV A 17 ? 0.3365 0.3562 0.3599 0.0291  0.0033  0.0037  17 CBV A C6    
541 BR BR    . CBV A 17 ? 0.3393 0.3707 0.4083 0.0220  -0.0013 -0.0265 17 CBV A BR    
553 P  P     . C   A 18 ? 0.3546 0.3696 0.3939 0.0378  -0.0202 -0.0237 18 C   A P     
554 O  OP1   . C   A 18 ? 0.3692 0.3877 0.4014 0.0380  -0.0223 -0.0324 18 C   A OP1   
555 O  OP2   . C   A 18 ? 0.3475 0.3796 0.4221 0.0361  -0.0209 -0.0457 18 C   A OP2   
556 O  "O5'" . C   A 18 ? 0.3483 0.3426 0.3930 0.0402  -0.0346 0.0029  18 C   A "O5'" 
557 C  "C5'" . C   A 18 ? 0.3747 0.3596 0.3882 0.0402  -0.0369 0.0230  18 C   A "C5'" 
558 C  "C4'" . C   A 18 ? 0.3873 0.3623 0.4034 0.0315  -0.0522 0.0517  18 C   A "C4'" 
559 O  "O4'" . C   A 18 ? 0.3936 0.3816 0.4056 0.0247  -0.0417 0.0628  18 C   A "O4'" 
560 C  "C3'" . C   A 18 ? 0.3872 0.3400 0.4507 0.0293  -0.0841 0.0529  18 C   A "C3'" 
561 O  "O3'" . C   A 18 ? 0.3990 0.3347 0.4708 0.0324  -0.1049 0.0517  18 C   A "O3'" 
562 C  "C2'" . C   A 18 ? 0.4012 0.3487 0.4589 0.0112  -0.0960 0.0887  18 C   A "C2'" 
563 O  "O2'" . C   A 18 ? 0.4323 0.3793 0.4526 -0.0035 -0.1031 0.1194  18 C   A "O2'" 
564 C  "C1'" . C   A 18 ? 0.4028 0.3785 0.4387 0.0114  -0.0643 0.0854  18 C   A "C1'" 
565 N  N1    . C   A 18 ? 0.3844 0.3579 0.4574 0.0141  -0.0672 0.0722  18 C   A N1    
566 C  C2    . C   A 18 ? 0.3875 0.3502 0.4821 -0.0009 -0.0885 0.0967  18 C   A C2    
567 O  O2    . C   A 18 ? 0.4212 0.3791 0.5001 -0.0205 -0.1043 0.1316  18 C   A O2    
568 N  N3    . C   A 18 ? 0.3776 0.3370 0.5079 0.0028  -0.0939 0.0833  18 C   A N3    
569 C  C4    . C   A 18 ? 0.3493 0.3207 0.4888 0.0185  -0.0767 0.0467  18 C   A C4    
570 N  N4    . C   A 18 ? 0.3423 0.3137 0.5140 0.0212  -0.0828 0.0322  18 C   A N4    
571 C  C5    . C   A 18 ? 0.3542 0.3391 0.4678 0.0278  -0.0555 0.0257  18 C   A C5    
572 C  C6    . C   A 18 ? 0.3603 0.3430 0.4436 0.0265  -0.0526 0.0393  18 C   A C6    
# 
